data_1HZ6
# 
_entry.id   1HZ6 
# 
_audit_conform.dict_name       mmcif_pdbx.dic 
_audit_conform.dict_version    5.389 
_audit_conform.dict_location   http://mmcif.pdb.org/dictionaries/ascii/mmcif_pdbx.dic 
# 
loop_
_database_2.database_id 
_database_2.database_code 
_database_2.pdbx_database_accession 
_database_2.pdbx_DOI 
PDB   1HZ6         pdb_00001hz6 10.2210/pdb1hz6/pdb 
RCSB  RCSB012705   ?            ?                   
WWPDB D_1000012705 ?            ?                   
# 
loop_
_pdbx_audit_revision_history.ordinal 
_pdbx_audit_revision_history.data_content_type 
_pdbx_audit_revision_history.major_revision 
_pdbx_audit_revision_history.minor_revision 
_pdbx_audit_revision_history.revision_date 
1 'Structure model' 1 0 2001-04-04 
2 'Structure model' 1 1 2008-04-27 
3 'Structure model' 1 2 2011-07-13 
4 'Structure model' 1 3 2021-10-27 
5 'Structure model' 1 4 2024-02-07 
6 'Structure model' 1 5 2024-04-03 
# 
_pdbx_audit_revision_details.ordinal             1 
_pdbx_audit_revision_details.revision_ordinal    1 
_pdbx_audit_revision_details.data_content_type   'Structure model' 
_pdbx_audit_revision_details.provider            repository 
_pdbx_audit_revision_details.type                'Initial release' 
_pdbx_audit_revision_details.description         ? 
_pdbx_audit_revision_details.details             ? 
# 
loop_
_pdbx_audit_revision_group.ordinal 
_pdbx_audit_revision_group.revision_ordinal 
_pdbx_audit_revision_group.data_content_type 
_pdbx_audit_revision_group.group 
1 2 'Structure model' 'Version format compliance' 
2 3 'Structure model' 'Source and taxonomy'       
3 3 'Structure model' 'Version format compliance' 
4 4 'Structure model' 'Database references'       
5 5 'Structure model' 'Data collection'           
6 6 'Structure model' 'Refinement description'    
# 
loop_
_pdbx_audit_revision_category.ordinal 
_pdbx_audit_revision_category.revision_ordinal 
_pdbx_audit_revision_category.data_content_type 
_pdbx_audit_revision_category.category 
1 4 'Structure model' database_2                    
2 4 'Structure model' struct_ref_seq_dif            
3 5 'Structure model' chem_comp_atom                
4 5 'Structure model' chem_comp_bond                
5 6 'Structure model' pdbx_initial_refinement_model 
# 
loop_
_pdbx_audit_revision_item.ordinal 
_pdbx_audit_revision_item.revision_ordinal 
_pdbx_audit_revision_item.data_content_type 
_pdbx_audit_revision_item.item 
1 4 'Structure model' '_database_2.pdbx_DOI'                
2 4 'Structure model' '_database_2.pdbx_database_accession' 
3 4 'Structure model' '_struct_ref_seq_dif.details'         
# 
_pdbx_database_status.status_code                     REL 
_pdbx_database_status.entry_id                        1HZ6 
_pdbx_database_status.recvd_initial_deposition_date   2001-01-23 
_pdbx_database_status.deposit_site                    RCSB 
_pdbx_database_status.process_site                    RCSB 
_pdbx_database_status.status_code_sf                  REL 
_pdbx_database_status.SG_entry                        . 
_pdbx_database_status.pdb_format_compatible           Y 
_pdbx_database_status.status_code_mr                  ? 
_pdbx_database_status.status_code_cs                  ? 
_pdbx_database_status.status_code_nmr_data            ? 
_pdbx_database_status.methods_development_category    ? 
# 
loop_
_pdbx_database_related.db_name 
_pdbx_database_related.db_id 
_pdbx_database_related.details 
_pdbx_database_related.content_type 
PDB 1HZ5 '1HZ5 IS Protein L B1 Domain (Y47W) with zinc coordinated N-terminal 6X histidine-tag.' unspecified 
PDB 2PTL 'NMR Derived B1 Domain of Protein L'                                                    unspecified 
# 
loop_
_audit_author.name 
_audit_author.pdbx_ordinal 
;O'Neill, J.W.
;
1 
'Kim, D.E.'     2 
'Baker, D.'     3 
'Zhang, K.Y.J.' 4 
# 
_citation.id                        primary 
_citation.title                     
'Structures of the B1 domain of protein L from Peptostreptococcus magnus with a tyrosine to tryptophan substitution.' 
_citation.journal_abbrev            'Acta Crystallogr.,Sect.D' 
_citation.journal_volume            57 
_citation.page_first                480 
_citation.page_last                 487 
_citation.year                      2001 
_citation.journal_id_ASTM           ABCRE6 
_citation.country                   DK 
_citation.journal_id_ISSN           0907-4449 
_citation.journal_id_CSD            0766 
_citation.book_publisher            ? 
_citation.pdbx_database_id_PubMed   11264576 
_citation.pdbx_database_id_DOI      10.1107/S0907444901000373 
# 
loop_
_citation_author.citation_id 
_citation_author.name 
_citation_author.ordinal 
_citation_author.identifier_ORCID 
primary 
;O'Neill, J.W.
;
1 ? 
primary 'Kim, D.E.'     2 ? 
primary 'Baker, D.'     3 ? 
primary 'Zhang, K.Y.'   4 ? 
# 
loop_
_entity.id 
_entity.type 
_entity.src_method 
_entity.pdbx_description 
_entity.formula_weight 
_entity.pdbx_number_of_molecules 
_entity.pdbx_ec 
_entity.pdbx_mutation 
_entity.pdbx_fragment 
_entity.details 
1 polymer man 'PROTEIN L' 8052.908 3   ? Y47W 'B1 DOMAIN' ? 
2 water   nat water       18.015   299 ? ?    ?           ? 
# 
_entity_name_com.entity_id   1 
_entity_name_com.name        'IG KAPPA LIGHT CHAIN-BINDING PROTEIN' 
# 
_entity_poly.entity_id                      1 
_entity_poly.type                           'polypeptide(L)' 
_entity_poly.nstd_linkage                   no 
_entity_poly.nstd_monomer                   no 
_entity_poly.pdbx_seq_one_letter_code       MHHHHHHAMEEVTIKANLIFANGSTQTAEFKGTFEKATSEAYAYADTLKKDNGEWTVDVADKGYTLNIKFAG 
_entity_poly.pdbx_seq_one_letter_code_can   MHHHHHHAMEEVTIKANLIFANGSTQTAEFKGTFEKATSEAYAYADTLKKDNGEWTVDVADKGYTLNIKFAG 
_entity_poly.pdbx_strand_id                 A,B,C 
_entity_poly.pdbx_target_identifier         ? 
# 
_pdbx_entity_nonpoly.entity_id   2 
_pdbx_entity_nonpoly.name        water 
_pdbx_entity_nonpoly.comp_id     HOH 
# 
loop_
_entity_poly_seq.entity_id 
_entity_poly_seq.num 
_entity_poly_seq.mon_id 
_entity_poly_seq.hetero 
1 1  MET n 
1 2  HIS n 
1 3  HIS n 
1 4  HIS n 
1 5  HIS n 
1 6  HIS n 
1 7  HIS n 
1 8  ALA n 
1 9  MET n 
1 10 GLU n 
1 11 GLU n 
1 12 VAL n 
1 13 THR n 
1 14 ILE n 
1 15 LYS n 
1 16 ALA n 
1 17 ASN n 
1 18 LEU n 
1 19 ILE n 
1 20 PHE n 
1 21 ALA n 
1 22 ASN n 
1 23 GLY n 
1 24 SER n 
1 25 THR n 
1 26 GLN n 
1 27 THR n 
1 28 ALA n 
1 29 GLU n 
1 30 PHE n 
1 31 LYS n 
1 32 GLY n 
1 33 THR n 
1 34 PHE n 
1 35 GLU n 
1 36 LYS n 
1 37 ALA n 
1 38 THR n 
1 39 SER n 
1 40 GLU n 
1 41 ALA n 
1 42 TYR n 
1 43 ALA n 
1 44 TYR n 
1 45 ALA n 
1 46 ASP n 
1 47 THR n 
1 48 LEU n 
1 49 LYS n 
1 50 LYS n 
1 51 ASP n 
1 52 ASN n 
1 53 GLY n 
1 54 GLU n 
1 55 TRP n 
1 56 THR n 
1 57 VAL n 
1 58 ASP n 
1 59 VAL n 
1 60 ALA n 
1 61 ASP n 
1 62 LYS n 
1 63 GLY n 
1 64 TYR n 
1 65 THR n 
1 66 LEU n 
1 67 ASN n 
1 68 ILE n 
1 69 LYS n 
1 70 PHE n 
1 71 ALA n 
1 72 GLY n 
# 
_entity_src_gen.entity_id                          1 
_entity_src_gen.pdbx_src_id                        1 
_entity_src_gen.pdbx_alt_source_flag               sample 
_entity_src_gen.pdbx_seq_type                      ? 
_entity_src_gen.pdbx_beg_seq_num                   ? 
_entity_src_gen.pdbx_end_seq_num                   ? 
_entity_src_gen.gene_src_common_name               ? 
_entity_src_gen.gene_src_genus                     Finegoldia 
_entity_src_gen.pdbx_gene_src_gene                 ? 
_entity_src_gen.gene_src_species                   'Finegoldia magna' 
_entity_src_gen.gene_src_strain                    'ATCC 29328' 
_entity_src_gen.gene_src_tissue                    ? 
_entity_src_gen.gene_src_tissue_fraction           ? 
_entity_src_gen.gene_src_details                   ? 
_entity_src_gen.pdbx_gene_src_fragment             ? 
_entity_src_gen.pdbx_gene_src_scientific_name      'Finegoldia magna' 
_entity_src_gen.pdbx_gene_src_ncbi_taxonomy_id     334413 
_entity_src_gen.pdbx_gene_src_variant              ? 
_entity_src_gen.pdbx_gene_src_cell_line            ? 
_entity_src_gen.pdbx_gene_src_atcc                 ? 
_entity_src_gen.pdbx_gene_src_organ                ? 
_entity_src_gen.pdbx_gene_src_organelle            ? 
_entity_src_gen.pdbx_gene_src_cell                 ? 
_entity_src_gen.pdbx_gene_src_cellular_location    ? 
_entity_src_gen.host_org_common_name               ? 
_entity_src_gen.pdbx_host_org_scientific_name      'Escherichia coli BL21(DE3)' 
_entity_src_gen.pdbx_host_org_ncbi_taxonomy_id     469008 
_entity_src_gen.host_org_genus                     Escherichia 
_entity_src_gen.pdbx_host_org_gene                 ? 
_entity_src_gen.pdbx_host_org_organ                ? 
_entity_src_gen.host_org_species                   'Escherichia coli' 
_entity_src_gen.pdbx_host_org_tissue               ? 
_entity_src_gen.pdbx_host_org_tissue_fraction      ? 
_entity_src_gen.pdbx_host_org_strain               'BL21(DE3)' 
_entity_src_gen.pdbx_host_org_variant              ? 
_entity_src_gen.pdbx_host_org_cell_line            ? 
_entity_src_gen.pdbx_host_org_atcc                 ? 
_entity_src_gen.pdbx_host_org_culture_collection   ? 
_entity_src_gen.pdbx_host_org_cell                 ? 
_entity_src_gen.pdbx_host_org_organelle            ? 
_entity_src_gen.pdbx_host_org_cellular_location    ? 
_entity_src_gen.pdbx_host_org_vector_type          PLASMID 
_entity_src_gen.pdbx_host_org_vector               ? 
_entity_src_gen.host_org_details                   ? 
_entity_src_gen.expression_system_id               ? 
_entity_src_gen.plasmid_name                       PET3A 
_entity_src_gen.plasmid_details                    ? 
_entity_src_gen.pdbx_description                   ? 
# 
loop_
_chem_comp.id 
_chem_comp.type 
_chem_comp.mon_nstd_flag 
_chem_comp.name 
_chem_comp.pdbx_synonyms 
_chem_comp.formula 
_chem_comp.formula_weight 
ALA 'L-peptide linking' y ALANINE         ? 'C3 H7 N O2'     89.093  
ASN 'L-peptide linking' y ASPARAGINE      ? 'C4 H8 N2 O3'    132.118 
ASP 'L-peptide linking' y 'ASPARTIC ACID' ? 'C4 H7 N O4'     133.103 
GLN 'L-peptide linking' y GLUTAMINE       ? 'C5 H10 N2 O3'   146.144 
GLU 'L-peptide linking' y 'GLUTAMIC ACID' ? 'C5 H9 N O4'     147.129 
GLY 'peptide linking'   y GLYCINE         ? 'C2 H5 N O2'     75.067  
HIS 'L-peptide linking' y HISTIDINE       ? 'C6 H10 N3 O2 1' 156.162 
HOH non-polymer         . WATER           ? 'H2 O'           18.015  
ILE 'L-peptide linking' y ISOLEUCINE      ? 'C6 H13 N O2'    131.173 
LEU 'L-peptide linking' y LEUCINE         ? 'C6 H13 N O2'    131.173 
LYS 'L-peptide linking' y LYSINE          ? 'C6 H15 N2 O2 1' 147.195 
MET 'L-peptide linking' y METHIONINE      ? 'C5 H11 N O2 S'  149.211 
PHE 'L-peptide linking' y PHENYLALANINE   ? 'C9 H11 N O2'    165.189 
SER 'L-peptide linking' y SERINE          ? 'C3 H7 N O3'     105.093 
THR 'L-peptide linking' y THREONINE       ? 'C4 H9 N O3'     119.119 
TRP 'L-peptide linking' y TRYPTOPHAN      ? 'C11 H12 N2 O2'  204.225 
TYR 'L-peptide linking' y TYROSINE        ? 'C9 H11 N O3'    181.189 
VAL 'L-peptide linking' y VALINE          ? 'C5 H11 N O2'    117.146 
# 
loop_
_pdbx_poly_seq_scheme.asym_id 
_pdbx_poly_seq_scheme.entity_id 
_pdbx_poly_seq_scheme.seq_id 
_pdbx_poly_seq_scheme.mon_id 
_pdbx_poly_seq_scheme.ndb_seq_num 
_pdbx_poly_seq_scheme.pdb_seq_num 
_pdbx_poly_seq_scheme.auth_seq_num 
_pdbx_poly_seq_scheme.pdb_mon_id 
_pdbx_poly_seq_scheme.auth_mon_id 
_pdbx_poly_seq_scheme.pdb_strand_id 
_pdbx_poly_seq_scheme.pdb_ins_code 
_pdbx_poly_seq_scheme.hetero 
A 1 1  MET 1  -7 ?  ?   ?   A . n 
A 1 2  HIS 2  -6 ?  ?   ?   A . n 
A 1 3  HIS 3  -5 ?  ?   ?   A . n 
A 1 4  HIS 4  -4 ?  ?   ?   A . n 
A 1 5  HIS 5  -3 ?  ?   ?   A . n 
A 1 6  HIS 6  -2 -2 HIS GLY A . n 
A 1 7  HIS 7  -1 -1 HIS HIS A . n 
A 1 8  ALA 8  0  0  ALA ALA A . n 
A 1 9  MET 9  1  1  MET MET A . n 
A 1 10 GLU 10 2  2  GLU GLU A . n 
A 1 11 GLU 11 3  3  GLU GLU A . n 
A 1 12 VAL 12 4  4  VAL VAL A . n 
A 1 13 THR 13 5  5  THR THR A . n 
A 1 14 ILE 14 6  6  ILE ILE A . n 
A 1 15 LYS 15 7  7  LYS LYS A . n 
A 1 16 ALA 16 8  8  ALA ALA A . n 
A 1 17 ASN 17 9  9  ASN ASN A . n 
A 1 18 LEU 18 10 10 LEU LEU A . n 
A 1 19 ILE 19 11 11 ILE ILE A . n 
A 1 20 PHE 20 12 12 PHE PHE A . n 
A 1 21 ALA 21 13 13 ALA ALA A . n 
A 1 22 ASN 22 14 14 ASN ASN A . n 
A 1 23 GLY 23 15 15 GLY GLY A . n 
A 1 24 SER 24 16 16 SER SER A . n 
A 1 25 THR 25 17 17 THR THR A . n 
A 1 26 GLN 26 18 18 GLN GLN A . n 
A 1 27 THR 27 19 19 THR THR A . n 
A 1 28 ALA 28 20 20 ALA ALA A . n 
A 1 29 GLU 29 21 21 GLU GLU A . n 
A 1 30 PHE 30 22 22 PHE PHE A . n 
A 1 31 LYS 31 23 23 LYS LYS A . n 
A 1 32 GLY 32 24 24 GLY GLY A . n 
A 1 33 THR 33 25 25 THR THR A . n 
A 1 34 PHE 34 26 26 PHE PHE A . n 
A 1 35 GLU 35 27 27 GLU GLU A . n 
A 1 36 LYS 36 28 28 LYS LYS A . n 
A 1 37 ALA 37 29 29 ALA ALA A . n 
A 1 38 THR 38 30 30 THR THR A . n 
A 1 39 SER 39 31 31 SER SER A . n 
A 1 40 GLU 40 32 32 GLU GLU A . n 
A 1 41 ALA 41 33 33 ALA ALA A . n 
A 1 42 TYR 42 34 34 TYR TYR A . n 
A 1 43 ALA 43 35 35 ALA ALA A . n 
A 1 44 TYR 44 36 36 TYR TYR A . n 
A 1 45 ALA 45 37 37 ALA ALA A . n 
A 1 46 ASP 46 38 38 ASP ASP A . n 
A 1 47 THR 47 39 39 THR THR A . n 
A 1 48 LEU 48 40 40 LEU LEU A . n 
A 1 49 LYS 49 41 41 LYS LYS A . n 
A 1 50 LYS 50 42 42 LYS LYS A . n 
A 1 51 ASP 51 43 43 ASP ASP A . n 
A 1 52 ASN 52 44 44 ASN ASN A . n 
A 1 53 GLY 53 45 45 GLY GLY A . n 
A 1 54 GLU 54 46 46 GLU GLU A . n 
A 1 55 TRP 55 47 47 TRP TRP A . n 
A 1 56 THR 56 48 48 THR THR A . n 
A 1 57 VAL 57 49 49 VAL VAL A . n 
A 1 58 ASP 58 50 50 ASP ASP A . n 
A 1 59 VAL 59 51 51 VAL VAL A . n 
A 1 60 ALA 60 52 52 ALA ALA A . n 
A 1 61 ASP 61 53 53 ASP ASP A . n 
A 1 62 LYS 62 54 54 LYS LYS A . n 
A 1 63 GLY 63 55 55 GLY GLY A . n 
A 1 64 TYR 64 56 56 TYR TYR A . n 
A 1 65 THR 65 57 57 THR THR A . n 
A 1 66 LEU 66 58 58 LEU LEU A . n 
A 1 67 ASN 67 59 59 ASN ASN A . n 
A 1 68 ILE 68 60 60 ILE ILE A . n 
A 1 69 LYS 69 61 61 LYS LYS A . n 
A 1 70 PHE 70 62 62 PHE PHE A . n 
A 1 71 ALA 71 63 63 ALA ALA A . n 
A 1 72 GLY 72 64 64 GLY GLY A . n 
B 1 1  MET 1  -7 ?  ?   ?   B . n 
B 1 2  HIS 2  -6 ?  ?   ?   B . n 
B 1 3  HIS 3  -5 ?  ?   ?   B . n 
B 1 4  HIS 4  -4 ?  ?   ?   B . n 
B 1 5  HIS 5  -3 ?  ?   ?   B . n 
B 1 6  HIS 6  -2 ?  ?   ?   B . n 
B 1 7  HIS 7  -1 ?  ?   ?   B . n 
B 1 8  ALA 8  0  ?  ?   ?   B . n 
B 1 9  MET 9  1  ?  ?   ?   B . n 
B 1 10 GLU 10 2  2  GLU GLU B . n 
B 1 11 GLU 11 3  3  GLU GLU B . n 
B 1 12 VAL 12 4  4  VAL VAL B . n 
B 1 13 THR 13 5  5  THR THR B . n 
B 1 14 ILE 14 6  6  ILE ILE B . n 
B 1 15 LYS 15 7  7  LYS LYS B . n 
B 1 16 ALA 16 8  8  ALA ALA B . n 
B 1 17 ASN 17 9  9  ASN ASN B . n 
B 1 18 LEU 18 10 10 LEU LEU B . n 
B 1 19 ILE 19 11 11 ILE ILE B . n 
B 1 20 PHE 20 12 12 PHE PHE B . n 
B 1 21 ALA 21 13 13 ALA ALA B . n 
B 1 22 ASN 22 14 14 ASN ASN B . n 
B 1 23 GLY 23 15 15 GLY GLY B . n 
B 1 24 SER 24 16 16 SER SER B . n 
B 1 25 THR 25 17 17 THR THR B . n 
B 1 26 GLN 26 18 18 GLN GLN B . n 
B 1 27 THR 27 19 19 THR THR B . n 
B 1 28 ALA 28 20 20 ALA ALA B . n 
B 1 29 GLU 29 21 21 GLU GLU B . n 
B 1 30 PHE 30 22 22 PHE PHE B . n 
B 1 31 LYS 31 23 23 LYS LYS B . n 
B 1 32 GLY 32 24 24 GLY GLY B . n 
B 1 33 THR 33 25 25 THR THR B . n 
B 1 34 PHE 34 26 26 PHE PHE B . n 
B 1 35 GLU 35 27 27 GLU GLU B . n 
B 1 36 LYS 36 28 28 LYS LYS B . n 
B 1 37 ALA 37 29 29 ALA ALA B . n 
B 1 38 THR 38 30 30 THR THR B . n 
B 1 39 SER 39 31 31 SER SER B . n 
B 1 40 GLU 40 32 32 GLU GLU B . n 
B 1 41 ALA 41 33 33 ALA ALA B . n 
B 1 42 TYR 42 34 34 TYR TYR B . n 
B 1 43 ALA 43 35 35 ALA ALA B . n 
B 1 44 TYR 44 36 36 TYR TYR B . n 
B 1 45 ALA 45 37 37 ALA ALA B . n 
B 1 46 ASP 46 38 38 ASP ASP B . n 
B 1 47 THR 47 39 39 THR THR B . n 
B 1 48 LEU 48 40 40 LEU LEU B . n 
B 1 49 LYS 49 41 41 LYS LYS B . n 
B 1 50 LYS 50 42 42 LYS LYS B . n 
B 1 51 ASP 51 43 43 ASP ASP B . n 
B 1 52 ASN 52 44 44 ASN ASN B . n 
B 1 53 GLY 53 45 45 GLY GLY B . n 
B 1 54 GLU 54 46 46 GLU GLU B . n 
B 1 55 TRP 55 47 47 TRP TRP B . n 
B 1 56 THR 56 48 48 THR THR B . n 
B 1 57 VAL 57 49 49 VAL VAL B . n 
B 1 58 ASP 58 50 50 ASP ASP B . n 
B 1 59 VAL 59 51 51 VAL VAL B . n 
B 1 60 ALA 60 52 52 ALA ALA B . n 
B 1 61 ASP 61 53 53 ASP ASP B . n 
B 1 62 LYS 62 54 54 LYS LYS B . n 
B 1 63 GLY 63 55 55 GLY GLY B . n 
B 1 64 TYR 64 56 56 TYR TYR B . n 
B 1 65 THR 65 57 57 THR THR B . n 
B 1 66 LEU 66 58 58 LEU LEU B . n 
B 1 67 ASN 67 59 59 ASN ASN B . n 
B 1 68 ILE 68 60 60 ILE ILE B . n 
B 1 69 LYS 69 61 61 LYS LYS B . n 
B 1 70 PHE 70 62 62 PHE PHE B . n 
B 1 71 ALA 71 63 63 ALA ALA B . n 
B 1 72 GLY 72 64 64 GLY GLY B . n 
C 1 1  MET 1  -7 ?  ?   ?   C . n 
C 1 2  HIS 2  -6 ?  ?   ?   C . n 
C 1 3  HIS 3  -5 ?  ?   ?   C . n 
C 1 4  HIS 4  -4 ?  ?   ?   C . n 
C 1 5  HIS 5  -3 ?  ?   ?   C . n 
C 1 6  HIS 6  -2 ?  ?   ?   C . n 
C 1 7  HIS 7  -1 ?  ?   ?   C . n 
C 1 8  ALA 8  0  ?  ?   ?   C . n 
C 1 9  MET 9  1  ?  ?   ?   C . n 
C 1 10 GLU 10 2  2  GLU GLU C . n 
C 1 11 GLU 11 3  3  GLU GLU C . n 
C 1 12 VAL 12 4  4  VAL VAL C . n 
C 1 13 THR 13 5  5  THR THR C . n 
C 1 14 ILE 14 6  6  ILE ILE C . n 
C 1 15 LYS 15 7  7  LYS LYS C . n 
C 1 16 ALA 16 8  8  ALA ALA C . n 
C 1 17 ASN 17 9  9  ASN ASN C . n 
C 1 18 LEU 18 10 10 LEU LEU C . n 
C 1 19 ILE 19 11 11 ILE ILE C . n 
C 1 20 PHE 20 12 12 PHE PHE C . n 
C 1 21 ALA 21 13 13 ALA ALA C . n 
C 1 22 ASN 22 14 14 ASN ASN C . n 
C 1 23 GLY 23 15 15 GLY GLY C . n 
C 1 24 SER 24 16 16 SER SER C . n 
C 1 25 THR 25 17 17 THR THR C . n 
C 1 26 GLN 26 18 18 GLN GLN C . n 
C 1 27 THR 27 19 19 THR THR C . n 
C 1 28 ALA 28 20 20 ALA ALA C . n 
C 1 29 GLU 29 21 21 GLU GLU C . n 
C 1 30 PHE 30 22 22 PHE PHE C . n 
C 1 31 LYS 31 23 23 LYS LYS C . n 
C 1 32 GLY 32 24 24 GLY GLY C . n 
C 1 33 THR 33 25 25 THR THR C . n 
C 1 34 PHE 34 26 26 PHE PHE C . n 
C 1 35 GLU 35 27 27 GLU GLU C . n 
C 1 36 LYS 36 28 28 LYS LYS C . n 
C 1 37 ALA 37 29 29 ALA ALA C . n 
C 1 38 THR 38 30 30 THR THR C . n 
C 1 39 SER 39 31 31 SER SER C . n 
C 1 40 GLU 40 32 32 GLU GLU C . n 
C 1 41 ALA 41 33 33 ALA ALA C . n 
C 1 42 TYR 42 34 34 TYR TYR C . n 
C 1 43 ALA 43 35 35 ALA ALA C . n 
C 1 44 TYR 44 36 36 TYR TYR C . n 
C 1 45 ALA 45 37 37 ALA ALA C . n 
C 1 46 ASP 46 38 38 ASP ASP C . n 
C 1 47 THR 47 39 39 THR THR C . n 
C 1 48 LEU 48 40 40 LEU LEU C . n 
C 1 49 LYS 49 41 41 LYS LYS C . n 
C 1 50 LYS 50 42 42 LYS LYS C . n 
C 1 51 ASP 51 43 43 ASP ASP C . n 
C 1 52 ASN 52 44 44 ASN ASN C . n 
C 1 53 GLY 53 45 45 GLY GLY C . n 
C 1 54 GLU 54 46 46 GLU GLU C . n 
C 1 55 TRP 55 47 47 TRP TRP C . n 
C 1 56 THR 56 48 48 THR THR C . n 
C 1 57 VAL 57 49 49 VAL VAL C . n 
C 1 58 ASP 58 50 50 ASP ASP C . n 
C 1 59 VAL 59 51 51 VAL VAL C . n 
C 1 60 ALA 60 52 52 ALA ALA C . n 
C 1 61 ASP 61 53 53 ASP ASP C . n 
C 1 62 LYS 62 54 54 LYS LYS C . n 
C 1 63 GLY 63 55 55 GLY GLY C . n 
C 1 64 TYR 64 56 56 TYR TYR C . n 
C 1 65 THR 65 57 57 THR THR C . n 
C 1 66 LEU 66 58 58 LEU LEU C . n 
C 1 67 ASN 67 59 59 ASN ASN C . n 
C 1 68 ILE 68 60 60 ILE ILE C . n 
C 1 69 LYS 69 61 61 LYS LYS C . n 
C 1 70 PHE 70 62 62 PHE PHE C . n 
C 1 71 ALA 71 63 63 ALA ALA C . n 
C 1 72 GLY 72 64 64 GLY GLY C . n 
# 
loop_
_pdbx_nonpoly_scheme.asym_id 
_pdbx_nonpoly_scheme.entity_id 
_pdbx_nonpoly_scheme.mon_id 
_pdbx_nonpoly_scheme.ndb_seq_num 
_pdbx_nonpoly_scheme.pdb_seq_num 
_pdbx_nonpoly_scheme.auth_seq_num 
_pdbx_nonpoly_scheme.pdb_mon_id 
_pdbx_nonpoly_scheme.auth_mon_id 
_pdbx_nonpoly_scheme.pdb_strand_id 
_pdbx_nonpoly_scheme.pdb_ins_code 
D 2 HOH 1   65  1   HOH WAT A . 
D 2 HOH 2   66  9   HOH WAT A . 
D 2 HOH 3   67  10  HOH WAT A . 
D 2 HOH 4   68  16  HOH WAT A . 
D 2 HOH 5   69  17  HOH WAT A . 
D 2 HOH 6   70  21  HOH WAT A . 
D 2 HOH 7   71  23  HOH WAT A . 
D 2 HOH 8   72  28  HOH WAT A . 
D 2 HOH 9   73  29  HOH WAT A . 
D 2 HOH 10  74  31  HOH WAT A . 
D 2 HOH 11  75  34  HOH WAT A . 
D 2 HOH 12  76  36  HOH WAT A . 
D 2 HOH 13  77  40  HOH WAT A . 
D 2 HOH 14  78  41  HOH WAT A . 
D 2 HOH 15  79  43  HOH WAT A . 
D 2 HOH 16  80  44  HOH WAT A . 
D 2 HOH 17  81  45  HOH WAT A . 
D 2 HOH 18  82  53  HOH WAT A . 
D 2 HOH 19  83  63  HOH WAT A . 
D 2 HOH 20  84  70  HOH WAT A . 
D 2 HOH 21  85  73  HOH WAT A . 
D 2 HOH 22  86  80  HOH WAT A . 
D 2 HOH 23  87  81  HOH WAT A . 
D 2 HOH 24  88  84  HOH WAT A . 
D 2 HOH 25  89  85  HOH WAT A . 
D 2 HOH 26  90  89  HOH WAT A . 
D 2 HOH 27  91  92  HOH WAT A . 
D 2 HOH 28  92  93  HOH WAT A . 
D 2 HOH 29  93  94  HOH WAT A . 
D 2 HOH 30  94  95  HOH WAT A . 
D 2 HOH 31  95  102 HOH WAT A . 
D 2 HOH 32  96  113 HOH WAT A . 
D 2 HOH 33  97  115 HOH WAT A . 
D 2 HOH 34  98  116 HOH WAT A . 
D 2 HOH 35  99  117 HOH WAT A . 
D 2 HOH 36  100 119 HOH WAT A . 
D 2 HOH 37  101 122 HOH WAT A . 
D 2 HOH 38  102 123 HOH WAT A . 
D 2 HOH 39  103 127 HOH WAT A . 
D 2 HOH 40  104 129 HOH WAT A . 
D 2 HOH 41  105 133 HOH WAT A . 
D 2 HOH 42  106 135 HOH WAT A . 
D 2 HOH 43  107 136 HOH WAT A . 
D 2 HOH 44  108 137 HOH WAT A . 
D 2 HOH 45  109 138 HOH WAT A . 
D 2 HOH 46  110 141 HOH WAT A . 
D 2 HOH 47  111 147 HOH WAT A . 
D 2 HOH 48  112 153 HOH WAT A . 
D 2 HOH 49  113 154 HOH WAT A . 
D 2 HOH 50  114 158 HOH WAT A . 
D 2 HOH 51  115 160 HOH WAT A . 
D 2 HOH 52  116 161 HOH WAT A . 
D 2 HOH 53  117 162 HOH WAT A . 
D 2 HOH 54  118 164 HOH WAT A . 
D 2 HOH 55  119 167 HOH WAT A . 
D 2 HOH 56  120 171 HOH WAT A . 
D 2 HOH 57  121 172 HOH WAT A . 
D 2 HOH 58  122 175 HOH WAT A . 
D 2 HOH 59  123 177 HOH WAT A . 
D 2 HOH 60  124 179 HOH WAT A . 
D 2 HOH 61  125 180 HOH WAT A . 
D 2 HOH 62  126 186 HOH WAT A . 
D 2 HOH 63  127 187 HOH WAT A . 
D 2 HOH 64  128 190 HOH WAT A . 
D 2 HOH 65  129 192 HOH WAT A . 
D 2 HOH 66  130 199 HOH WAT A . 
D 2 HOH 67  131 201 HOH WAT A . 
D 2 HOH 68  132 207 HOH WAT A . 
D 2 HOH 69  133 209 HOH WAT A . 
D 2 HOH 70  134 210 HOH WAT A . 
D 2 HOH 71  135 212 HOH WAT A . 
D 2 HOH 72  136 215 HOH WAT A . 
D 2 HOH 73  137 216 HOH WAT A . 
D 2 HOH 74  138 217 HOH WAT A . 
D 2 HOH 75  139 218 HOH WAT A . 
D 2 HOH 76  140 222 HOH WAT A . 
D 2 HOH 77  141 225 HOH WAT A . 
D 2 HOH 78  142 229 HOH WAT A . 
D 2 HOH 79  143 230 HOH WAT A . 
D 2 HOH 80  144 231 HOH WAT A . 
D 2 HOH 81  145 232 HOH WAT A . 
D 2 HOH 82  146 237 HOH WAT A . 
D 2 HOH 83  147 238 HOH WAT A . 
D 2 HOH 84  148 245 HOH WAT A . 
D 2 HOH 85  149 247 HOH WAT A . 
D 2 HOH 86  150 251 HOH WAT A . 
D 2 HOH 87  151 253 HOH WAT A . 
D 2 HOH 88  152 254 HOH WAT A . 
D 2 HOH 89  153 255 HOH WAT A . 
D 2 HOH 90  154 256 HOH WAT A . 
D 2 HOH 91  155 258 HOH WAT A . 
D 2 HOH 92  156 259 HOH WAT A . 
D 2 HOH 93  157 260 HOH WAT A . 
D 2 HOH 94  158 261 HOH WAT A . 
D 2 HOH 95  159 262 HOH WAT A . 
D 2 HOH 96  160 268 HOH WAT A . 
D 2 HOH 97  161 269 HOH WAT A . 
D 2 HOH 98  162 277 HOH WAT A . 
D 2 HOH 99  163 279 HOH WAT A . 
D 2 HOH 100 164 281 HOH WAT A . 
D 2 HOH 101 165 282 HOH WAT A . 
D 2 HOH 102 166 283 HOH WAT A . 
D 2 HOH 103 167 284 HOH WAT A . 
D 2 HOH 104 168 285 HOH WAT A . 
D 2 HOH 105 169 286 HOH WAT A . 
D 2 HOH 106 170 288 HOH WAT A . 
D 2 HOH 107 171 289 HOH WAT A . 
E 2 HOH 1   65  2   HOH WAT B . 
E 2 HOH 2   66  4   HOH WAT B . 
E 2 HOH 3   67  5   HOH WAT B . 
E 2 HOH 4   68  6   HOH WAT B . 
E 2 HOH 5   69  7   HOH WAT B . 
E 2 HOH 6   70  8   HOH WAT B . 
E 2 HOH 7   71  11  HOH WAT B . 
E 2 HOH 8   72  13  HOH WAT B . 
E 2 HOH 9   73  27  HOH WAT B . 
E 2 HOH 10  74  32  HOH WAT B . 
E 2 HOH 11  75  37  HOH WAT B . 
E 2 HOH 12  76  42  HOH WAT B . 
E 2 HOH 13  77  47  HOH WAT B . 
E 2 HOH 14  78  48  HOH WAT B . 
E 2 HOH 15  79  49  HOH WAT B . 
E 2 HOH 16  80  54  HOH WAT B . 
E 2 HOH 17  81  55  HOH WAT B . 
E 2 HOH 18  82  56  HOH WAT B . 
E 2 HOH 19  83  57  HOH WAT B . 
E 2 HOH 20  84  59  HOH WAT B . 
E 2 HOH 21  85  60  HOH WAT B . 
E 2 HOH 22  86  61  HOH WAT B . 
E 2 HOH 23  87  68  HOH WAT B . 
E 2 HOH 24  88  77  HOH WAT B . 
E 2 HOH 25  89  79  HOH WAT B . 
E 2 HOH 26  90  86  HOH WAT B . 
E 2 HOH 27  91  91  HOH WAT B . 
E 2 HOH 28  92  96  HOH WAT B . 
E 2 HOH 29  93  98  HOH WAT B . 
E 2 HOH 30  94  100 HOH WAT B . 
E 2 HOH 31  95  101 HOH WAT B . 
E 2 HOH 32  96  105 HOH WAT B . 
E 2 HOH 33  97  108 HOH WAT B . 
E 2 HOH 34  98  109 HOH WAT B . 
E 2 HOH 35  99  110 HOH WAT B . 
E 2 HOH 36  100 112 HOH WAT B . 
E 2 HOH 37  101 114 HOH WAT B . 
E 2 HOH 38  102 118 HOH WAT B . 
E 2 HOH 39  103 120 HOH WAT B . 
E 2 HOH 40  104 126 HOH WAT B . 
E 2 HOH 41  105 130 HOH WAT B . 
E 2 HOH 42  106 131 HOH WAT B . 
E 2 HOH 43  107 132 HOH WAT B . 
E 2 HOH 44  108 139 HOH WAT B . 
E 2 HOH 45  109 140 HOH WAT B . 
E 2 HOH 46  110 144 HOH WAT B . 
E 2 HOH 47  111 146 HOH WAT B . 
E 2 HOH 48  112 149 HOH WAT B . 
E 2 HOH 49  113 152 HOH WAT B . 
E 2 HOH 50  114 155 HOH WAT B . 
E 2 HOH 51  115 168 HOH WAT B . 
E 2 HOH 52  116 170 HOH WAT B . 
E 2 HOH 53  117 173 HOH WAT B . 
E 2 HOH 54  118 174 HOH WAT B . 
E 2 HOH 55  119 176 HOH WAT B . 
E 2 HOH 56  120 178 HOH WAT B . 
E 2 HOH 57  121 184 HOH WAT B . 
E 2 HOH 58  122 188 HOH WAT B . 
E 2 HOH 59  123 193 HOH WAT B . 
E 2 HOH 60  124 194 HOH WAT B . 
E 2 HOH 61  125 196 HOH WAT B . 
E 2 HOH 62  126 197 HOH WAT B . 
E 2 HOH 63  127 203 HOH WAT B . 
E 2 HOH 64  128 204 HOH WAT B . 
E 2 HOH 65  129 206 HOH WAT B . 
E 2 HOH 66  130 208 HOH WAT B . 
E 2 HOH 67  131 214 HOH WAT B . 
E 2 HOH 68  132 220 HOH WAT B . 
E 2 HOH 69  133 221 HOH WAT B . 
E 2 HOH 70  134 223 HOH WAT B . 
E 2 HOH 71  135 226 HOH WAT B . 
E 2 HOH 72  136 233 HOH WAT B . 
E 2 HOH 73  137 240 HOH WAT B . 
E 2 HOH 74  138 241 HOH WAT B . 
E 2 HOH 75  139 248 HOH WAT B . 
E 2 HOH 76  140 252 HOH WAT B . 
E 2 HOH 77  141 257 HOH WAT B . 
E 2 HOH 78  142 263 HOH WAT B . 
E 2 HOH 79  143 264 HOH WAT B . 
E 2 HOH 80  144 265 HOH WAT B . 
E 2 HOH 81  145 270 HOH WAT B . 
E 2 HOH 82  146 271 HOH WAT B . 
E 2 HOH 83  147 272 HOH WAT B . 
E 2 HOH 84  148 280 HOH WAT B . 
E 2 HOH 85  149 290 HOH WAT B . 
E 2 HOH 86  150 292 HOH WAT B . 
E 2 HOH 87  151 294 HOH WAT B . 
E 2 HOH 88  152 295 HOH WAT B . 
E 2 HOH 89  153 296 HOH WAT B . 
E 2 HOH 90  154 297 HOH WAT B . 
E 2 HOH 91  155 298 HOH WAT B . 
E 2 HOH 92  156 299 HOH WAT B . 
F 2 HOH 1   65  3   HOH WAT C . 
F 2 HOH 2   66  12  HOH WAT C . 
F 2 HOH 3   67  14  HOH WAT C . 
F 2 HOH 4   68  15  HOH WAT C . 
F 2 HOH 5   69  18  HOH WAT C . 
F 2 HOH 6   70  19  HOH WAT C . 
F 2 HOH 7   71  20  HOH WAT C . 
F 2 HOH 8   72  22  HOH WAT C . 
F 2 HOH 9   73  24  HOH WAT C . 
F 2 HOH 10  74  25  HOH WAT C . 
F 2 HOH 11  75  26  HOH WAT C . 
F 2 HOH 12  76  30  HOH WAT C . 
F 2 HOH 13  77  33  HOH WAT C . 
F 2 HOH 14  78  35  HOH WAT C . 
F 2 HOH 15  79  38  HOH WAT C . 
F 2 HOH 16  80  39  HOH WAT C . 
F 2 HOH 17  81  46  HOH WAT C . 
F 2 HOH 18  82  50  HOH WAT C . 
F 2 HOH 19  83  51  HOH WAT C . 
F 2 HOH 20  84  52  HOH WAT C . 
F 2 HOH 21  85  58  HOH WAT C . 
F 2 HOH 22  86  62  HOH WAT C . 
F 2 HOH 23  87  64  HOH WAT C . 
F 2 HOH 24  88  65  HOH WAT C . 
F 2 HOH 25  89  66  HOH WAT C . 
F 2 HOH 26  90  67  HOH WAT C . 
F 2 HOH 27  91  69  HOH WAT C . 
F 2 HOH 28  92  71  HOH WAT C . 
F 2 HOH 29  93  72  HOH WAT C . 
F 2 HOH 30  94  74  HOH WAT C . 
F 2 HOH 31  95  75  HOH WAT C . 
F 2 HOH 32  96  76  HOH WAT C . 
F 2 HOH 33  97  78  HOH WAT C . 
F 2 HOH 34  98  82  HOH WAT C . 
F 2 HOH 35  99  83  HOH WAT C . 
F 2 HOH 36  100 87  HOH WAT C . 
F 2 HOH 37  101 88  HOH WAT C . 
F 2 HOH 38  102 90  HOH WAT C . 
F 2 HOH 39  103 97  HOH WAT C . 
F 2 HOH 40  104 99  HOH WAT C . 
F 2 HOH 41  105 103 HOH WAT C . 
F 2 HOH 42  106 104 HOH WAT C . 
F 2 HOH 43  107 106 HOH WAT C . 
F 2 HOH 44  108 107 HOH WAT C . 
F 2 HOH 45  109 111 HOH WAT C . 
F 2 HOH 46  110 121 HOH WAT C . 
F 2 HOH 47  111 124 HOH WAT C . 
F 2 HOH 48  112 125 HOH WAT C . 
F 2 HOH 49  113 128 HOH WAT C . 
F 2 HOH 50  114 134 HOH WAT C . 
F 2 HOH 51  115 142 HOH WAT C . 
F 2 HOH 52  116 143 HOH WAT C . 
F 2 HOH 53  117 145 HOH WAT C . 
F 2 HOH 54  118 148 HOH WAT C . 
F 2 HOH 55  119 150 HOH WAT C . 
F 2 HOH 56  120 151 HOH WAT C . 
F 2 HOH 57  121 156 HOH WAT C . 
F 2 HOH 58  122 157 HOH WAT C . 
F 2 HOH 59  123 159 HOH WAT C . 
F 2 HOH 60  124 163 HOH WAT C . 
F 2 HOH 61  125 165 HOH WAT C . 
F 2 HOH 62  126 166 HOH WAT C . 
F 2 HOH 63  127 169 HOH WAT C . 
F 2 HOH 64  128 181 HOH WAT C . 
F 2 HOH 65  129 182 HOH WAT C . 
F 2 HOH 66  130 183 HOH WAT C . 
F 2 HOH 67  131 185 HOH WAT C . 
F 2 HOH 68  132 189 HOH WAT C . 
F 2 HOH 69  133 191 HOH WAT C . 
F 2 HOH 70  134 195 HOH WAT C . 
F 2 HOH 71  135 198 HOH WAT C . 
F 2 HOH 72  136 200 HOH WAT C . 
F 2 HOH 73  137 202 HOH WAT C . 
F 2 HOH 74  138 205 HOH WAT C . 
F 2 HOH 75  139 211 HOH WAT C . 
F 2 HOH 76  140 213 HOH WAT C . 
F 2 HOH 77  141 219 HOH WAT C . 
F 2 HOH 78  142 224 HOH WAT C . 
F 2 HOH 79  143 227 HOH WAT C . 
F 2 HOH 80  144 228 HOH WAT C . 
F 2 HOH 81  145 234 HOH WAT C . 
F 2 HOH 82  146 235 HOH WAT C . 
F 2 HOH 83  147 236 HOH WAT C . 
F 2 HOH 84  148 239 HOH WAT C . 
F 2 HOH 85  149 242 HOH WAT C . 
F 2 HOH 86  150 243 HOH WAT C . 
F 2 HOH 87  151 244 HOH WAT C . 
F 2 HOH 88  152 246 HOH WAT C . 
F 2 HOH 89  153 249 HOH WAT C . 
F 2 HOH 90  154 250 HOH WAT C . 
F 2 HOH 91  155 266 HOH WAT C . 
F 2 HOH 92  156 267 HOH WAT C . 
F 2 HOH 93  157 273 HOH WAT C . 
F 2 HOH 94  158 274 HOH WAT C . 
F 2 HOH 95  159 275 HOH WAT C . 
F 2 HOH 96  160 276 HOH WAT C . 
F 2 HOH 97  161 278 HOH WAT C . 
F 2 HOH 98  162 287 HOH WAT C . 
F 2 HOH 99  163 291 HOH WAT C . 
F 2 HOH 100 164 293 HOH WAT C . 
# 
loop_
_pdbx_unobs_or_zero_occ_atoms.id 
_pdbx_unobs_or_zero_occ_atoms.PDB_model_num 
_pdbx_unobs_or_zero_occ_atoms.polymer_flag 
_pdbx_unobs_or_zero_occ_atoms.occupancy_flag 
_pdbx_unobs_or_zero_occ_atoms.auth_asym_id 
_pdbx_unobs_or_zero_occ_atoms.auth_comp_id 
_pdbx_unobs_or_zero_occ_atoms.auth_seq_id 
_pdbx_unobs_or_zero_occ_atoms.PDB_ins_code 
_pdbx_unobs_or_zero_occ_atoms.auth_atom_id 
_pdbx_unobs_or_zero_occ_atoms.label_alt_id 
_pdbx_unobs_or_zero_occ_atoms.label_asym_id 
_pdbx_unobs_or_zero_occ_atoms.label_comp_id 
_pdbx_unobs_or_zero_occ_atoms.label_seq_id 
_pdbx_unobs_or_zero_occ_atoms.label_atom_id 
1 1 Y 1 A HIS -2 ? CB  ? A HIS 6 CB  
2 1 Y 1 A HIS -2 ? CG  ? A HIS 6 CG  
3 1 Y 1 A HIS -2 ? ND1 ? A HIS 6 ND1 
4 1 Y 1 A HIS -2 ? CD2 ? A HIS 6 CD2 
5 1 Y 1 A HIS -2 ? CE1 ? A HIS 6 CE1 
6 1 Y 1 A HIS -2 ? NE2 ? A HIS 6 NE2 
# 
loop_
_software.name 
_software.classification 
_software.version 
_software.citation_id 
_software.pdbx_ordinal 
EPMR      phasing          .   ? 1 
CNS       refinement       1.0 ? 2 
DENZO     'data reduction' .   ? 3 
SCALEPACK 'data scaling'   .   ? 4 
# 
_cell.entry_id           1HZ6 
_cell.length_a           51.611 
_cell.length_b           54.020 
_cell.length_c           95.069 
_cell.angle_alpha        90.00 
_cell.angle_beta         90.00 
_cell.angle_gamma        90.00 
_cell.Z_PDB              12 
_cell.pdbx_unique_axis   ? 
# 
_symmetry.entry_id                         1HZ6 
_symmetry.space_group_name_H-M             'P 21 21 21' 
_symmetry.pdbx_full_space_group_name_H-M   ? 
_symmetry.cell_setting                     ? 
_symmetry.Int_Tables_number                19 
# 
_exptl.entry_id          1HZ6 
_exptl.method            'X-RAY DIFFRACTION' 
_exptl.crystals_number   1 
# 
_exptl_crystal.id                    1 
_exptl_crystal.density_meas          ? 
_exptl_crystal.density_Matthews      2.75 
_exptl_crystal.density_percent_sol   54.9 
_exptl_crystal.description           ? 
# 
_exptl_crystal_grow.crystal_id      1 
_exptl_crystal_grow.method          'VAPOR DIFFUSION, HANGING DROP' 
_exptl_crystal_grow.temp            277 
_exptl_crystal_grow.temp_details    ? 
_exptl_crystal_grow.pH              5.5 
_exptl_crystal_grow.pdbx_details    '30%PEG 8000, 0.2M Ammonium Sulfate, pH 5.5, VAPOR DIFFUSION, HANGING DROP, temperature 277K' 
_exptl_crystal_grow.pdbx_pH_range   ? 
# 
_diffrn.id                     1 
_diffrn.ambient_temp           100 
_diffrn.ambient_temp_details   ? 
_diffrn.crystal_id             1 
# 
_diffrn_detector.diffrn_id              1 
_diffrn_detector.detector               'IMAGE PLATE' 
_diffrn_detector.type                   'RIGAKU RAXIS IV' 
_diffrn_detector.pdbx_collection_date   1999-10-05 
_diffrn_detector.details                Mirrors 
# 
_diffrn_radiation.diffrn_id                        1 
_diffrn_radiation.wavelength_id                    1 
_diffrn_radiation.pdbx_monochromatic_or_laue_m_l   M 
_diffrn_radiation.monochromator                    'YALE MIRRORS' 
_diffrn_radiation.pdbx_diffrn_protocol             'SINGLE WAVELENGTH' 
_diffrn_radiation.pdbx_scattering_type             x-ray 
# 
_diffrn_radiation_wavelength.id           1 
_diffrn_radiation_wavelength.wavelength   1.5418 
_diffrn_radiation_wavelength.wt           1.0 
# 
_diffrn_source.diffrn_id                   1 
_diffrn_source.source                      'ROTATING ANODE' 
_diffrn_source.type                        RIGAKU 
_diffrn_source.pdbx_synchrotron_site       ? 
_diffrn_source.pdbx_synchrotron_beamline   ? 
_diffrn_source.pdbx_wavelength             ? 
_diffrn_source.pdbx_wavelength_list        1.5418 
# 
_reflns.entry_id                     1HZ6 
_reflns.observed_criterion_sigma_I   -3 
_reflns.observed_criterion_sigma_F   0 
_reflns.d_resolution_low             25 
_reflns.d_resolution_high            1.7 
_reflns.number_obs                   28825 
_reflns.number_all                   120968 
_reflns.percent_possible_obs         96.3 
_reflns.pdbx_Rmerge_I_obs            0.0740000 
_reflns.pdbx_Rsym_value              0.0800000 
_reflns.pdbx_netI_over_sigmaI        17.0 
_reflns.B_iso_Wilson_estimate        23.6 
_reflns.pdbx_redundancy              4.94 
_reflns.R_free_details               ? 
_reflns.limit_h_max                  ? 
_reflns.limit_h_min                  ? 
_reflns.limit_k_max                  ? 
_reflns.limit_k_min                  ? 
_reflns.limit_l_max                  ? 
_reflns.limit_l_min                  ? 
_reflns.observed_criterion_F_max     ? 
_reflns.observed_criterion_F_min     ? 
_reflns.pdbx_ordinal                 1 
_reflns.pdbx_diffrn_id               1 
# 
_reflns_shell.d_res_high             1.69 
_reflns_shell.d_res_low              1.71 
_reflns_shell.percent_possible_all   95.1 
_reflns_shell.Rmerge_I_obs           0.2730000 
_reflns_shell.pdbx_Rsym_value        0.2520000 
_reflns_shell.meanI_over_sigI_obs    6.80 
_reflns_shell.pdbx_redundancy        4.9 
_reflns_shell.percent_possible_obs   ? 
_reflns_shell.number_unique_all      1031 
_reflns_shell.pdbx_ordinal           1 
_reflns_shell.pdbx_diffrn_id         1 
# 
_refine.entry_id                                 1HZ6 
_refine.ls_number_reflns_obs                     28825 
_refine.ls_number_reflns_all                     29936 
_refine.pdbx_ls_sigma_I                          -3.0 
_refine.pdbx_ls_sigma_F                          0.000 
_refine.pdbx_data_cutoff_high_absF               923930.08 
_refine.pdbx_data_cutoff_low_absF                0.00 
_refine.pdbx_data_cutoff_high_rms_absF           ? 
_refine.ls_d_res_low                             25.00 
_refine.ls_d_res_high                            1.70 
_refine.ls_percent_reflns_obs                    96.3 
_refine.ls_R_factor_obs                          0.193 
_refine.ls_R_factor_all                          ? 
_refine.ls_R_factor_R_work                       0.193 
_refine.ls_R_factor_R_free                       0.218 
_refine.ls_R_factor_R_free_error                 0.006 
_refine.ls_R_factor_R_free_error_details         ? 
_refine.ls_percent_reflns_R_free                 5.100 
_refine.ls_number_reflns_R_free                  1471 
_refine.ls_number_parameters                     ? 
_refine.ls_number_restraints                     ? 
_refine.occupancy_min                            ? 
_refine.occupancy_max                            ? 
_refine.correlation_coeff_Fo_to_Fc               ? 
_refine.correlation_coeff_Fo_to_Fc_free          ? 
_refine.B_iso_mean                               24.20 
_refine.aniso_B[1][1]                            0.55000 
_refine.aniso_B[2][2]                            1.10000 
_refine.aniso_B[3][3]                            -1.65000 
_refine.aniso_B[1][2]                            0.00000 
_refine.aniso_B[1][3]                            0.00000 
_refine.aniso_B[2][3]                            0.00000 
_refine.solvent_model_details                    'FLAT MODEL' 
_refine.solvent_model_param_ksol                 0.368 
_refine.solvent_model_param_bsol                 51.29 
_refine.pdbx_solvent_vdw_probe_radii             ? 
_refine.pdbx_solvent_ion_probe_radii             ? 
_refine.pdbx_solvent_shrinkage_radii             ? 
_refine.pdbx_ls_cross_valid_method               THROUGHOUT 
_refine.details                                  ? 
_refine.pdbx_starting_model                      'C3 DOMAIN OF PROTEIN L (UNPUBLISHED: T. WAN AND B. SUTTON)' 
_refine.pdbx_method_to_determine_struct          'MOLECULAR REPLACEMENT' 
_refine.pdbx_isotropic_thermal_model             RESTRAINED 
_refine.pdbx_stereochemistry_target_values       'MAXIMUM LIKELIHOOD' 
_refine.pdbx_stereochem_target_val_spec_case     ? 
_refine.pdbx_R_Free_selection_details            RANDOM 
_refine.pdbx_overall_ESU_R                       ? 
_refine.pdbx_overall_ESU_R_Free                  ? 
_refine.overall_SU_ML                            ? 
_refine.overall_SU_B                             ? 
_refine.pdbx_refine_id                           'X-RAY DIFFRACTION' 
_refine.pdbx_diffrn_id                           1 
_refine.pdbx_TLS_residual_ADP_flag               ? 
_refine.pdbx_overall_phase_error                 ? 
_refine.overall_SU_R_Cruickshank_DPI             ? 
_refine.pdbx_overall_SU_R_free_Cruickshank_DPI   ? 
_refine.pdbx_overall_SU_R_Blow_DPI               ? 
_refine.pdbx_overall_SU_R_free_Blow_DPI          ? 
# 
_refine_analyze.entry_id                        1HZ6 
_refine_analyze.Luzzati_coordinate_error_obs    0.19 
_refine_analyze.Luzzati_sigma_a_obs             0.10 
_refine_analyze.Luzzati_d_res_low_obs           5.00 
_refine_analyze.Luzzati_coordinate_error_free   0.21 
_refine_analyze.Luzzati_sigma_a_free            0.14 
_refine_analyze.Luzzati_d_res_low_free          ? 
_refine_analyze.number_disordered_residues      ? 
_refine_analyze.occupancy_sum_hydrogen          ? 
_refine_analyze.occupancy_sum_non_hydrogen      ? 
_refine_analyze.pdbx_Luzzati_d_res_high_obs     ? 
_refine_analyze.pdbx_refine_id                  'X-RAY DIFFRACTION' 
# 
_refine_hist.pdbx_refine_id                   'X-RAY DIFFRACTION' 
_refine_hist.cycle_id                         LAST 
_refine_hist.pdbx_number_atoms_protein        1488 
_refine_hist.pdbx_number_atoms_nucleic_acid   0 
_refine_hist.pdbx_number_atoms_ligand         0 
_refine_hist.number_atoms_solvent             299 
_refine_hist.number_atoms_total               1787 
_refine_hist.d_res_high                       1.70 
_refine_hist.d_res_low                        25.00 
# 
loop_
_refine_ls_restr.type 
_refine_ls_restr.dev_ideal 
_refine_ls_restr.dev_ideal_target 
_refine_ls_restr.weight 
_refine_ls_restr.number 
_refine_ls_restr.pdbx_refine_id 
_refine_ls_restr.pdbx_restraint_function 
c_bond_d           0.0056 ?    ? ? 'X-RAY DIFFRACTION' ? 
c_angle_deg        1.22   ?    ? ? 'X-RAY DIFFRACTION' ? 
c_dihedral_angle_d 25.7   ?    ? ? 'X-RAY DIFFRACTION' ? 
c_improper_angle_d 0.68   ?    ? ? 'X-RAY DIFFRACTION' ? 
c_mcbond_it        1.67   1.50 ? ? 'X-RAY DIFFRACTION' ? 
c_mcangle_it       2.48   2.00 ? ? 'X-RAY DIFFRACTION' ? 
c_scbond_it        2.87   2.00 ? ? 'X-RAY DIFFRACTION' ? 
c_scangle_it       4.28   2.50 ? ? 'X-RAY DIFFRACTION' ? 
# 
_refine_ls_shell.pdbx_total_number_of_bins_used   6 
_refine_ls_shell.d_res_high                       1.70 
_refine_ls_shell.d_res_low                        1.76 
_refine_ls_shell.number_reflns_R_work             4360 
_refine_ls_shell.R_factor_R_work                  0.2930000 
_refine_ls_shell.percent_reflns_obs               94.5 
_refine_ls_shell.R_factor_R_free                  0.3230000 
_refine_ls_shell.R_factor_R_free_error            0.019 
_refine_ls_shell.percent_reflns_R_free            5.2 
_refine_ls_shell.number_reflns_R_free             141 
_refine_ls_shell.number_reflns_obs                2618 
_refine_ls_shell.redundancy_reflns_obs            ? 
_refine_ls_shell.number_reflns_all                ? 
_refine_ls_shell.pdbx_refine_id                   'X-RAY DIFFRACTION' 
_refine_ls_shell.R_factor_all                     ? 
# 
loop_
_pdbx_xplor_file.serial_no 
_pdbx_xplor_file.param_file 
_pdbx_xplor_file.topol_file 
_pdbx_xplor_file.pdbx_refine_id 
1 PROTEIN_REP.PARAM  PROTEIN.TOP 'X-RAY DIFFRACTION' 
2 WATER_REP.PARAM    ?           'X-RAY DIFFRACTION' 
3 CARBOHYDRATE.PARAM ?           'X-RAY DIFFRACTION' 
4 ION.PARAM          ?           'X-RAY DIFFRACTION' 
# 
_struct.entry_id                  1HZ6 
_struct.title                     
'CRYSTAL STRUCTURES OF THE B1 DOMAIN OF PROTEIN L FROM PEPTOSTREPTOCOCCUS MAGNUS WITH A TYROSINE TO TRYPTOPHAN SUBSTITUTION' 
_struct.pdbx_model_details        ? 
_struct.pdbx_CASP_flag            ? 
_struct.pdbx_model_type_details   ? 
# 
_struct_keywords.entry_id        1HZ6 
_struct_keywords.pdbx_keywords   'PROTEIN BINDING' 
_struct_keywords.text            
'Four stranded beta-sheet with central alpha helix, binds kappa light chain of immunoglobulins, PROTEIN BINDING' 
# 
loop_
_struct_asym.id 
_struct_asym.pdbx_blank_PDB_chainid_flag 
_struct_asym.pdbx_modified 
_struct_asym.entity_id 
_struct_asym.details 
A N N 1 ? 
B N N 1 ? 
C N N 1 ? 
D N N 2 ? 
E N N 2 ? 
F N N 2 ? 
# 
_struct_ref.id                         1 
_struct_ref.db_name                    UNP 
_struct_ref.db_code                    Q51912_PEPMA 
_struct_ref.entity_id                  1 
_struct_ref.pdbx_seq_one_letter_code   EEVTIKANLIFANGSTQTAEFKGTFEKATSEAYAYADTLKKDNGEYTVDVADKGYTLNIKFAG 
_struct_ref.pdbx_align_begin           111 
_struct_ref.pdbx_db_accession          Q51912 
_struct_ref.pdbx_db_isoform            ? 
# 
loop_
_struct_ref_seq.align_id 
_struct_ref_seq.ref_id 
_struct_ref_seq.pdbx_PDB_id_code 
_struct_ref_seq.pdbx_strand_id 
_struct_ref_seq.seq_align_beg 
_struct_ref_seq.pdbx_seq_align_beg_ins_code 
_struct_ref_seq.seq_align_end 
_struct_ref_seq.pdbx_seq_align_end_ins_code 
_struct_ref_seq.pdbx_db_accession 
_struct_ref_seq.db_align_beg 
_struct_ref_seq.pdbx_db_align_beg_ins_code 
_struct_ref_seq.db_align_end 
_struct_ref_seq.pdbx_db_align_end_ins_code 
_struct_ref_seq.pdbx_auth_seq_align_beg 
_struct_ref_seq.pdbx_auth_seq_align_end 
1 1 1HZ6 A 10 ? 72 ? Q51912 111 ? 173 ? 2 64 
2 1 1HZ6 B 10 ? 72 ? Q51912 111 ? 173 ? 2 64 
3 1 1HZ6 C 10 ? 72 ? Q51912 111 ? 173 ? 2 64 
# 
loop_
_struct_ref_seq_dif.align_id 
_struct_ref_seq_dif.pdbx_pdb_id_code 
_struct_ref_seq_dif.mon_id 
_struct_ref_seq_dif.pdbx_pdb_strand_id 
_struct_ref_seq_dif.seq_num 
_struct_ref_seq_dif.pdbx_pdb_ins_code 
_struct_ref_seq_dif.pdbx_seq_db_name 
_struct_ref_seq_dif.pdbx_seq_db_accession_code 
_struct_ref_seq_dif.db_mon_id 
_struct_ref_seq_dif.pdbx_seq_db_seq_num 
_struct_ref_seq_dif.details 
_struct_ref_seq_dif.pdbx_auth_seq_num 
_struct_ref_seq_dif.pdbx_ordinal 
1 1HZ6 MET A 1  ? UNP Q51912 ?   ?   'expression tag'      -7 1  
1 1HZ6 HIS A 2  ? UNP Q51912 ?   ?   'expression tag'      -6 2  
1 1HZ6 HIS A 3  ? UNP Q51912 ?   ?   'expression tag'      -5 3  
1 1HZ6 HIS A 4  ? UNP Q51912 ?   ?   'expression tag'      -4 4  
1 1HZ6 HIS A 5  ? UNP Q51912 ?   ?   'expression tag'      -3 5  
1 1HZ6 HIS A 6  ? UNP Q51912 ?   ?   'expression tag'      -2 6  
1 1HZ6 HIS A 7  ? UNP Q51912 ?   ?   'expression tag'      -1 7  
1 1HZ6 ALA A 8  ? UNP Q51912 ?   ?   'expression tag'      0  8  
1 1HZ6 MET A 9  ? UNP Q51912 ?   ?   'cloning artifact'    1  9  
1 1HZ6 TRP A 55 ? UNP Q51912 TYR 156 'engineered mutation' 47 10 
2 1HZ6 MET B 1  ? UNP Q51912 ?   ?   'expression tag'      -7 11 
2 1HZ6 HIS B 2  ? UNP Q51912 ?   ?   'expression tag'      -6 12 
2 1HZ6 HIS B 3  ? UNP Q51912 ?   ?   'expression tag'      -5 13 
2 1HZ6 HIS B 4  ? UNP Q51912 ?   ?   'expression tag'      -4 14 
2 1HZ6 HIS B 5  ? UNP Q51912 ?   ?   'expression tag'      -3 15 
2 1HZ6 HIS B 6  ? UNP Q51912 ?   ?   'expression tag'      -2 16 
2 1HZ6 HIS B 7  ? UNP Q51912 ?   ?   'expression tag'      -1 17 
2 1HZ6 ALA B 8  ? UNP Q51912 ?   ?   'expression tag'      0  18 
2 1HZ6 MET B 9  ? UNP Q51912 ?   ?   'cloning artifact'    1  19 
2 1HZ6 TRP B 55 ? UNP Q51912 TYR 156 'engineered mutation' 47 20 
3 1HZ6 MET C 1  ? UNP Q51912 ?   ?   'expression tag'      -7 21 
3 1HZ6 HIS C 2  ? UNP Q51912 ?   ?   'expression tag'      -6 22 
3 1HZ6 HIS C 3  ? UNP Q51912 ?   ?   'expression tag'      -5 23 
3 1HZ6 HIS C 4  ? UNP Q51912 ?   ?   'expression tag'      -4 24 
3 1HZ6 HIS C 5  ? UNP Q51912 ?   ?   'expression tag'      -3 25 
3 1HZ6 HIS C 6  ? UNP Q51912 ?   ?   'expression tag'      -2 26 
3 1HZ6 HIS C 7  ? UNP Q51912 ?   ?   'expression tag'      -1 27 
3 1HZ6 ALA C 8  ? UNP Q51912 ?   ?   'expression tag'      0  28 
3 1HZ6 MET C 9  ? UNP Q51912 ?   ?   'cloning artifact'    1  29 
3 1HZ6 TRP C 55 ? UNP Q51912 TYR 156 'engineered mutation' 47 30 
# 
loop_
_pdbx_struct_assembly.id 
_pdbx_struct_assembly.details 
_pdbx_struct_assembly.method_details 
_pdbx_struct_assembly.oligomeric_details 
_pdbx_struct_assembly.oligomeric_count 
1 author_and_software_defined_assembly PISA monomeric 1 
2 author_defined_assembly              ?    monomeric 1 
3 author_and_software_defined_assembly PISA monomeric 1 
4 software_defined_assembly            PISA trimeric  3 
5 software_defined_assembly            PISA dimeric   2 
# 
loop_
_pdbx_struct_assembly_prop.biol_id 
_pdbx_struct_assembly_prop.type 
_pdbx_struct_assembly_prop.value 
_pdbx_struct_assembly_prop.details 
4 'ABSA (A^2)' 2020  ? 
4 MORE         -14   ? 
4 'SSA (A^2)'  10440 ? 
5 'ABSA (A^2)' 1080  ? 
5 MORE         -7    ? 
5 'SSA (A^2)'  7040  ? 
# 
loop_
_pdbx_struct_assembly_gen.assembly_id 
_pdbx_struct_assembly_gen.oper_expression 
_pdbx_struct_assembly_gen.asym_id_list 
1 1 A,D         
2 1 B,E         
3 1 C,F         
4 1 A,B,C,D,E,F 
5 1 B,C,E,F     
# 
_pdbx_struct_oper_list.id                   1 
_pdbx_struct_oper_list.type                 'identity operation' 
_pdbx_struct_oper_list.name                 1_555 
_pdbx_struct_oper_list.symmetry_operation   x,y,z 
_pdbx_struct_oper_list.matrix[1][1]         1.0000000000 
_pdbx_struct_oper_list.matrix[1][2]         0.0000000000 
_pdbx_struct_oper_list.matrix[1][3]         0.0000000000 
_pdbx_struct_oper_list.vector[1]            0.0000000000 
_pdbx_struct_oper_list.matrix[2][1]         0.0000000000 
_pdbx_struct_oper_list.matrix[2][2]         1.0000000000 
_pdbx_struct_oper_list.matrix[2][3]         0.0000000000 
_pdbx_struct_oper_list.vector[2]            0.0000000000 
_pdbx_struct_oper_list.matrix[3][1]         0.0000000000 
_pdbx_struct_oper_list.matrix[3][2]         0.0000000000 
_pdbx_struct_oper_list.matrix[3][3]         1.0000000000 
_pdbx_struct_oper_list.vector[3]            0.0000000000 
# 
_struct_biol.id   1 
# 
loop_
_struct_conf.conf_type_id 
_struct_conf.id 
_struct_conf.pdbx_PDB_helix_id 
_struct_conf.beg_label_comp_id 
_struct_conf.beg_label_asym_id 
_struct_conf.beg_label_seq_id 
_struct_conf.pdbx_beg_PDB_ins_code 
_struct_conf.end_label_comp_id 
_struct_conf.end_label_asym_id 
_struct_conf.end_label_seq_id 
_struct_conf.pdbx_end_PDB_ins_code 
_struct_conf.beg_auth_comp_id 
_struct_conf.beg_auth_asym_id 
_struct_conf.beg_auth_seq_id 
_struct_conf.end_auth_comp_id 
_struct_conf.end_auth_asym_id 
_struct_conf.end_auth_seq_id 
_struct_conf.pdbx_PDB_helix_class 
_struct_conf.details 
_struct_conf.pdbx_PDB_helix_length 
HELX_P HELX_P1 1 THR A 33 ? LEU A 48 ? THR A 25 LEU A 40 1 ? 16 
HELX_P HELX_P2 2 LEU A 48 ? GLY A 53 ? LEU A 40 GLY A 45 1 ? 6  
HELX_P HELX_P3 3 ASP A 61 ? GLY A 63 ? ASP A 53 GLY A 55 5 ? 3  
HELX_P HELX_P4 4 THR B 33 ? LEU B 48 ? THR B 25 LEU B 40 1 ? 16 
HELX_P HELX_P5 5 LEU B 48 ? GLY B 53 ? LEU B 40 GLY B 45 1 ? 6  
HELX_P HELX_P6 6 ASP B 61 ? GLY B 63 ? ASP B 53 GLY B 55 5 ? 3  
HELX_P HELX_P7 7 THR C 33 ? LEU C 48 ? THR C 25 LEU C 40 1 ? 16 
HELX_P HELX_P8 8 LEU C 48 ? GLY C 53 ? LEU C 40 GLY C 45 1 ? 6  
HELX_P HELX_P9 9 ASP C 61 ? GLY C 63 ? ASP C 53 GLY C 55 5 ? 3  
# 
_struct_conf_type.id          HELX_P 
_struct_conf_type.criteria    ? 
_struct_conf_type.reference   ? 
# 
loop_
_struct_sheet.id 
_struct_sheet.type 
_struct_sheet.number_strands 
_struct_sheet.details 
A ? 4 ? 
B ? 4 ? 
C ? 4 ? 
# 
loop_
_struct_sheet_order.sheet_id 
_struct_sheet_order.range_id_1 
_struct_sheet_order.range_id_2 
_struct_sheet_order.offset 
_struct_sheet_order.sense 
A 1 2 ? anti-parallel 
A 2 3 ? parallel      
A 3 4 ? anti-parallel 
B 1 2 ? anti-parallel 
B 2 3 ? parallel      
B 3 4 ? anti-parallel 
C 1 2 ? anti-parallel 
C 2 3 ? parallel      
C 3 4 ? anti-parallel 
# 
loop_
_struct_sheet_range.sheet_id 
_struct_sheet_range.id 
_struct_sheet_range.beg_label_comp_id 
_struct_sheet_range.beg_label_asym_id 
_struct_sheet_range.beg_label_seq_id 
_struct_sheet_range.pdbx_beg_PDB_ins_code 
_struct_sheet_range.end_label_comp_id 
_struct_sheet_range.end_label_asym_id 
_struct_sheet_range.end_label_seq_id 
_struct_sheet_range.pdbx_end_PDB_ins_code 
_struct_sheet_range.beg_auth_comp_id 
_struct_sheet_range.beg_auth_asym_id 
_struct_sheet_range.beg_auth_seq_id 
_struct_sheet_range.end_auth_comp_id 
_struct_sheet_range.end_auth_asym_id 
_struct_sheet_range.end_auth_seq_id 
A 1 THR A 25 ? GLY A 32 ? THR A 17 GLY A 24 
A 2 VAL A 12 ? ILE A 19 ? VAL A 4  ILE A 11 
A 3 THR A 65 ? PHE A 70 ? THR A 57 PHE A 62 
A 4 TRP A 55 ? ALA A 60 ? TRP A 47 ALA A 52 
B 1 THR B 25 ? GLY B 32 ? THR B 17 GLY B 24 
B 2 VAL B 12 ? ILE B 19 ? VAL B 4  ILE B 11 
B 3 THR B 65 ? PHE B 70 ? THR B 57 PHE B 62 
B 4 TRP B 55 ? ALA B 60 ? TRP B 47 ALA B 52 
C 1 THR C 25 ? GLY C 32 ? THR C 17 GLY C 24 
C 2 VAL C 12 ? ILE C 19 ? VAL C 4  ILE C 11 
C 3 THR C 65 ? PHE C 70 ? THR C 57 PHE C 62 
C 4 TRP C 55 ? ALA C 60 ? TRP C 47 ALA C 52 
# 
loop_
_pdbx_struct_sheet_hbond.sheet_id 
_pdbx_struct_sheet_hbond.range_id_1 
_pdbx_struct_sheet_hbond.range_id_2 
_pdbx_struct_sheet_hbond.range_1_label_atom_id 
_pdbx_struct_sheet_hbond.range_1_label_comp_id 
_pdbx_struct_sheet_hbond.range_1_label_asym_id 
_pdbx_struct_sheet_hbond.range_1_label_seq_id 
_pdbx_struct_sheet_hbond.range_1_PDB_ins_code 
_pdbx_struct_sheet_hbond.range_1_auth_atom_id 
_pdbx_struct_sheet_hbond.range_1_auth_comp_id 
_pdbx_struct_sheet_hbond.range_1_auth_asym_id 
_pdbx_struct_sheet_hbond.range_1_auth_seq_id 
_pdbx_struct_sheet_hbond.range_2_label_atom_id 
_pdbx_struct_sheet_hbond.range_2_label_comp_id 
_pdbx_struct_sheet_hbond.range_2_label_asym_id 
_pdbx_struct_sheet_hbond.range_2_label_seq_id 
_pdbx_struct_sheet_hbond.range_2_PDB_ins_code 
_pdbx_struct_sheet_hbond.range_2_auth_atom_id 
_pdbx_struct_sheet_hbond.range_2_auth_comp_id 
_pdbx_struct_sheet_hbond.range_2_auth_asym_id 
_pdbx_struct_sheet_hbond.range_2_auth_seq_id 
A 1 2 O GLY A 32 ? O GLY A 24 N VAL A 12 ? N VAL A 4  
A 2 3 O LYS A 15 ? O LYS A 7  N LEU A 66 ? N LEU A 58 
A 3 4 N LYS A 69 ? N LYS A 61 O THR A 56 ? O THR A 48 
B 1 2 O GLY B 32 ? O GLY B 24 N VAL B 12 ? N VAL B 4  
B 2 3 O LYS B 15 ? O LYS B 7  N LEU B 66 ? N LEU B 58 
B 3 4 N LYS B 69 ? N LYS B 61 O THR B 56 ? O THR B 48 
C 1 2 O GLY C 32 ? O GLY C 24 N VAL C 12 ? N VAL C 4  
C 2 3 O LYS C 15 ? O LYS C 7  N LEU C 66 ? N LEU C 58 
C 3 4 N LYS C 69 ? N LYS C 61 O THR C 56 ? O THR C 48 
# 
loop_
_pdbx_unobs_or_zero_occ_residues.id 
_pdbx_unobs_or_zero_occ_residues.PDB_model_num 
_pdbx_unobs_or_zero_occ_residues.polymer_flag 
_pdbx_unobs_or_zero_occ_residues.occupancy_flag 
_pdbx_unobs_or_zero_occ_residues.auth_asym_id 
_pdbx_unobs_or_zero_occ_residues.auth_comp_id 
_pdbx_unobs_or_zero_occ_residues.auth_seq_id 
_pdbx_unobs_or_zero_occ_residues.PDB_ins_code 
_pdbx_unobs_or_zero_occ_residues.label_asym_id 
_pdbx_unobs_or_zero_occ_residues.label_comp_id 
_pdbx_unobs_or_zero_occ_residues.label_seq_id 
1  1 Y 1 A MET -7 ? A MET 1 
2  1 Y 1 A HIS -6 ? A HIS 2 
3  1 Y 1 A HIS -5 ? A HIS 3 
4  1 Y 1 A HIS -4 ? A HIS 4 
5  1 Y 1 A HIS -3 ? A HIS 5 
6  1 Y 1 B MET -7 ? B MET 1 
7  1 Y 1 B HIS -6 ? B HIS 2 
8  1 Y 1 B HIS -5 ? B HIS 3 
9  1 Y 1 B HIS -4 ? B HIS 4 
10 1 Y 1 B HIS -3 ? B HIS 5 
11 1 Y 1 B HIS -2 ? B HIS 6 
12 1 Y 1 B HIS -1 ? B HIS 7 
13 1 Y 1 B ALA 0  ? B ALA 8 
14 1 Y 1 B MET 1  ? B MET 9 
15 1 Y 1 C MET -7 ? C MET 1 
16 1 Y 1 C HIS -6 ? C HIS 2 
17 1 Y 1 C HIS -5 ? C HIS 3 
18 1 Y 1 C HIS -4 ? C HIS 4 
19 1 Y 1 C HIS -3 ? C HIS 5 
20 1 Y 1 C HIS -2 ? C HIS 6 
21 1 Y 1 C HIS -1 ? C HIS 7 
22 1 Y 1 C ALA 0  ? C ALA 8 
23 1 Y 1 C MET 1  ? C MET 9 
# 
loop_
_chem_comp_atom.comp_id 
_chem_comp_atom.atom_id 
_chem_comp_atom.type_symbol 
_chem_comp_atom.pdbx_aromatic_flag 
_chem_comp_atom.pdbx_stereo_config 
_chem_comp_atom.pdbx_ordinal 
ALA N    N N N 1   
ALA CA   C N S 2   
ALA C    C N N 3   
ALA O    O N N 4   
ALA CB   C N N 5   
ALA OXT  O N N 6   
ALA H    H N N 7   
ALA H2   H N N 8   
ALA HA   H N N 9   
ALA HB1  H N N 10  
ALA HB2  H N N 11  
ALA HB3  H N N 12  
ALA HXT  H N N 13  
ASN N    N N N 14  
ASN CA   C N S 15  
ASN C    C N N 16  
ASN O    O N N 17  
ASN CB   C N N 18  
ASN CG   C N N 19  
ASN OD1  O N N 20  
ASN ND2  N N N 21  
ASN OXT  O N N 22  
ASN H    H N N 23  
ASN H2   H N N 24  
ASN HA   H N N 25  
ASN HB2  H N N 26  
ASN HB3  H N N 27  
ASN HD21 H N N 28  
ASN HD22 H N N 29  
ASN HXT  H N N 30  
ASP N    N N N 31  
ASP CA   C N S 32  
ASP C    C N N 33  
ASP O    O N N 34  
ASP CB   C N N 35  
ASP CG   C N N 36  
ASP OD1  O N N 37  
ASP OD2  O N N 38  
ASP OXT  O N N 39  
ASP H    H N N 40  
ASP H2   H N N 41  
ASP HA   H N N 42  
ASP HB2  H N N 43  
ASP HB3  H N N 44  
ASP HD2  H N N 45  
ASP HXT  H N N 46  
GLN N    N N N 47  
GLN CA   C N S 48  
GLN C    C N N 49  
GLN O    O N N 50  
GLN CB   C N N 51  
GLN CG   C N N 52  
GLN CD   C N N 53  
GLN OE1  O N N 54  
GLN NE2  N N N 55  
GLN OXT  O N N 56  
GLN H    H N N 57  
GLN H2   H N N 58  
GLN HA   H N N 59  
GLN HB2  H N N 60  
GLN HB3  H N N 61  
GLN HG2  H N N 62  
GLN HG3  H N N 63  
GLN HE21 H N N 64  
GLN HE22 H N N 65  
GLN HXT  H N N 66  
GLU N    N N N 67  
GLU CA   C N S 68  
GLU C    C N N 69  
GLU O    O N N 70  
GLU CB   C N N 71  
GLU CG   C N N 72  
GLU CD   C N N 73  
GLU OE1  O N N 74  
GLU OE2  O N N 75  
GLU OXT  O N N 76  
GLU H    H N N 77  
GLU H2   H N N 78  
GLU HA   H N N 79  
GLU HB2  H N N 80  
GLU HB3  H N N 81  
GLU HG2  H N N 82  
GLU HG3  H N N 83  
GLU HE2  H N N 84  
GLU HXT  H N N 85  
GLY N    N N N 86  
GLY CA   C N N 87  
GLY C    C N N 88  
GLY O    O N N 89  
GLY OXT  O N N 90  
GLY H    H N N 91  
GLY H2   H N N 92  
GLY HA2  H N N 93  
GLY HA3  H N N 94  
GLY HXT  H N N 95  
HIS N    N N N 96  
HIS CA   C N S 97  
HIS C    C N N 98  
HIS O    O N N 99  
HIS CB   C N N 100 
HIS CG   C Y N 101 
HIS ND1  N Y N 102 
HIS CD2  C Y N 103 
HIS CE1  C Y N 104 
HIS NE2  N Y N 105 
HIS OXT  O N N 106 
HIS H    H N N 107 
HIS H2   H N N 108 
HIS HA   H N N 109 
HIS HB2  H N N 110 
HIS HB3  H N N 111 
HIS HD1  H N N 112 
HIS HD2  H N N 113 
HIS HE1  H N N 114 
HIS HE2  H N N 115 
HIS HXT  H N N 116 
HOH O    O N N 117 
HOH H1   H N N 118 
HOH H2   H N N 119 
ILE N    N N N 120 
ILE CA   C N S 121 
ILE C    C N N 122 
ILE O    O N N 123 
ILE CB   C N S 124 
ILE CG1  C N N 125 
ILE CG2  C N N 126 
ILE CD1  C N N 127 
ILE OXT  O N N 128 
ILE H    H N N 129 
ILE H2   H N N 130 
ILE HA   H N N 131 
ILE HB   H N N 132 
ILE HG12 H N N 133 
ILE HG13 H N N 134 
ILE HG21 H N N 135 
ILE HG22 H N N 136 
ILE HG23 H N N 137 
ILE HD11 H N N 138 
ILE HD12 H N N 139 
ILE HD13 H N N 140 
ILE HXT  H N N 141 
LEU N    N N N 142 
LEU CA   C N S 143 
LEU C    C N N 144 
LEU O    O N N 145 
LEU CB   C N N 146 
LEU CG   C N N 147 
LEU CD1  C N N 148 
LEU CD2  C N N 149 
LEU OXT  O N N 150 
LEU H    H N N 151 
LEU H2   H N N 152 
LEU HA   H N N 153 
LEU HB2  H N N 154 
LEU HB3  H N N 155 
LEU HG   H N N 156 
LEU HD11 H N N 157 
LEU HD12 H N N 158 
LEU HD13 H N N 159 
LEU HD21 H N N 160 
LEU HD22 H N N 161 
LEU HD23 H N N 162 
LEU HXT  H N N 163 
LYS N    N N N 164 
LYS CA   C N S 165 
LYS C    C N N 166 
LYS O    O N N 167 
LYS CB   C N N 168 
LYS CG   C N N 169 
LYS CD   C N N 170 
LYS CE   C N N 171 
LYS NZ   N N N 172 
LYS OXT  O N N 173 
LYS H    H N N 174 
LYS H2   H N N 175 
LYS HA   H N N 176 
LYS HB2  H N N 177 
LYS HB3  H N N 178 
LYS HG2  H N N 179 
LYS HG3  H N N 180 
LYS HD2  H N N 181 
LYS HD3  H N N 182 
LYS HE2  H N N 183 
LYS HE3  H N N 184 
LYS HZ1  H N N 185 
LYS HZ2  H N N 186 
LYS HZ3  H N N 187 
LYS HXT  H N N 188 
MET N    N N N 189 
MET CA   C N S 190 
MET C    C N N 191 
MET O    O N N 192 
MET CB   C N N 193 
MET CG   C N N 194 
MET SD   S N N 195 
MET CE   C N N 196 
MET OXT  O N N 197 
MET H    H N N 198 
MET H2   H N N 199 
MET HA   H N N 200 
MET HB2  H N N 201 
MET HB3  H N N 202 
MET HG2  H N N 203 
MET HG3  H N N 204 
MET HE1  H N N 205 
MET HE2  H N N 206 
MET HE3  H N N 207 
MET HXT  H N N 208 
PHE N    N N N 209 
PHE CA   C N S 210 
PHE C    C N N 211 
PHE O    O N N 212 
PHE CB   C N N 213 
PHE CG   C Y N 214 
PHE CD1  C Y N 215 
PHE CD2  C Y N 216 
PHE CE1  C Y N 217 
PHE CE2  C Y N 218 
PHE CZ   C Y N 219 
PHE OXT  O N N 220 
PHE H    H N N 221 
PHE H2   H N N 222 
PHE HA   H N N 223 
PHE HB2  H N N 224 
PHE HB3  H N N 225 
PHE HD1  H N N 226 
PHE HD2  H N N 227 
PHE HE1  H N N 228 
PHE HE2  H N N 229 
PHE HZ   H N N 230 
PHE HXT  H N N 231 
SER N    N N N 232 
SER CA   C N S 233 
SER C    C N N 234 
SER O    O N N 235 
SER CB   C N N 236 
SER OG   O N N 237 
SER OXT  O N N 238 
SER H    H N N 239 
SER H2   H N N 240 
SER HA   H N N 241 
SER HB2  H N N 242 
SER HB3  H N N 243 
SER HG   H N N 244 
SER HXT  H N N 245 
THR N    N N N 246 
THR CA   C N S 247 
THR C    C N N 248 
THR O    O N N 249 
THR CB   C N R 250 
THR OG1  O N N 251 
THR CG2  C N N 252 
THR OXT  O N N 253 
THR H    H N N 254 
THR H2   H N N 255 
THR HA   H N N 256 
THR HB   H N N 257 
THR HG1  H N N 258 
THR HG21 H N N 259 
THR HG22 H N N 260 
THR HG23 H N N 261 
THR HXT  H N N 262 
TRP N    N N N 263 
TRP CA   C N S 264 
TRP C    C N N 265 
TRP O    O N N 266 
TRP CB   C N N 267 
TRP CG   C Y N 268 
TRP CD1  C Y N 269 
TRP CD2  C Y N 270 
TRP NE1  N Y N 271 
TRP CE2  C Y N 272 
TRP CE3  C Y N 273 
TRP CZ2  C Y N 274 
TRP CZ3  C Y N 275 
TRP CH2  C Y N 276 
TRP OXT  O N N 277 
TRP H    H N N 278 
TRP H2   H N N 279 
TRP HA   H N N 280 
TRP HB2  H N N 281 
TRP HB3  H N N 282 
TRP HD1  H N N 283 
TRP HE1  H N N 284 
TRP HE3  H N N 285 
TRP HZ2  H N N 286 
TRP HZ3  H N N 287 
TRP HH2  H N N 288 
TRP HXT  H N N 289 
TYR N    N N N 290 
TYR CA   C N S 291 
TYR C    C N N 292 
TYR O    O N N 293 
TYR CB   C N N 294 
TYR CG   C Y N 295 
TYR CD1  C Y N 296 
TYR CD2  C Y N 297 
TYR CE1  C Y N 298 
TYR CE2  C Y N 299 
TYR CZ   C Y N 300 
TYR OH   O N N 301 
TYR OXT  O N N 302 
TYR H    H N N 303 
TYR H2   H N N 304 
TYR HA   H N N 305 
TYR HB2  H N N 306 
TYR HB3  H N N 307 
TYR HD1  H N N 308 
TYR HD2  H N N 309 
TYR HE1  H N N 310 
TYR HE2  H N N 311 
TYR HH   H N N 312 
TYR HXT  H N N 313 
VAL N    N N N 314 
VAL CA   C N S 315 
VAL C    C N N 316 
VAL O    O N N 317 
VAL CB   C N N 318 
VAL CG1  C N N 319 
VAL CG2  C N N 320 
VAL OXT  O N N 321 
VAL H    H N N 322 
VAL H2   H N N 323 
VAL HA   H N N 324 
VAL HB   H N N 325 
VAL HG11 H N N 326 
VAL HG12 H N N 327 
VAL HG13 H N N 328 
VAL HG21 H N N 329 
VAL HG22 H N N 330 
VAL HG23 H N N 331 
VAL HXT  H N N 332 
# 
loop_
_chem_comp_bond.comp_id 
_chem_comp_bond.atom_id_1 
_chem_comp_bond.atom_id_2 
_chem_comp_bond.value_order 
_chem_comp_bond.pdbx_aromatic_flag 
_chem_comp_bond.pdbx_stereo_config 
_chem_comp_bond.pdbx_ordinal 
ALA N   CA   sing N N 1   
ALA N   H    sing N N 2   
ALA N   H2   sing N N 3   
ALA CA  C    sing N N 4   
ALA CA  CB   sing N N 5   
ALA CA  HA   sing N N 6   
ALA C   O    doub N N 7   
ALA C   OXT  sing N N 8   
ALA CB  HB1  sing N N 9   
ALA CB  HB2  sing N N 10  
ALA CB  HB3  sing N N 11  
ALA OXT HXT  sing N N 12  
ASN N   CA   sing N N 13  
ASN N   H    sing N N 14  
ASN N   H2   sing N N 15  
ASN CA  C    sing N N 16  
ASN CA  CB   sing N N 17  
ASN CA  HA   sing N N 18  
ASN C   O    doub N N 19  
ASN C   OXT  sing N N 20  
ASN CB  CG   sing N N 21  
ASN CB  HB2  sing N N 22  
ASN CB  HB3  sing N N 23  
ASN CG  OD1  doub N N 24  
ASN CG  ND2  sing N N 25  
ASN ND2 HD21 sing N N 26  
ASN ND2 HD22 sing N N 27  
ASN OXT HXT  sing N N 28  
ASP N   CA   sing N N 29  
ASP N   H    sing N N 30  
ASP N   H2   sing N N 31  
ASP CA  C    sing N N 32  
ASP CA  CB   sing N N 33  
ASP CA  HA   sing N N 34  
ASP C   O    doub N N 35  
ASP C   OXT  sing N N 36  
ASP CB  CG   sing N N 37  
ASP CB  HB2  sing N N 38  
ASP CB  HB3  sing N N 39  
ASP CG  OD1  doub N N 40  
ASP CG  OD2  sing N N 41  
ASP OD2 HD2  sing N N 42  
ASP OXT HXT  sing N N 43  
GLN N   CA   sing N N 44  
GLN N   H    sing N N 45  
GLN N   H2   sing N N 46  
GLN CA  C    sing N N 47  
GLN CA  CB   sing N N 48  
GLN CA  HA   sing N N 49  
GLN C   O    doub N N 50  
GLN C   OXT  sing N N 51  
GLN CB  CG   sing N N 52  
GLN CB  HB2  sing N N 53  
GLN CB  HB3  sing N N 54  
GLN CG  CD   sing N N 55  
GLN CG  HG2  sing N N 56  
GLN CG  HG3  sing N N 57  
GLN CD  OE1  doub N N 58  
GLN CD  NE2  sing N N 59  
GLN NE2 HE21 sing N N 60  
GLN NE2 HE22 sing N N 61  
GLN OXT HXT  sing N N 62  
GLU N   CA   sing N N 63  
GLU N   H    sing N N 64  
GLU N   H2   sing N N 65  
GLU CA  C    sing N N 66  
GLU CA  CB   sing N N 67  
GLU CA  HA   sing N N 68  
GLU C   O    doub N N 69  
GLU C   OXT  sing N N 70  
GLU CB  CG   sing N N 71  
GLU CB  HB2  sing N N 72  
GLU CB  HB3  sing N N 73  
GLU CG  CD   sing N N 74  
GLU CG  HG2  sing N N 75  
GLU CG  HG3  sing N N 76  
GLU CD  OE1  doub N N 77  
GLU CD  OE2  sing N N 78  
GLU OE2 HE2  sing N N 79  
GLU OXT HXT  sing N N 80  
GLY N   CA   sing N N 81  
GLY N   H    sing N N 82  
GLY N   H2   sing N N 83  
GLY CA  C    sing N N 84  
GLY CA  HA2  sing N N 85  
GLY CA  HA3  sing N N 86  
GLY C   O    doub N N 87  
GLY C   OXT  sing N N 88  
GLY OXT HXT  sing N N 89  
HIS N   CA   sing N N 90  
HIS N   H    sing N N 91  
HIS N   H2   sing N N 92  
HIS CA  C    sing N N 93  
HIS CA  CB   sing N N 94  
HIS CA  HA   sing N N 95  
HIS C   O    doub N N 96  
HIS C   OXT  sing N N 97  
HIS CB  CG   sing N N 98  
HIS CB  HB2  sing N N 99  
HIS CB  HB3  sing N N 100 
HIS CG  ND1  sing Y N 101 
HIS CG  CD2  doub Y N 102 
HIS ND1 CE1  doub Y N 103 
HIS ND1 HD1  sing N N 104 
HIS CD2 NE2  sing Y N 105 
HIS CD2 HD2  sing N N 106 
HIS CE1 NE2  sing Y N 107 
HIS CE1 HE1  sing N N 108 
HIS NE2 HE2  sing N N 109 
HIS OXT HXT  sing N N 110 
HOH O   H1   sing N N 111 
HOH O   H2   sing N N 112 
ILE N   CA   sing N N 113 
ILE N   H    sing N N 114 
ILE N   H2   sing N N 115 
ILE CA  C    sing N N 116 
ILE CA  CB   sing N N 117 
ILE CA  HA   sing N N 118 
ILE C   O    doub N N 119 
ILE C   OXT  sing N N 120 
ILE CB  CG1  sing N N 121 
ILE CB  CG2  sing N N 122 
ILE CB  HB   sing N N 123 
ILE CG1 CD1  sing N N 124 
ILE CG1 HG12 sing N N 125 
ILE CG1 HG13 sing N N 126 
ILE CG2 HG21 sing N N 127 
ILE CG2 HG22 sing N N 128 
ILE CG2 HG23 sing N N 129 
ILE CD1 HD11 sing N N 130 
ILE CD1 HD12 sing N N 131 
ILE CD1 HD13 sing N N 132 
ILE OXT HXT  sing N N 133 
LEU N   CA   sing N N 134 
LEU N   H    sing N N 135 
LEU N   H2   sing N N 136 
LEU CA  C    sing N N 137 
LEU CA  CB   sing N N 138 
LEU CA  HA   sing N N 139 
LEU C   O    doub N N 140 
LEU C   OXT  sing N N 141 
LEU CB  CG   sing N N 142 
LEU CB  HB2  sing N N 143 
LEU CB  HB3  sing N N 144 
LEU CG  CD1  sing N N 145 
LEU CG  CD2  sing N N 146 
LEU CG  HG   sing N N 147 
LEU CD1 HD11 sing N N 148 
LEU CD1 HD12 sing N N 149 
LEU CD1 HD13 sing N N 150 
LEU CD2 HD21 sing N N 151 
LEU CD2 HD22 sing N N 152 
LEU CD2 HD23 sing N N 153 
LEU OXT HXT  sing N N 154 
LYS N   CA   sing N N 155 
LYS N   H    sing N N 156 
LYS N   H2   sing N N 157 
LYS CA  C    sing N N 158 
LYS CA  CB   sing N N 159 
LYS CA  HA   sing N N 160 
LYS C   O    doub N N 161 
LYS C   OXT  sing N N 162 
LYS CB  CG   sing N N 163 
LYS CB  HB2  sing N N 164 
LYS CB  HB3  sing N N 165 
LYS CG  CD   sing N N 166 
LYS CG  HG2  sing N N 167 
LYS CG  HG3  sing N N 168 
LYS CD  CE   sing N N 169 
LYS CD  HD2  sing N N 170 
LYS CD  HD3  sing N N 171 
LYS CE  NZ   sing N N 172 
LYS CE  HE2  sing N N 173 
LYS CE  HE3  sing N N 174 
LYS NZ  HZ1  sing N N 175 
LYS NZ  HZ2  sing N N 176 
LYS NZ  HZ3  sing N N 177 
LYS OXT HXT  sing N N 178 
MET N   CA   sing N N 179 
MET N   H    sing N N 180 
MET N   H2   sing N N 181 
MET CA  C    sing N N 182 
MET CA  CB   sing N N 183 
MET CA  HA   sing N N 184 
MET C   O    doub N N 185 
MET C   OXT  sing N N 186 
MET CB  CG   sing N N 187 
MET CB  HB2  sing N N 188 
MET CB  HB3  sing N N 189 
MET CG  SD   sing N N 190 
MET CG  HG2  sing N N 191 
MET CG  HG3  sing N N 192 
MET SD  CE   sing N N 193 
MET CE  HE1  sing N N 194 
MET CE  HE2  sing N N 195 
MET CE  HE3  sing N N 196 
MET OXT HXT  sing N N 197 
PHE N   CA   sing N N 198 
PHE N   H    sing N N 199 
PHE N   H2   sing N N 200 
PHE CA  C    sing N N 201 
PHE CA  CB   sing N N 202 
PHE CA  HA   sing N N 203 
PHE C   O    doub N N 204 
PHE C   OXT  sing N N 205 
PHE CB  CG   sing N N 206 
PHE CB  HB2  sing N N 207 
PHE CB  HB3  sing N N 208 
PHE CG  CD1  doub Y N 209 
PHE CG  CD2  sing Y N 210 
PHE CD1 CE1  sing Y N 211 
PHE CD1 HD1  sing N N 212 
PHE CD2 CE2  doub Y N 213 
PHE CD2 HD2  sing N N 214 
PHE CE1 CZ   doub Y N 215 
PHE CE1 HE1  sing N N 216 
PHE CE2 CZ   sing Y N 217 
PHE CE2 HE2  sing N N 218 
PHE CZ  HZ   sing N N 219 
PHE OXT HXT  sing N N 220 
SER N   CA   sing N N 221 
SER N   H    sing N N 222 
SER N   H2   sing N N 223 
SER CA  C    sing N N 224 
SER CA  CB   sing N N 225 
SER CA  HA   sing N N 226 
SER C   O    doub N N 227 
SER C   OXT  sing N N 228 
SER CB  OG   sing N N 229 
SER CB  HB2  sing N N 230 
SER CB  HB3  sing N N 231 
SER OG  HG   sing N N 232 
SER OXT HXT  sing N N 233 
THR N   CA   sing N N 234 
THR N   H    sing N N 235 
THR N   H2   sing N N 236 
THR CA  C    sing N N 237 
THR CA  CB   sing N N 238 
THR CA  HA   sing N N 239 
THR C   O    doub N N 240 
THR C   OXT  sing N N 241 
THR CB  OG1  sing N N 242 
THR CB  CG2  sing N N 243 
THR CB  HB   sing N N 244 
THR OG1 HG1  sing N N 245 
THR CG2 HG21 sing N N 246 
THR CG2 HG22 sing N N 247 
THR CG2 HG23 sing N N 248 
THR OXT HXT  sing N N 249 
TRP N   CA   sing N N 250 
TRP N   H    sing N N 251 
TRP N   H2   sing N N 252 
TRP CA  C    sing N N 253 
TRP CA  CB   sing N N 254 
TRP CA  HA   sing N N 255 
TRP C   O    doub N N 256 
TRP C   OXT  sing N N 257 
TRP CB  CG   sing N N 258 
TRP CB  HB2  sing N N 259 
TRP CB  HB3  sing N N 260 
TRP CG  CD1  doub Y N 261 
TRP CG  CD2  sing Y N 262 
TRP CD1 NE1  sing Y N 263 
TRP CD1 HD1  sing N N 264 
TRP CD2 CE2  doub Y N 265 
TRP CD2 CE3  sing Y N 266 
TRP NE1 CE2  sing Y N 267 
TRP NE1 HE1  sing N N 268 
TRP CE2 CZ2  sing Y N 269 
TRP CE3 CZ3  doub Y N 270 
TRP CE3 HE3  sing N N 271 
TRP CZ2 CH2  doub Y N 272 
TRP CZ2 HZ2  sing N N 273 
TRP CZ3 CH2  sing Y N 274 
TRP CZ3 HZ3  sing N N 275 
TRP CH2 HH2  sing N N 276 
TRP OXT HXT  sing N N 277 
TYR N   CA   sing N N 278 
TYR N   H    sing N N 279 
TYR N   H2   sing N N 280 
TYR CA  C    sing N N 281 
TYR CA  CB   sing N N 282 
TYR CA  HA   sing N N 283 
TYR C   O    doub N N 284 
TYR C   OXT  sing N N 285 
TYR CB  CG   sing N N 286 
TYR CB  HB2  sing N N 287 
TYR CB  HB3  sing N N 288 
TYR CG  CD1  doub Y N 289 
TYR CG  CD2  sing Y N 290 
TYR CD1 CE1  sing Y N 291 
TYR CD1 HD1  sing N N 292 
TYR CD2 CE2  doub Y N 293 
TYR CD2 HD2  sing N N 294 
TYR CE1 CZ   doub Y N 295 
TYR CE1 HE1  sing N N 296 
TYR CE2 CZ   sing Y N 297 
TYR CE2 HE2  sing N N 298 
TYR CZ  OH   sing N N 299 
TYR OH  HH   sing N N 300 
TYR OXT HXT  sing N N 301 
VAL N   CA   sing N N 302 
VAL N   H    sing N N 303 
VAL N   H2   sing N N 304 
VAL CA  C    sing N N 305 
VAL CA  CB   sing N N 306 
VAL CA  HA   sing N N 307 
VAL C   O    doub N N 308 
VAL C   OXT  sing N N 309 
VAL CB  CG1  sing N N 310 
VAL CB  CG2  sing N N 311 
VAL CB  HB   sing N N 312 
VAL CG1 HG11 sing N N 313 
VAL CG1 HG12 sing N N 314 
VAL CG1 HG13 sing N N 315 
VAL CG2 HG21 sing N N 316 
VAL CG2 HG22 sing N N 317 
VAL CG2 HG23 sing N N 318 
VAL OXT HXT  sing N N 319 
# 
_pdbx_initial_refinement_model.accession_code   ? 
_pdbx_initial_refinement_model.id               1 
_pdbx_initial_refinement_model.entity_id_list   ? 
_pdbx_initial_refinement_model.type             other 
_pdbx_initial_refinement_model.source_name      ? 
_pdbx_initial_refinement_model.details          'C3 DOMAIN OF PROTEIN L (UNPUBLISHED: T. WAN AND B. SUTTON)' 
# 
_atom_sites.entry_id                    1HZ6 
_atom_sites.fract_transf_matrix[1][1]   -0.01102043 
_atom_sites.fract_transf_matrix[1][2]   0.01351993 
_atom_sites.fract_transf_matrix[1][3]   -0.00843747 
_atom_sites.fract_transf_matrix[2][1]   -0.01029241 
_atom_sites.fract_transf_matrix[2][2]   0.00118459 
_atom_sites.fract_transf_matrix[2][3]   0.01534136 
_atom_sites.fract_transf_matrix[3][1]   0.00637580 
_atom_sites.fract_transf_matrix[3][2]   0.00750489 
_atom_sites.fract_transf_matrix[3][3]   0.00369798 
_atom_sites.fract_transf_vector[1]      0.136930 
_atom_sites.fract_transf_vector[2]      0.153046 
_atom_sites.fract_transf_vector[3]      0.155438 
# 
loop_
_atom_type.symbol 
C 
N 
O 
S 
# 
loop_
_atom_site.group_PDB 
_atom_site.id 
_atom_site.type_symbol 
_atom_site.label_atom_id 
_atom_site.label_alt_id 
_atom_site.label_comp_id 
_atom_site.label_asym_id 
_atom_site.label_entity_id 
_atom_site.label_seq_id 
_atom_site.pdbx_PDB_ins_code 
_atom_site.Cartn_x 
_atom_site.Cartn_y 
_atom_site.Cartn_z 
_atom_site.occupancy 
_atom_site.B_iso_or_equiv 
_atom_site.pdbx_formal_charge 
_atom_site.auth_seq_id 
_atom_site.auth_comp_id 
_atom_site.auth_asym_id 
_atom_site.auth_atom_id 
_atom_site.pdbx_PDB_model_num 
ATOM   1    N N   . HIS A 1 6  ? -6.949  -12.863 -10.417 1.00 35.08 ? -2  HIS A N   1 
ATOM   2    C CA  . HIS A 1 6  ? -5.460  -12.931 -10.360 1.00 32.70 ? -2  HIS A CA  1 
ATOM   3    C C   . HIS A 1 6  ? -4.826  -11.683 -10.941 1.00 32.67 ? -2  HIS A C   1 
ATOM   4    O O   . HIS A 1 6  ? -4.804  -11.500 -12.158 1.00 36.57 ? -2  HIS A O   1 
ATOM   5    N N   . HIS A 1 7  ? -4.304  -10.820 -10.076 1.00 27.79 ? -1  HIS A N   1 
ATOM   6    C CA  . HIS A 1 7  ? -3.686  -9.587  -10.543 1.00 27.27 ? -1  HIS A CA  1 
ATOM   7    C C   . HIS A 1 7  ? -2.251  -9.801  -11.025 1.00 25.72 ? -1  HIS A C   1 
ATOM   8    O O   . HIS A 1 7  ? -1.549  -10.696 -10.553 1.00 25.29 ? -1  HIS A O   1 
ATOM   9    C CB  . HIS A 1 7  ? -3.752  -8.521  -9.438  1.00 27.48 ? -1  HIS A CB  1 
ATOM   10   C CG  . HIS A 1 7  ? -5.142  -8.023  -9.176  1.00 27.93 ? -1  HIS A CG  1 
ATOM   11   N ND1 . HIS A 1 7  ? -5.430  -6.693  -8.956  1.00 26.82 ? -1  HIS A ND1 1 
ATOM   12   C CD2 . HIS A 1 7  ? -6.329  -8.675  -9.138  1.00 28.80 ? -1  HIS A CD2 1 
ATOM   13   C CE1 . HIS A 1 7  ? -6.733  -6.546  -8.796  1.00 28.52 ? -1  HIS A CE1 1 
ATOM   14   N NE2 . HIS A 1 7  ? -7.303  -7.733  -8.904  1.00 28.48 ? -1  HIS A NE2 1 
ATOM   15   N N   . ALA A 1 8  ? -1.831  -8.985  -11.987 1.00 25.52 ? 0   ALA A N   1 
ATOM   16   C CA  . ALA A 1 8  ? -0.493  -9.094  -12.559 1.00 25.58 ? 0   ALA A CA  1 
ATOM   17   C C   . ALA A 1 8  ? 0.582   -8.849  -11.515 1.00 25.01 ? 0   ALA A C   1 
ATOM   18   O O   . ALA A 1 8  ? 0.578   -7.818  -10.844 1.00 27.23 ? 0   ALA A O   1 
ATOM   19   C CB  . ALA A 1 8  ? -0.334  -8.106  -13.712 1.00 27.16 ? 0   ALA A CB  1 
ATOM   20   N N   . MET A 1 9  ? 1.500   -9.802  -11.383 1.00 23.62 ? 1   MET A N   1 
ATOM   21   C CA  . MET A 1 9  ? 2.577   -9.683  -10.412 1.00 23.56 ? 1   MET A CA  1 
ATOM   22   C C   . MET A 1 9  ? 3.962   -9.667  -11.047 1.00 23.60 ? 1   MET A C   1 
ATOM   23   O O   . MET A 1 9  ? 4.974   -9.773  -10.354 1.00 23.11 ? 1   MET A O   1 
ATOM   24   C CB  . MET A 1 9  ? 2.478   -10.808 -9.377  1.00 22.69 ? 1   MET A CB  1 
ATOM   25   C CG  . MET A 1 9  ? 1.443   -10.542 -8.284  1.00 20.47 ? 1   MET A CG  1 
ATOM   26   S SD  . MET A 1 9  ? 1.889   -9.102  -7.265  1.00 19.81 ? 1   MET A SD  1 
ATOM   27   C CE  . MET A 1 9  ? 3.322   -9.747  -6.426  1.00 20.49 ? 1   MET A CE  1 
ATOM   28   N N   . GLU A 1 10 ? 4.011   -9.528  -12.369 1.00 23.10 ? 2   GLU A N   1 
ATOM   29   C CA  . GLU A 1 10 ? 5.291   -9.470  -13.057 1.00 22.12 ? 2   GLU A CA  1 
ATOM   30   C C   . GLU A 1 10 ? 5.975   -8.166  -12.681 1.00 23.11 ? 2   GLU A C   1 
ATOM   31   O O   . GLU A 1 10 ? 5.314   -7.193  -12.323 1.00 21.62 ? 2   GLU A O   1 
ATOM   32   C CB  . GLU A 1 10 ? 5.101   -9.479  -14.580 1.00 26.58 ? 2   GLU A CB  1 
ATOM   33   C CG  . GLU A 1 10 ? 4.539   -10.757 -15.170 1.00 32.60 ? 2   GLU A CG  1 
ATOM   34   C CD  . GLU A 1 10 ? 3.122   -11.039 -14.724 1.00 36.31 ? 2   GLU A CD  1 
ATOM   35   O OE1 . GLU A 1 10 ? 2.296   -10.101 -14.734 1.00 35.11 ? 2   GLU A OE1 1 
ATOM   36   O OE2 . GLU A 1 10 ? 2.835   -12.205 -14.374 1.00 40.96 ? 2   GLU A OE2 1 
ATOM   37   N N   . GLU A 1 11 ? 7.300   -8.151  -12.754 1.00 23.72 ? 3   GLU A N   1 
ATOM   38   C CA  . GLU A 1 11 ? 8.046   -6.936  -12.470 1.00 23.93 ? 3   GLU A CA  1 
ATOM   39   C C   . GLU A 1 11 ? 7.932   -6.157  -13.779 1.00 21.81 ? 3   GLU A C   1 
ATOM   40   O O   . GLU A 1 11 ? 8.254   -6.687  -14.846 1.00 23.24 ? 3   GLU A O   1 
ATOM   41   C CB  . GLU A 1 11 ? 9.513   -7.265  -12.179 1.00 29.55 ? 3   GLU A CB  1 
ATOM   42   C CG  . GLU A 1 11 ? 10.290  -6.131  -11.525 1.00 38.26 ? 3   GLU A CG  1 
ATOM   43   C CD  . GLU A 1 11 ? 10.278  -6.204  -10.002 1.00 42.66 ? 3   GLU A CD  1 
ATOM   44   O OE1 . GLU A 1 11 ? 9.207   -6.465  -9.412  1.00 41.82 ? 3   GLU A OE1 1 
ATOM   45   O OE2 . GLU A 1 11 ? 11.347  -5.992  -9.391  1.00 46.48 ? 3   GLU A OE2 1 
ATOM   46   N N   . VAL A 1 12 ? 7.445   -4.922  -13.713 1.00 18.93 ? 4   VAL A N   1 
ATOM   47   C CA  . VAL A 1 12 ? 7.296   -4.113  -14.915 1.00 18.23 ? 4   VAL A CA  1 
ATOM   48   C C   . VAL A 1 12 ? 8.015   -2.780  -14.767 1.00 17.73 ? 4   VAL A C   1 
ATOM   49   O O   . VAL A 1 12 ? 8.593   -2.484  -13.723 1.00 17.29 ? 4   VAL A O   1 
ATOM   50   C CB  . VAL A 1 12 ? 5.808   -3.838  -15.229 1.00 19.26 ? 4   VAL A CB  1 
ATOM   51   C CG1 . VAL A 1 12 ? 5.063   -5.155  -15.438 1.00 22.75 ? 4   VAL A CG1 1 
ATOM   52   C CG2 . VAL A 1 12 ? 5.177   -3.047  -14.099 1.00 21.33 ? 4   VAL A CG2 1 
ATOM   53   N N   . THR A 1 13 ? 7.990   -1.984  -15.828 1.00 17.64 ? 5   THR A N   1 
ATOM   54   C CA  . THR A 1 13 ? 8.623   -0.677  -15.796 1.00 18.00 ? 5   THR A CA  1 
ATOM   55   C C   . THR A 1 13 ? 7.596   0.368   -16.199 1.00 18.22 ? 5   THR A C   1 
ATOM   56   O O   . THR A 1 13 ? 6.959   0.252   -17.245 1.00 20.02 ? 5   THR A O   1 
ATOM   57   C CB  . THR A 1 13 ? 9.816   -0.595  -16.769 1.00 20.21 ? 5   THR A CB  1 
ATOM   58   O OG1 . THR A 1 13 ? 10.782  -1.602  -16.432 1.00 23.81 ? 5   THR A OG1 1 
ATOM   59   C CG2 . THR A 1 13 ? 10.471  0.779   -16.681 1.00 20.95 ? 5   THR A CG2 1 
ATOM   60   N N   . ILE A 1 14 ? 7.420   1.372   -15.347 1.00 16.46 ? 6   ILE A N   1 
ATOM   61   C CA  . ILE A 1 14 ? 6.490   2.457   -15.613 1.00 17.25 ? 6   ILE A CA  1 
ATOM   62   C C   . ILE A 1 14 ? 7.352   3.629   -16.057 1.00 18.21 ? 6   ILE A C   1 
ATOM   63   O O   . ILE A 1 14 ? 8.233   4.069   -15.320 1.00 18.67 ? 6   ILE A O   1 
ATOM   64   C CB  . ILE A 1 14 ? 5.714   2.860   -14.341 1.00 16.89 ? 6   ILE A CB  1 
ATOM   65   C CG1 . ILE A 1 14 ? 4.959   1.650   -13.781 1.00 16.88 ? 6   ILE A CG1 1 
ATOM   66   C CG2 . ILE A 1 14 ? 4.758   4.010   -14.654 1.00 17.87 ? 6   ILE A CG2 1 
ATOM   67   C CD1 . ILE A 1 14 ? 3.913   1.049   -14.726 1.00 17.20 ? 6   ILE A CD1 1 
ATOM   68   N N   . LYS A 1 15 ? 7.104   4.128   -17.263 1.00 18.01 ? 7   LYS A N   1 
ATOM   69   C CA  . LYS A 1 15 ? 7.878   5.243   -17.789 1.00 18.17 ? 7   LYS A CA  1 
ATOM   70   C C   . LYS A 1 15 ? 7.179   6.566   -17.530 1.00 17.57 ? 7   LYS A C   1 
ATOM   71   O O   . LYS A 1 15 ? 6.021   6.740   -17.890 1.00 19.56 ? 7   LYS A O   1 
ATOM   72   C CB  . LYS A 1 15 ? 8.097   5.062   -19.292 1.00 21.49 ? 7   LYS A CB  1 
ATOM   73   C CG  . LYS A 1 15 ? 8.884   6.185   -19.966 1.00 26.73 ? 7   LYS A CG  1 
ATOM   74   C CD  . LYS A 1 15 ? 9.091   5.853   -21.436 1.00 31.46 ? 7   LYS A CD  1 
ATOM   75   C CE  . LYS A 1 15 ? 9.854   6.936   -22.167 1.00 37.24 ? 7   LYS A CE  1 
ATOM   76   N NZ  . LYS A 1 15 ? 9.973   6.615   -23.621 1.00 42.58 ? 7   LYS A NZ  1 
ATOM   77   N N   . ALA A 1 16 ? 7.885   7.487   -16.884 1.00 16.83 ? 8   ALA A N   1 
ATOM   78   C CA  . ALA A 1 16 ? 7.330   8.801   -16.608 1.00 18.23 ? 8   ALA A CA  1 
ATOM   79   C C   . ALA A 1 16 ? 7.957   9.822   -17.551 1.00 20.25 ? 8   ALA A C   1 
ATOM   80   O O   . ALA A 1 16 ? 9.160   10.072  -17.492 1.00 19.48 ? 8   ALA A O   1 
ATOM   81   C CB  . ALA A 1 16 ? 7.597   9.192   -15.154 1.00 19.43 ? 8   ALA A CB  1 
ATOM   82   N N   . ASN A 1 17 ? 7.149   10.386  -18.447 1.00 18.45 ? 9   ASN A N   1 
ATOM   83   C CA  . ASN A 1 17 ? 7.644   11.415  -19.354 1.00 21.70 ? 9   ASN A CA  1 
ATOM   84   C C   . ASN A 1 17 ? 7.254   12.722  -18.690 1.00 22.01 ? 9   ASN A C   1 
ATOM   85   O O   . ASN A 1 17 ? 6.089   13.112  -18.713 1.00 22.61 ? 9   ASN A O   1 
ATOM   86   C CB  . ASN A 1 17 ? 6.985   11.323  -20.735 1.00 21.97 ? 9   ASN A CB  1 
ATOM   87   C CG  . ASN A 1 17 ? 7.455   10.123  -21.530 1.00 24.07 ? 9   ASN A CG  1 
ATOM   88   O OD1 . ASN A 1 17 ? 8.649   9.803   -21.551 1.00 26.57 ? 9   ASN A OD1 1 
ATOM   89   N ND2 . ASN A 1 17 ? 6.519   9.455   -22.200 1.00 22.99 ? 9   ASN A ND2 1 
ATOM   90   N N   . LEU A 1 18 ? 8.229   13.379  -18.074 1.00 20.87 ? 10  LEU A N   1 
ATOM   91   C CA  . LEU A 1 18 ? 8.000   14.637  -17.386 1.00 23.06 ? 10  LEU A CA  1 
ATOM   92   C C   . LEU A 1 18 ? 8.128   15.790  -18.373 1.00 25.47 ? 10  LEU A C   1 
ATOM   93   O O   . LEU A 1 18 ? 9.125   15.914  -19.086 1.00 26.41 ? 10  LEU A O   1 
ATOM   94   C CB  . LEU A 1 18 ? 9.010   14.786  -16.251 1.00 23.49 ? 10  LEU A CB  1 
ATOM   95   C CG  . LEU A 1 18 ? 9.096   13.555  -15.339 1.00 23.91 ? 10  LEU A CG  1 
ATOM   96   C CD1 . LEU A 1 18 ? 10.334  13.641  -14.463 1.00 27.01 ? 10  LEU A CD1 1 
ATOM   97   C CD2 . LEU A 1 18 ? 7.832   13.441  -14.503 1.00 26.20 ? 10  LEU A CD2 1 
ATOM   98   N N   . ILE A 1 19 ? 7.098   16.627  -18.416 1.00 24.78 ? 11  ILE A N   1 
ATOM   99   C CA  . ILE A 1 19 ? 7.071   17.773  -19.314 1.00 25.39 ? 11  ILE A CA  1 
ATOM   100  C C   . ILE A 1 19 ? 6.917   19.024  -18.461 1.00 23.92 ? 11  ILE A C   1 
ATOM   101  O O   . ILE A 1 19 ? 5.940   19.159  -17.723 1.00 24.29 ? 11  ILE A O   1 
ATOM   102  C CB  . ILE A 1 19 ? 5.881   17.663  -20.282 1.00 28.71 ? 11  ILE A CB  1 
ATOM   103  C CG1 . ILE A 1 19 ? 5.911   16.295  -20.973 1.00 32.11 ? 11  ILE A CG1 1 
ATOM   104  C CG2 . ILE A 1 19 ? 5.933   18.791  -21.299 1.00 27.74 ? 11  ILE A CG2 1 
ATOM   105  C CD1 . ILE A 1 19 ? 4.681   15.989  -21.800 1.00 38.10 ? 11  ILE A CD1 1 
ATOM   106  N N   . PHE A 1 20 ? 7.882   19.931  -18.553 1.00 23.02 ? 12  PHE A N   1 
ATOM   107  C CA  . PHE A 1 20 ? 7.842   21.148  -17.754 1.00 25.20 ? 12  PHE A CA  1 
ATOM   108  C C   . PHE A 1 20 ? 7.181   22.311  -18.478 1.00 25.52 ? 12  PHE A C   1 
ATOM   109  O O   . PHE A 1 20 ? 7.008   22.279  -19.690 1.00 28.97 ? 12  PHE A O   1 
ATOM   110  C CB  . PHE A 1 20 ? 9.254   21.517  -17.305 1.00 26.31 ? 12  PHE A CB  1 
ATOM   111  C CG  . PHE A 1 20 ? 9.935   20.417  -16.537 1.00 25.90 ? 12  PHE A CG  1 
ATOM   112  C CD1 . PHE A 1 20 ? 9.531   20.114  -15.241 1.00 26.59 ? 12  PHE A CD1 1 
ATOM   113  C CD2 . PHE A 1 20 ? 10.928  19.645  -17.129 1.00 27.69 ? 12  PHE A CD2 1 
ATOM   114  C CE1 . PHE A 1 20 ? 10.104  19.050  -14.542 1.00 29.97 ? 12  PHE A CE1 1 
ATOM   115  C CE2 . PHE A 1 20 ? 11.509  18.580  -16.441 1.00 30.83 ? 12  PHE A CE2 1 
ATOM   116  C CZ  . PHE A 1 20 ? 11.096  18.283  -15.145 1.00 26.60 ? 12  PHE A CZ  1 
ATOM   117  N N   . ALA A 1 21 ? 6.812   23.326  -17.705 1.00 29.00 ? 13  ALA A N   1 
ATOM   118  C CA  . ALA A 1 21 ? 6.127   24.514  -18.211 1.00 31.10 ? 13  ALA A CA  1 
ATOM   119  C C   . ALA A 1 21 ? 6.698   25.128  -19.486 1.00 32.05 ? 13  ALA A C   1 
ATOM   120  O O   . ALA A 1 21 ? 5.944   25.520  -20.381 1.00 32.70 ? 13  ALA A O   1 
ATOM   121  C CB  . ALA A 1 21 ? 6.075   25.569  -17.114 1.00 30.39 ? 13  ALA A CB  1 
ATOM   122  N N   . ASN A 1 22 ? 8.020   25.221  -19.573 1.00 30.66 ? 14  ASN A N   1 
ATOM   123  C CA  . ASN A 1 22 ? 8.646   25.821  -20.743 1.00 31.03 ? 14  ASN A CA  1 
ATOM   124  C C   . ASN A 1 22 ? 8.839   24.845  -21.902 1.00 31.87 ? 14  ASN A C   1 
ATOM   125  O O   . ASN A 1 22 ? 9.449   25.188  -22.915 1.00 33.50 ? 14  ASN A O   1 
ATOM   126  C CB  . ASN A 1 22 ? 9.984   26.445  -20.351 1.00 30.69 ? 14  ASN A CB  1 
ATOM   127  C CG  . ASN A 1 22 ? 11.078  25.416  -20.184 1.00 32.60 ? 14  ASN A CG  1 
ATOM   128  O OD1 . ASN A 1 22 ? 10.819  24.273  -19.805 1.00 31.93 ? 14  ASN A OD1 1 
ATOM   129  N ND2 . ASN A 1 22 ? 12.315  25.819  -20.455 1.00 34.42 ? 14  ASN A ND2 1 
ATOM   130  N N   . GLY A 1 23 ? 8.327   23.628  -21.751 1.00 31.27 ? 15  GLY A N   1 
ATOM   131  C CA  . GLY A 1 23 ? 8.448   22.652  -22.820 1.00 30.42 ? 15  GLY A CA  1 
ATOM   132  C C   . GLY A 1 23 ? 9.594   21.668  -22.699 1.00 30.39 ? 15  GLY A C   1 
ATOM   133  O O   . GLY A 1 23 ? 9.640   20.690  -23.448 1.00 31.40 ? 15  GLY A O   1 
ATOM   134  N N   . SER A 1 24 ? 10.522  21.922  -21.782 1.00 28.03 ? 16  SER A N   1 
ATOM   135  C CA  . SER A 1 24 ? 11.649  21.017  -21.586 1.00 28.09 ? 16  SER A CA  1 
ATOM   136  C C   . SER A 1 24 ? 11.112  19.700  -21.032 1.00 25.42 ? 16  SER A C   1 
ATOM   137  O O   . SER A 1 24 ? 10.017  19.654  -20.474 1.00 24.30 ? 16  SER A O   1 
ATOM   138  C CB  . SER A 1 24 ? 12.677  21.626  -20.626 1.00 27.86 ? 16  SER A CB  1 
ATOM   139  O OG  . SER A 1 24 ? 12.100  21.970  -19.378 1.00 30.03 ? 16  SER A OG  1 
ATOM   140  N N   . THR A 1 25 ? 11.886  18.632  -21.179 1.00 25.90 ? 17  THR A N   1 
ATOM   141  C CA  . THR A 1 25 ? 11.441  17.325  -20.720 1.00 23.54 ? 17  THR A CA  1 
ATOM   142  C C   . THR A 1 25 ? 12.505  16.534  -19.979 1.00 22.91 ? 17  THR A C   1 
ATOM   143  O O   . THR A 1 25 ? 13.696  16.839  -20.051 1.00 23.39 ? 17  THR A O   1 
ATOM   144  C CB  . THR A 1 25 ? 10.983  16.469  -21.902 1.00 27.24 ? 17  THR A CB  1 
ATOM   145  O OG1 . THR A 1 25 ? 12.045  16.389  -22.859 1.00 29.79 ? 17  THR A OG1 1 
ATOM   146  C CG2 . THR A 1 25 ? 9.750   17.081  -22.564 1.00 27.64 ? 17  THR A CG2 1 
ATOM   147  N N   . GLN A 1 26 ? 12.046  15.506  -19.273 1.00 20.97 ? 18  GLN A N   1 
ATOM   148  C CA  . GLN A 1 26 ? 12.911  14.607  -18.516 1.00 20.62 ? 18  GLN A CA  1 
ATOM   149  C C   . GLN A 1 26 ? 12.183  13.271  -18.448 1.00 19.97 ? 18  GLN A C   1 
ATOM   150  O O   . GLN A 1 26 ? 10.964  13.235  -18.288 1.00 20.66 ? 18  GLN A O   1 
ATOM   151  C CB  . GLN A 1 26 ? 13.123  15.130  -17.094 1.00 20.41 ? 18  GLN A CB  1 
ATOM   152  C CG  . GLN A 1 26 ? 14.031  14.258  -16.226 1.00 24.50 ? 18  GLN A CG  1 
ATOM   153  C CD  . GLN A 1 26 ? 13.981  14.655  -14.751 1.00 25.96 ? 18  GLN A CD  1 
ATOM   154  O OE1 . GLN A 1 26 ? 13.907  15.840  -14.421 1.00 25.61 ? 18  GLN A OE1 1 
ATOM   155  N NE2 . GLN A 1 26 ? 14.033  13.662  -13.863 1.00 19.31 ? 18  GLN A NE2 1 
ATOM   156  N N   . THR A 1 27 ? 12.922  12.174  -18.573 1.00 18.24 ? 19  THR A N   1 
ATOM   157  C CA  . THR A 1 27 ? 12.303  10.861  -18.494 1.00 17.01 ? 19  THR A CA  1 
ATOM   158  C C   . THR A 1 27 ? 12.928  10.066  -17.362 1.00 15.81 ? 19  THR A C   1 
ATOM   159  O O   . THR A 1 27 ? 14.146  10.049  -17.211 1.00 17.26 ? 19  THR A O   1 
ATOM   160  C CB  . THR A 1 27 ? 12.478  10.073  -19.809 1.00 21.02 ? 19  THR A CB  1 
ATOM   161  O OG1 . THR A 1 27 ? 11.785  10.756  -20.859 1.00 25.67 ? 19  THR A OG1 1 
ATOM   162  C CG2 . THR A 1 27 ? 11.905  8.657   -19.674 1.00 21.65 ? 19  THR A CG2 1 
ATOM   163  N N   . ALA A 1 28 ? 12.078  9.447   -16.552 1.00 16.73 ? 20  ALA A N   1 
ATOM   164  C CA  . ALA A 1 28 ? 12.523  8.608   -15.445 1.00 15.05 ? 20  ALA A CA  1 
ATOM   165  C C   . ALA A 1 28 ? 11.654  7.352   -15.506 1.00 17.23 ? 20  ALA A C   1 
ATOM   166  O O   . ALA A 1 28 ? 10.530  7.399   -16.001 1.00 19.36 ? 20  ALA A O   1 
ATOM   167  C CB  . ALA A 1 28 ? 12.324  9.334   -14.111 1.00 18.86 ? 20  ALA A CB  1 
ATOM   168  N N   . GLU A 1 29 ? 12.172  6.225   -15.026 1.00 15.95 ? 21  GLU A N   1 
ATOM   169  C CA  . GLU A 1 29 ? 11.411  4.976   -15.053 1.00 17.38 ? 21  GLU A CA  1 
ATOM   170  C C   . GLU A 1 29 ? 11.416  4.323   -13.684 1.00 16.43 ? 21  GLU A C   1 
ATOM   171  O O   . GLU A 1 29 ? 12.376  4.459   -12.926 1.00 17.29 ? 21  GLU A O   1 
ATOM   172  C CB  . GLU A 1 29 ? 11.981  4.018   -16.098 1.00 20.76 ? 21  GLU A CB  1 
ATOM   173  C CG  . GLU A 1 29 ? 11.976  4.614   -17.495 1.00 29.47 ? 21  GLU A CG  1 
ATOM   174  C CD  . GLU A 1 29 ? 12.022  3.566   -18.580 1.00 32.74 ? 21  GLU A CD  1 
ATOM   175  O OE1 . GLU A 1 29 ? 13.038  2.853   -18.686 1.00 38.76 ? 21  GLU A OE1 1 
ATOM   176  O OE2 . GLU A 1 29 ? 11.028  3.456   -19.326 1.00 42.47 ? 21  GLU A OE2 1 
ATOM   177  N N   . PHE A 1 30 ? 10.338  3.610   -13.382 1.00 15.47 ? 22  PHE A N   1 
ATOM   178  C CA  . PHE A 1 30 ? 10.181  2.977   -12.083 1.00 15.41 ? 22  PHE A CA  1 
ATOM   179  C C   . PHE A 1 30 ? 9.868   1.500   -12.251 1.00 16.16 ? 22  PHE A C   1 
ATOM   180  O O   . PHE A 1 30 ? 8.921   1.123   -12.937 1.00 16.78 ? 22  PHE A O   1 
ATOM   181  C CB  . PHE A 1 30 ? 9.095   3.741   -11.323 1.00 16.82 ? 22  PHE A CB  1 
ATOM   182  C CG  . PHE A 1 30 ? 9.374   5.216   -11.255 1.00 15.54 ? 22  PHE A CG  1 
ATOM   183  C CD1 . PHE A 1 30 ? 9.111   6.042   -12.351 1.00 15.37 ? 22  PHE A CD1 1 
ATOM   184  C CD2 . PHE A 1 30 ? 10.053  5.750   -10.168 1.00 16.77 ? 22  PHE A CD2 1 
ATOM   185  C CE1 . PHE A 1 30 ? 9.535   7.365   -12.363 1.00 16.24 ? 22  PHE A CE1 1 
ATOM   186  C CE2 . PHE A 1 30 ? 10.481  7.078   -10.171 1.00 18.46 ? 22  PHE A CE2 1 
ATOM   187  C CZ  . PHE A 1 30 ? 10.221  7.885   -11.276 1.00 17.89 ? 22  PHE A CZ  1 
ATOM   188  N N   . LYS A 1 31 ? 10.692  0.669   -11.619 1.00 16.35 ? 23  LYS A N   1 
ATOM   189  C CA  . LYS A 1 31 ? 10.575  -0.776  -11.741 1.00 17.23 ? 23  LYS A CA  1 
ATOM   190  C C   . LYS A 1 31 ? 10.068  -1.511  -10.511 1.00 18.77 ? 23  LYS A C   1 
ATOM   191  O O   . LYS A 1 31 ? 10.585  -1.327  -9.405  1.00 19.89 ? 23  LYS A O   1 
ATOM   192  C CB  . LYS A 1 31 ? 11.930  -1.359  -12.153 1.00 21.85 ? 23  LYS A CB  1 
ATOM   193  C CG  . LYS A 1 31 ? 12.250  -1.214  -13.636 1.00 32.02 ? 23  LYS A CG  1 
ATOM   194  C CD  . LYS A 1 31 ? 13.486  -2.032  -14.007 1.00 37.49 ? 23  LYS A CD  1 
ATOM   195  C CE  . LYS A 1 31 ? 13.565  -2.291  -15.513 1.00 40.04 ? 23  LYS A CE  1 
ATOM   196  N NZ  . LYS A 1 31 ? 13.614  -1.039  -16.322 1.00 34.28 ? 23  LYS A NZ  1 
ATOM   197  N N   . GLY A 1 32 ? 9.064   -2.358  -10.728 1.00 16.60 ? 24  GLY A N   1 
ATOM   198  C CA  . GLY A 1 32 ? 8.481   -3.141  -9.650  1.00 18.44 ? 24  GLY A CA  1 
ATOM   199  C C   . GLY A 1 32 ? 7.117   -3.654  -10.078 1.00 17.84 ? 24  GLY A C   1 
ATOM   200  O O   . GLY A 1 32 ? 6.767   -3.574  -11.259 1.00 17.08 ? 24  GLY A O   1 
ATOM   201  N N   . THR A 1 33 ? 6.344   -4.207  -9.148  1.00 15.75 ? 25  THR A N   1 
ATOM   202  C CA  . THR A 1 33 ? 5.011   -4.666  -9.527  1.00 16.16 ? 25  THR A CA  1 
ATOM   203  C C   . THR A 1 33 ? 4.240   -3.414  -9.953  1.00 16.11 ? 25  THR A C   1 
ATOM   204  O O   . THR A 1 33 ? 4.531   -2.316  -9.485  1.00 16.96 ? 25  THR A O   1 
ATOM   205  C CB  . THR A 1 33 ? 4.316   -5.394  -8.361  1.00 15.88 ? 25  THR A CB  1 
ATOM   206  O OG1 . THR A 1 33 ? 4.405   -4.601  -7.172  1.00 17.52 ? 25  THR A OG1 1 
ATOM   207  C CG2 . THR A 1 33 ? 5.002   -6.741  -8.113  1.00 18.98 ? 25  THR A CG2 1 
ATOM   208  N N   . PHE A 1 34 ? 3.259   -3.583  -10.839 1.00 15.42 ? 26  PHE A N   1 
ATOM   209  C CA  . PHE A 1 34 ? 2.514   -2.457  -11.406 1.00 15.66 ? 26  PHE A CA  1 
ATOM   210  C C   . PHE A 1 34 ? 2.057   -1.304  -10.514 1.00 15.10 ? 26  PHE A C   1 
ATOM   211  O O   . PHE A 1 34 ? 2.443   -0.159  -10.741 1.00 16.47 ? 26  PHE A O   1 
ATOM   212  C CB  . PHE A 1 34 ? 1.301   -2.966  -12.196 1.00 16.46 ? 26  PHE A CB  1 
ATOM   213  C CG  . PHE A 1 34 ? 0.644   -1.900  -13.037 1.00 17.54 ? 26  PHE A CG  1 
ATOM   214  C CD1 . PHE A 1 34 ? 1.136   -1.590  -14.302 1.00 18.99 ? 26  PHE A CD1 1 
ATOM   215  C CD2 . PHE A 1 34 ? -0.439  -1.181  -12.544 1.00 22.07 ? 26  PHE A CD2 1 
ATOM   216  C CE1 . PHE A 1 34 ? 0.551   -0.569  -15.066 1.00 21.31 ? 26  PHE A CE1 1 
ATOM   217  C CE2 . PHE A 1 34 ? -1.029  -0.162  -13.296 1.00 22.77 ? 26  PHE A CE2 1 
ATOM   218  C CZ  . PHE A 1 34 ? -0.529  0.143   -14.561 1.00 21.07 ? 26  PHE A CZ  1 
ATOM   219  N N   . GLU A 1 35 ? 1.223   -1.580  -9.520  1.00 16.95 ? 27  GLU A N   1 
ATOM   220  C CA  . GLU A 1 35 ? 0.729   -0.490  -8.688  1.00 15.93 ? 27  GLU A CA  1 
ATOM   221  C C   . GLU A 1 35 ? 1.803   0.114   -7.788  1.00 14.91 ? 27  GLU A C   1 
ATOM   222  O O   . GLU A 1 35 ? 1.796   1.321   -7.543  1.00 15.44 ? 27  GLU A O   1 
ATOM   223  C CB  . GLU A 1 35 ? -0.480  -0.949  -7.861  1.00 15.62 ? 27  GLU A CB  1 
ATOM   224  C CG  . GLU A 1 35 ? -1.693  -1.399  -8.698  1.00 17.28 ? 27  GLU A CG  1 
ATOM   225  C CD  . GLU A 1 35 ? -2.320  -0.287  -9.543  1.00 19.55 ? 27  GLU A CD  1 
ATOM   226  O OE1 . GLU A 1 35 ? -1.853  0.869   -9.491  1.00 18.49 ? 27  GLU A OE1 1 
ATOM   227  O OE2 . GLU A 1 35 ? -3.304  -0.578  -10.266 1.00 20.87 ? 27  GLU A OE2 1 
ATOM   228  N N   . LYS A 1 36 ? 2.728   -0.710  -7.303  1.00 15.92 ? 28  LYS A N   1 
ATOM   229  C CA  . LYS A 1 36 ? 3.800   -0.204  -6.450  1.00 16.81 ? 28  LYS A CA  1 
ATOM   230  C C   . LYS A 1 36 ? 4.671   0.765   -7.245  1.00 16.56 ? 28  LYS A C   1 
ATOM   231  O O   . LYS A 1 36 ? 4.976   1.864   -6.783  1.00 16.18 ? 28  LYS A O   1 
ATOM   232  C CB  . LYS A 1 36 ? 4.670   -1.356  -5.923  1.00 15.39 ? 28  LYS A CB  1 
ATOM   233  C CG  . LYS A 1 36 ? 5.868   -0.896  -5.075  1.00 17.69 ? 28  LYS A CG  1 
ATOM   234  C CD  . LYS A 1 36 ? 6.699   -2.095  -4.595  1.00 18.64 ? 28  LYS A CD  1 
ATOM   235  C CE  . LYS A 1 36 ? 7.810   -1.693  -3.616  1.00 21.36 ? 28  LYS A CE  1 
ATOM   236  N NZ  . LYS A 1 36 ? 8.973   -0.992  -4.250  1.00 22.16 ? 28  LYS A NZ  1 
ATOM   237  N N   . ALA A 1 37 ? 5.065   0.350   -8.447  1.00 14.87 ? 29  ALA A N   1 
ATOM   238  C CA  . ALA A 1 37 ? 5.899   1.178   -9.308  1.00 15.39 ? 29  ALA A CA  1 
ATOM   239  C C   . ALA A 1 37 ? 5.168   2.434   -9.770  1.00 15.30 ? 29  ALA A C   1 
ATOM   240  O O   . ALA A 1 37 ? 5.768   3.498   -9.891  1.00 15.52 ? 29  ALA A O   1 
ATOM   241  C CB  . ALA A 1 37 ? 6.357   0.372   -10.516 1.00 14.36 ? 29  ALA A CB  1 
ATOM   242  N N   . THR A 1 38 ? 3.869   2.314   -10.029 1.00 15.01 ? 30  THR A N   1 
ATOM   243  C CA  . THR A 1 38 ? 3.101   3.469   -10.485 1.00 16.88 ? 30  THR A CA  1 
ATOM   244  C C   . THR A 1 38 ? 3.059   4.519   -9.376  1.00 16.56 ? 30  THR A C   1 
ATOM   245  O O   . THR A 1 38 ? 3.258   5.716   -9.618  1.00 16.01 ? 30  THR A O   1 
ATOM   246  C CB  . THR A 1 38 ? 1.661   3.061   -10.897 1.00 15.96 ? 30  THR A CB  1 
ATOM   247  O OG1 . THR A 1 38 ? 1.716   2.219   -12.058 1.00 17.23 ? 30  THR A OG1 1 
ATOM   248  C CG2 . THR A 1 38 ? 0.824   4.308   -11.221 1.00 15.91 ? 30  THR A CG2 1 
ATOM   249  N N   . SER A 1 39 ? 2.825   4.066   -8.149  1.00 16.65 ? 31  SER A N   1 
ATOM   250  C CA  . SER A 1 39 ? 2.773   4.977   -7.013  1.00 17.13 ? 31  SER A CA  1 
ATOM   251  C C   . SER A 1 39 ? 4.130   5.660   -6.836  1.00 16.70 ? 31  SER A C   1 
ATOM   252  O O   . SER A 1 39 ? 4.206   6.844   -6.508  1.00 16.29 ? 31  SER A O   1 
ATOM   253  C CB  . SER A 1 39 ? 2.403   4.216   -5.736  1.00 18.04 ? 31  SER A CB  1 
ATOM   254  O OG  . SER A 1 39 ? 2.203   5.120   -4.659  1.00 22.00 ? 31  SER A OG  1 
ATOM   255  N N   . GLU A 1 40 ? 5.203   4.906   -7.056  1.00 15.83 ? 32  GLU A N   1 
ATOM   256  C CA  . GLU A 1 40 ? 6.544   5.458   -6.928  1.00 15.54 ? 32  GLU A CA  1 
ATOM   257  C C   . GLU A 1 40 ? 6.807   6.521   -7.996  1.00 13.81 ? 32  GLU A C   1 
ATOM   258  O O   . GLU A 1 40 ? 7.473   7.521   -7.735  1.00 15.95 ? 32  GLU A O   1 
ATOM   259  C CB  . GLU A 1 40 ? 7.566   4.321   -6.987  1.00 14.92 ? 32  GLU A CB  1 
ATOM   260  C CG  . GLU A 1 40 ? 7.597   3.559   -5.665  1.00 14.72 ? 32  GLU A CG  1 
ATOM   261  C CD  . GLU A 1 40 ? 8.237   2.186   -5.741  1.00 16.24 ? 32  GLU A CD  1 
ATOM   262  O OE1 . GLU A 1 40 ? 8.600   1.742   -6.851  1.00 19.69 ? 32  GLU A OE1 1 
ATOM   263  O OE2 . GLU A 1 40 ? 8.365   1.550   -4.672  1.00 18.69 ? 32  GLU A OE2 1 
ATOM   264  N N   . ALA A 1 41 ? 6.262   6.319   -9.190  1.00 15.09 ? 33  ALA A N   1 
ATOM   265  C CA  . ALA A 1 41 ? 6.438   7.296   -10.257 1.00 16.69 ? 33  ALA A CA  1 
ATOM   266  C C   . ALA A 1 41 ? 5.796   8.624   -9.851  1.00 17.47 ? 33  ALA A C   1 
ATOM   267  O O   . ALA A 1 41 ? 6.398   9.688   -9.996  1.00 16.56 ? 33  ALA A O   1 
ATOM   268  C CB  . ALA A 1 41 ? 5.808   6.787   -11.556 1.00 16.87 ? 33  ALA A CB  1 
ATOM   269  N N   . TYR A 1 42 ? 4.571   8.563   -9.337  1.00 18.22 ? 34  TYR A N   1 
ATOM   270  C CA  . TYR A 1 42 ? 3.895   9.784   -8.920  1.00 18.50 ? 34  TYR A CA  1 
ATOM   271  C C   . TYR A 1 42 ? 4.603   10.424  -7.736  1.00 19.71 ? 34  TYR A C   1 
ATOM   272  O O   . TYR A 1 42 ? 4.687   11.646  -7.653  1.00 18.51 ? 34  TYR A O   1 
ATOM   273  C CB  . TYR A 1 42 ? 2.429   9.503   -8.578  1.00 18.38 ? 34  TYR A CB  1 
ATOM   274  C CG  . TYR A 1 42 ? 1.573   9.202   -9.789  1.00 18.59 ? 34  TYR A CG  1 
ATOM   275  C CD1 . TYR A 1 42 ? 1.488   10.108  -10.850 1.00 20.45 ? 34  TYR A CD1 1 
ATOM   276  C CD2 . TYR A 1 42 ? 0.829   8.028   -9.868  1.00 19.67 ? 34  TYR A CD2 1 
ATOM   277  C CE1 . TYR A 1 42 ? 0.677   9.852   -11.957 1.00 20.69 ? 34  TYR A CE1 1 
ATOM   278  C CE2 . TYR A 1 42 ? 0.015   7.759   -10.974 1.00 21.90 ? 34  TYR A CE2 1 
ATOM   279  C CZ  . TYR A 1 42 ? -0.056  8.678   -12.013 1.00 22.60 ? 34  TYR A CZ  1 
ATOM   280  O OH  . TYR A 1 42 ? -0.866  8.423   -13.100 1.00 22.33 ? 34  TYR A OH  1 
ATOM   281  N N   . ALA A 1 43 ? 5.122   9.599   -6.828  1.00 18.37 ? 35  ALA A N   1 
ATOM   282  C CA  . ALA A 1 43 ? 5.853   10.102  -5.668  1.00 18.55 ? 35  ALA A CA  1 
ATOM   283  C C   . ALA A 1 43 ? 7.066   10.894  -6.149  1.00 17.89 ? 35  ALA A C   1 
ATOM   284  O O   . ALA A 1 43 ? 7.417   11.920  -5.567  1.00 17.50 ? 35  ALA A O   1 
ATOM   285  C CB  . ALA A 1 43 ? 6.306   8.942   -4.786  1.00 19.77 ? 35  ALA A CB  1 
ATOM   286  N N   . TYR A 1 44 ? 7.710   10.416  -7.214  1.00 17.01 ? 36  TYR A N   1 
ATOM   287  C CA  . TYR A 1 44 ? 8.866   11.123  -7.744  1.00 16.80 ? 36  TYR A CA  1 
ATOM   288  C C   . TYR A 1 44 ? 8.412   12.456  -8.347  1.00 18.66 ? 36  TYR A C   1 
ATOM   289  O O   . TYR A 1 44 ? 9.025   13.492  -8.109  1.00 19.19 ? 36  TYR A O   1 
ATOM   290  C CB  . TYR A 1 44 ? 9.577   10.293  -8.811  1.00 17.87 ? 36  TYR A CB  1 
ATOM   291  C CG  . TYR A 1 44 ? 10.747  11.035  -9.408  1.00 17.48 ? 36  TYR A CG  1 
ATOM   292  C CD1 . TYR A 1 44 ? 11.897  11.274  -8.654  1.00 17.13 ? 36  TYR A CD1 1 
ATOM   293  C CD2 . TYR A 1 44 ? 10.667  11.591  -10.686 1.00 17.35 ? 36  TYR A CD2 1 
ATOM   294  C CE1 . TYR A 1 44 ? 12.934  12.056  -9.154  1.00 16.12 ? 36  TYR A CE1 1 
ATOM   295  C CE2 . TYR A 1 44 ? 11.698  12.372  -11.197 1.00 17.71 ? 36  TYR A CE2 1 
ATOM   296  C CZ  . TYR A 1 44 ? 12.827  12.604  -10.425 1.00 18.91 ? 36  TYR A CZ  1 
ATOM   297  O OH  . TYR A 1 44 ? 13.834  13.398  -10.921 1.00 17.96 ? 36  TYR A OH  1 
ATOM   298  N N   . ALA A 1 45 ? 7.337   12.422  -9.127  1.00 17.42 ? 37  ALA A N   1 
ATOM   299  C CA  . ALA A 1 45 ? 6.813   13.642  -9.738  1.00 17.58 ? 37  ALA A CA  1 
ATOM   300  C C   . ALA A 1 45 ? 6.547   14.685  -8.658  1.00 19.84 ? 37  ALA A C   1 
ATOM   301  O O   . ALA A 1 45 ? 6.812   15.874  -8.851  1.00 19.19 ? 37  ALA A O   1 
ATOM   302  C CB  . ALA A 1 45 ? 5.521   13.340  -10.499 1.00 19.40 ? 37  ALA A CB  1 
ATOM   303  N N   . ASP A 1 46 ? 6.022   14.231  -7.522  1.00 20.77 ? 38  ASP A N   1 
ATOM   304  C CA  . ASP A 1 46 ? 5.715   15.126  -6.411  1.00 22.28 ? 38  ASP A CA  1 
ATOM   305  C C   . ASP A 1 46 ? 6.939   15.880  -5.888  1.00 22.78 ? 38  ASP A C   1 
ATOM   306  O O   . ASP A 1 46 ? 6.819   17.025  -5.447  1.00 23.46 ? 38  ASP A O   1 
ATOM   307  C CB  . ASP A 1 46 ? 5.064   14.346  -5.268  1.00 23.54 ? 38  ASP A CB  1 
ATOM   308  C CG  . ASP A 1 46 ? 3.586   14.074  -5.506  1.00 25.92 ? 38  ASP A CG  1 
ATOM   309  O OD1 . ASP A 1 46 ? 2.973   14.749  -6.360  1.00 25.00 ? 38  ASP A OD1 1 
ATOM   310  O OD2 . ASP A 1 46 ? 3.036   13.183  -4.823  1.00 26.00 ? 38  ASP A OD2 1 
ATOM   311  N N   . THR A 1 47 ? 8.117   15.260  -5.933  1.00 20.69 ? 39  THR A N   1 
ATOM   312  C CA  . THR A 1 47 ? 9.317   15.939  -5.453  1.00 22.14 ? 39  THR A CA  1 
ATOM   313  C C   . THR A 1 47 ? 9.727   17.088  -6.373  1.00 22.39 ? 39  THR A C   1 
ATOM   314  O O   . THR A 1 47 ? 10.551  17.918  -5.997  1.00 25.37 ? 39  THR A O   1 
ATOM   315  C CB  . THR A 1 47 ? 10.531  14.985  -5.341  1.00 22.19 ? 39  THR A CB  1 
ATOM   316  O OG1 . THR A 1 47 ? 10.972  14.606  -6.652  1.00 20.47 ? 39  THR A OG1 1 
ATOM   317  C CG2 . THR A 1 47 ? 10.168  13.749  -4.532  1.00 21.41 ? 39  THR A CG2 1 
ATOM   318  N N   . LEU A 1 48 ? 9.148   17.146  -7.568  1.00 21.40 ? 40  LEU A N   1 
ATOM   319  C CA  . LEU A 1 48 ? 9.497   18.192  -8.521  1.00 21.63 ? 40  LEU A CA  1 
ATOM   320  C C   . LEU A 1 48 ? 8.534   19.380  -8.503  1.00 22.66 ? 40  LEU A C   1 
ATOM   321  O O   . LEU A 1 48 ? 8.755   20.367  -9.204  1.00 23.97 ? 40  LEU A O   1 
ATOM   322  C CB  . LEU A 1 48 ? 9.572   17.606  -9.939  1.00 20.10 ? 40  LEU A CB  1 
ATOM   323  C CG  . LEU A 1 48 ? 10.555  16.440  -10.127 1.00 20.59 ? 40  LEU A CG  1 
ATOM   324  C CD1 . LEU A 1 48 ? 10.616  16.043  -11.595 1.00 22.11 ? 40  LEU A CD1 1 
ATOM   325  C CD2 . LEU A 1 48 ? 11.941  16.847  -9.639  1.00 23.16 ? 40  LEU A CD2 1 
ATOM   326  N N   . LYS A 1 49 ? 7.480   19.285  -7.696  1.00 23.21 ? 41  LYS A N   1 
ATOM   327  C CA  . LYS A 1 49 ? 6.486   20.355  -7.616  1.00 25.06 ? 41  LYS A CA  1 
ATOM   328  C C   . LYS A 1 49 ? 7.026   21.645  -7.011  1.00 28.43 ? 41  LYS A C   1 
ATOM   329  O O   . LYS A 1 49 ? 6.620   22.741  -7.404  1.00 28.17 ? 41  LYS A O   1 
ATOM   330  C CB  . LYS A 1 49 ? 5.262   19.887  -6.821  1.00 27.19 ? 41  LYS A CB  1 
ATOM   331  C CG  . LYS A 1 49 ? 4.473   18.782  -7.508  1.00 26.10 ? 41  LYS A CG  1 
ATOM   332  C CD  . LYS A 1 49 ? 3.118   18.545  -6.852  1.00 30.57 ? 41  LYS A CD  1 
ATOM   333  C CE  . LYS A 1 49 ? 3.246   18.112  -5.400  1.00 33.29 ? 41  LYS A CE  1 
ATOM   334  N NZ  . LYS A 1 49 ? 1.903   17.945  -4.772  1.00 33.03 ? 41  LYS A NZ  1 
ATOM   335  N N   . LYS A 1 50 ? 7.943   21.517  -6.059  1.00 28.46 ? 42  LYS A N   1 
ATOM   336  C CA  . LYS A 1 50 ? 8.524   22.678  -5.397  1.00 31.84 ? 42  LYS A CA  1 
ATOM   337  C C   . LYS A 1 50 ? 9.134   23.661  -6.394  1.00 32.85 ? 42  LYS A C   1 
ATOM   338  O O   . LYS A 1 50 ? 8.953   24.874  -6.271  1.00 34.11 ? 42  LYS A O   1 
ATOM   339  C CB  . LYS A 1 50 ? 9.590   22.226  -4.395  1.00 35.41 ? 42  LYS A CB  1 
ATOM   340  C CG  . LYS A 1 50 ? 10.211  23.351  -3.573  1.00 40.97 ? 42  LYS A CG  1 
ATOM   341  C CD  . LYS A 1 50 ? 11.192  22.804  -2.538  1.00 44.45 ? 42  LYS A CD  1 
ATOM   342  C CE  . LYS A 1 50 ? 10.494  21.888  -1.538  1.00 47.40 ? 42  LYS A CE  1 
ATOM   343  N NZ  . LYS A 1 50 ? 11.431  21.322  -0.526  1.00 49.44 ? 42  LYS A NZ  1 
ATOM   344  N N   . ASP A 1 51 ? 9.842   23.139  -7.390  1.00 29.96 ? 43  ASP A N   1 
ATOM   345  C CA  . ASP A 1 51 ? 10.481  23.992  -8.383  1.00 32.17 ? 43  ASP A CA  1 
ATOM   346  C C   . ASP A 1 51 ? 9.743   24.087  -9.713  1.00 31.78 ? 43  ASP A C   1 
ATOM   347  O O   . ASP A 1 51 ? 10.029  24.976  -10.514 1.00 32.57 ? 43  ASP A O   1 
ATOM   348  C CB  . ASP A 1 51 ? 11.907  23.502  -8.645  1.00 35.50 ? 43  ASP A CB  1 
ATOM   349  C CG  . ASP A 1 51 ? 12.785  23.582  -7.415  1.00 37.97 ? 43  ASP A CG  1 
ATOM   350  O OD1 . ASP A 1 51 ? 12.916  24.688  -6.854  1.00 41.59 ? 43  ASP A OD1 1 
ATOM   351  O OD2 . ASP A 1 51 ? 13.345  22.542  -7.011  1.00 43.76 ? 43  ASP A OD2 1 
ATOM   352  N N   . ASN A 1 52 ? 8.789   23.191  -9.946  1.00 28.92 ? 44  ASN A N   1 
ATOM   353  C CA  . ASN A 1 52 ? 8.075   23.181  -11.218 1.00 29.72 ? 44  ASN A CA  1 
ATOM   354  C C   . ASN A 1 52 ? 6.560   23.347  -11.152 1.00 28.66 ? 44  ASN A C   1 
ATOM   355  O O   . ASN A 1 52 ? 5.887   23.364  -12.188 1.00 28.66 ? 44  ASN A O   1 
ATOM   356  C CB  . ASN A 1 52 ? 8.426   21.894  -11.961 1.00 28.75 ? 44  ASN A CB  1 
ATOM   357  C CG  . ASN A 1 52 ? 9.917   21.763  -12.206 1.00 31.48 ? 44  ASN A CG  1 
ATOM   358  O OD1 . ASN A 1 52 ? 10.480  22.456  -13.052 1.00 32.11 ? 44  ASN A OD1 1 
ATOM   359  N ND2 . ASN A 1 52 ? 10.570  20.884  -11.449 1.00 30.11 ? 44  ASN A ND2 1 
ATOM   360  N N   . GLY A 1 53 ? 6.021   23.463  -9.945  1.00 28.66 ? 45  GLY A N   1 
ATOM   361  C CA  . GLY A 1 53 ? 4.588   23.635  -9.797  1.00 28.86 ? 45  GLY A CA  1 
ATOM   362  C C   . GLY A 1 53 ? 3.810   22.333  -9.789  1.00 28.93 ? 45  GLY A C   1 
ATOM   363  O O   . GLY A 1 53 ? 4.392   21.245  -9.832  1.00 26.90 ? 45  GLY A O   1 
ATOM   364  N N   . GLU A 1 54 ? 2.486   22.450  -9.734  1.00 28.56 ? 46  GLU A N   1 
ATOM   365  C CA  . GLU A 1 54 ? 1.603   21.293  -9.712  1.00 27.34 ? 46  GLU A CA  1 
ATOM   366  C C   . GLU A 1 54 ? 1.613   20.578  -11.055 1.00 26.39 ? 46  GLU A C   1 
ATOM   367  O O   . GLU A 1 54 ? 1.938   21.175  -12.080 1.00 26.96 ? 46  GLU A O   1 
ATOM   368  C CB  . GLU A 1 54 ? 0.180   21.740  -9.376  1.00 31.38 ? 46  GLU A CB  1 
ATOM   369  C CG  . GLU A 1 54 ? 0.100   22.562  -8.101  1.00 37.24 ? 46  GLU A CG  1 
ATOM   370  C CD  . GLU A 1 54 ? 0.460   21.761  -6.865  1.00 42.78 ? 46  GLU A CD  1 
ATOM   371  O OE1 . GLU A 1 54 ? 0.451   20.516  -6.936  1.00 47.10 ? 46  GLU A OE1 1 
ATOM   372  O OE2 . GLU A 1 54 ? 0.739   22.378  -5.817  1.00 47.64 ? 46  GLU A OE2 1 
ATOM   373  N N   . TRP A 1 55 ? 1.254   19.299  -11.046 1.00 26.40 ? 47  TRP A N   1 
ATOM   374  C CA  . TRP A 1 55 ? 1.223   18.526  -12.278 1.00 25.10 ? 47  TRP A CA  1 
ATOM   375  C C   . TRP A 1 55 ? -0.110  17.839  -12.539 1.00 25.52 ? 47  TRP A C   1 
ATOM   376  O O   . TRP A 1 55 ? -0.934  17.664  -11.638 1.00 26.96 ? 47  TRP A O   1 
ATOM   377  C CB  . TRP A 1 55 ? 2.344   17.465  -12.290 1.00 25.31 ? 47  TRP A CB  1 
ATOM   378  C CG  . TRP A 1 55 ? 2.339   16.516  -11.113 1.00 23.40 ? 47  TRP A CG  1 
ATOM   379  C CD1 . TRP A 1 55 ? 3.086   16.620  -9.976  1.00 23.70 ? 47  TRP A CD1 1 
ATOM   380  C CD2 . TRP A 1 55 ? 1.540   15.330  -10.961 1.00 23.95 ? 47  TRP A CD2 1 
ATOM   381  N NE1 . TRP A 1 55 ? 2.803   15.576  -9.123  1.00 24.34 ? 47  TRP A NE1 1 
ATOM   382  C CE2 . TRP A 1 55 ? 1.859   14.771  -9.701  1.00 21.36 ? 47  TRP A CE2 1 
ATOM   383  C CE3 . TRP A 1 55 ? 0.585   14.687  -11.764 1.00 20.33 ? 47  TRP A CE3 1 
ATOM   384  C CZ2 . TRP A 1 55 ? 1.257   13.598  -9.223  1.00 22.32 ? 47  TRP A CZ2 1 
ATOM   385  C CZ3 . TRP A 1 55 ? -0.015  13.519  -11.286 1.00 25.32 ? 47  TRP A CZ3 1 
ATOM   386  C CH2 . TRP A 1 55 ? 0.326   12.990  -10.027 1.00 23.22 ? 47  TRP A CH2 1 
ATOM   387  N N   . THR A 1 56 ? -0.313  17.478  -13.801 1.00 25.91 ? 48  THR A N   1 
ATOM   388  C CA  . THR A 1 56 ? -1.497  16.758  -14.245 1.00 26.99 ? 48  THR A CA  1 
ATOM   389  C C   . THR A 1 56 ? -0.938  15.587  -15.043 1.00 26.50 ? 48  THR A C   1 
ATOM   390  O O   . THR A 1 56 ? 0.215   15.628  -15.486 1.00 25.96 ? 48  THR A O   1 
ATOM   391  C CB  . THR A 1 56 ? -2.396  17.614  -15.166 1.00 26.80 ? 48  THR A CB  1 
ATOM   392  O OG1 . THR A 1 56 ? -1.629  18.098  -16.276 1.00 31.65 ? 48  THR A OG1 1 
ATOM   393  C CG2 . THR A 1 56 ? -2.984  18.784  -14.396 1.00 29.99 ? 48  THR A CG2 1 
ATOM   394  N N   . VAL A 1 57 ? -1.735  14.543  -15.230 1.00 24.84 ? 49  VAL A N   1 
ATOM   395  C CA  . VAL A 1 57 ? -1.247  13.394  -15.967 1.00 24.48 ? 49  VAL A CA  1 
ATOM   396  C C   . VAL A 1 57 ? -2.211  12.816  -16.993 1.00 26.75 ? 49  VAL A C   1 
ATOM   397  O O   . VAL A 1 57 ? -3.436  12.884  -16.849 1.00 25.17 ? 49  VAL A O   1 
ATOM   398  C CB  . VAL A 1 57 ? -0.825  12.254  -14.999 1.00 24.53 ? 49  VAL A CB  1 
ATOM   399  C CG1 . VAL A 1 57 ? -2.030  11.773  -14.202 1.00 25.02 ? 49  VAL A CG1 1 
ATOM   400  C CG2 . VAL A 1 57 ? -0.210  11.099  -15.783 1.00 24.27 ? 49  VAL A CG2 1 
ATOM   401  N N   . ASP A 1 58 ? -1.619  12.261  -18.043 1.00 25.49 ? 50  ASP A N   1 
ATOM   402  C CA  . ASP A 1 58 ? -2.337  11.597  -19.111 1.00 26.66 ? 50  ASP A CA  1 
ATOM   403  C C   . ASP A 1 58 ? -1.683  10.227  -19.164 1.00 25.46 ? 50  ASP A C   1 
ATOM   404  O O   . ASP A 1 58 ? -0.498  10.108  -19.489 1.00 25.33 ? 50  ASP A O   1 
ATOM   405  C CB  . ASP A 1 58 ? -2.143  12.336  -20.433 1.00 30.02 ? 50  ASP A CB  1 
ATOM   406  C CG  . ASP A 1 58 ? -2.897  13.646  -20.474 1.00 37.30 ? 50  ASP A CG  1 
ATOM   407  O OD1 . ASP A 1 58 ? -4.142  13.610  -20.385 1.00 40.88 ? 50  ASP A OD1 1 
ATOM   408  O OD2 . ASP A 1 58 ? -2.251  14.710  -20.588 1.00 42.94 ? 50  ASP A OD2 1 
ATOM   409  N N   . VAL A 1 59 ? -2.452  9.203   -18.808 1.00 25.11 ? 51  VAL A N   1 
ATOM   410  C CA  . VAL A 1 59 ? -1.959  7.833   -18.796 1.00 25.80 ? 51  VAL A CA  1 
ATOM   411  C C   . VAL A 1 59 ? -2.027  7.229   -20.195 1.00 27.64 ? 51  VAL A C   1 
ATOM   412  O O   . VAL A 1 59 ? -3.077  7.248   -20.841 1.00 27.71 ? 51  VAL A O   1 
ATOM   413  C CB  . VAL A 1 59 ? -2.784  6.968   -17.823 1.00 24.55 ? 51  VAL A CB  1 
ATOM   414  C CG1 . VAL A 1 59 ? -2.201  5.573   -17.737 1.00 24.93 ? 51  VAL A CG1 1 
ATOM   415  C CG2 . VAL A 1 59 ? -2.813  7.625   -16.447 1.00 25.04 ? 51  VAL A CG2 1 
ATOM   416  N N   . ALA A 1 60 ? -0.903  6.689   -20.656 1.00 24.47 ? 52  ALA A N   1 
ATOM   417  C CA  . ALA A 1 60 ? -0.827  6.089   -21.985 1.00 25.23 ? 52  ALA A CA  1 
ATOM   418  C C   . ALA A 1 60 ? -0.222  4.690   -21.964 1.00 27.28 ? 52  ALA A C   1 
ATOM   419  O O   . ALA A 1 60 ? 0.184   4.186   -20.913 1.00 24.47 ? 52  ALA A O   1 
ATOM   420  C CB  . ALA A 1 60 ? -0.012  6.991   -22.913 1.00 26.41 ? 52  ALA A CB  1 
ATOM   421  N N   . ASP A 1 61 ? -0.164  4.071   -23.140 1.00 26.85 ? 53  ASP A N   1 
ATOM   422  C CA  . ASP A 1 61 ? 0.396   2.733   -23.296 1.00 29.70 ? 53  ASP A CA  1 
ATOM   423  C C   . ASP A 1 61 ? -0.129  1.720   -22.280 1.00 29.47 ? 53  ASP A C   1 
ATOM   424  O O   . ASP A 1 61 ? 0.642   0.988   -21.661 1.00 29.30 ? 53  ASP A O   1 
ATOM   425  C CB  . ASP A 1 61 ? 1.928   2.800   -23.234 1.00 30.50 ? 53  ASP A CB  1 
ATOM   426  C CG  . ASP A 1 61 ? 2.514   3.633   -24.360 1.00 34.25 ? 53  ASP A CG  1 
ATOM   427  O OD1 . ASP A 1 61 ? 2.167   3.369   -25.532 1.00 38.38 ? 53  ASP A OD1 1 
ATOM   428  O OD2 . ASP A 1 61 ? 3.319   4.548   -24.083 1.00 33.56 ? 53  ASP A OD2 1 
ATOM   429  N N   . LYS A 1 62 ? -1.452  1.680   -22.134 1.00 30.00 ? 54  LYS A N   1 
ATOM   430  C CA  . LYS A 1 62 ? -2.125  0.767   -21.213 1.00 31.75 ? 54  LYS A CA  1 
ATOM   431  C C   . LYS A 1 62 ? -1.701  0.958   -19.761 1.00 30.51 ? 54  LYS A C   1 
ATOM   432  O O   . LYS A 1 62 ? -1.776  0.022   -18.962 1.00 32.37 ? 54  LYS A O   1 
ATOM   433  C CB  . LYS A 1 62 ? -1.882  -0.692  -21.613 1.00 35.48 ? 54  LYS A CB  1 
ATOM   434  C CG  . LYS A 1 62 ? -2.245  -1.042  -23.050 1.00 42.02 ? 54  LYS A CG  1 
ATOM   435  C CD  . LYS A 1 62 ? -1.094  -0.748  -24.003 1.00 45.27 ? 54  LYS A CD  1 
ATOM   436  C CE  . LYS A 1 62 ? 0.154   -1.546  -23.630 1.00 47.99 ? 54  LYS A CE  1 
ATOM   437  N NZ  . LYS A 1 62 ? 1.311   -1.252  -24.526 1.00 49.33 ? 54  LYS A NZ  1 
ATOM   438  N N   . GLY A 1 63 ? -1.259  2.165   -19.424 1.00 26.14 ? 55  GLY A N   1 
ATOM   439  C CA  . GLY A 1 63 ? -0.846  2.445   -18.061 1.00 26.88 ? 55  GLY A CA  1 
ATOM   440  C C   . GLY A 1 63 ? 0.651   2.369   -17.817 1.00 23.32 ? 55  GLY A C   1 
ATOM   441  O O   . GLY A 1 63 ? 1.115   2.676   -16.720 1.00 26.15 ? 55  GLY A O   1 
ATOM   442  N N   . TYR A 1 64 ? 1.417   1.976   -18.827 1.00 23.47 ? 56  TYR A N   1 
ATOM   443  C CA  . TYR A 1 64 ? 2.862   1.872   -18.653 1.00 21.81 ? 56  TYR A CA  1 
ATOM   444  C C   . TYR A 1 64 ? 3.621   3.157   -18.939 1.00 21.61 ? 56  TYR A C   1 
ATOM   445  O O   . TYR A 1 64 ? 4.827   3.240   -18.707 1.00 20.40 ? 56  TYR A O   1 
ATOM   446  C CB  . TYR A 1 64 ? 3.415   0.726   -19.495 1.00 22.95 ? 56  TYR A CB  1 
ATOM   447  C CG  . TYR A 1 64 ? 2.914   -0.611  -19.012 1.00 23.33 ? 56  TYR A CG  1 
ATOM   448  C CD1 . TYR A 1 64 ? 1.644   -1.071  -19.366 1.00 24.09 ? 56  TYR A CD1 1 
ATOM   449  C CD2 . TYR A 1 64 ? 3.678   -1.389  -18.143 1.00 25.97 ? 56  TYR A CD2 1 
ATOM   450  C CE1 . TYR A 1 64 ? 1.146   -2.269  -18.864 1.00 26.69 ? 56  TYR A CE1 1 
ATOM   451  C CE2 . TYR A 1 64 ? 3.189   -2.589  -17.635 1.00 27.07 ? 56  TYR A CE2 1 
ATOM   452  C CZ  . TYR A 1 64 ? 1.924   -3.022  -17.999 1.00 27.25 ? 56  TYR A CZ  1 
ATOM   453  O OH  . TYR A 1 64 ? 1.433   -4.207  -17.497 1.00 31.07 ? 56  TYR A OH  1 
ATOM   454  N N   . THR A 1 65 ? 2.918   4.160   -19.449 1.00 19.85 ? 57  THR A N   1 
ATOM   455  C CA  . THR A 1 65 ? 3.539   5.447   -19.715 1.00 20.70 ? 57  THR A CA  1 
ATOM   456  C C   . THR A 1 65 ? 2.716   6.537   -19.045 1.00 21.67 ? 57  THR A C   1 
ATOM   457  O O   . THR A 1 65 ? 1.498   6.615   -19.231 1.00 22.89 ? 57  THR A O   1 
ATOM   458  C CB  . THR A 1 65 ? 3.623   5.749   -21.227 1.00 21.22 ? 57  THR A CB  1 
ATOM   459  O OG1 . THR A 1 65 ? 4.539   4.838   -21.847 1.00 24.80 ? 57  THR A OG1 1 
ATOM   460  C CG2 . THR A 1 65 ? 4.098   7.185   -21.456 1.00 22.60 ? 57  THR A CG2 1 
ATOM   461  N N   . LEU A 1 66 ? 3.381   7.363   -18.246 1.00 20.03 ? 58  LEU A N   1 
ATOM   462  C CA  . LEU A 1 66 ? 2.712   8.464   -17.571 1.00 18.74 ? 58  LEU A CA  1 
ATOM   463  C C   . LEU A 1 66 ? 3.259   9.775   -18.118 1.00 21.44 ? 58  LEU A C   1 
ATOM   464  O O   . LEU A 1 66 ? 4.427   10.104  -17.915 1.00 19.48 ? 58  LEU A O   1 
ATOM   465  C CB  . LEU A 1 66 ? 2.943   8.400   -16.056 1.00 21.29 ? 58  LEU A CB  1 
ATOM   466  C CG  . LEU A 1 66 ? 2.567   7.091   -15.354 1.00 20.21 ? 58  LEU A CG  1 
ATOM   467  C CD1 . LEU A 1 66 ? 2.933   7.185   -13.879 1.00 18.86 ? 58  LEU A CD1 1 
ATOM   468  C CD2 . LEU A 1 66 ? 1.079   6.812   -15.525 1.00 21.78 ? 58  LEU A CD2 1 
ATOM   469  N N   . ASN A 1 67 ? 2.423   10.510  -18.845 1.00 19.82 ? 59  ASN A N   1 
ATOM   470  C CA  . ASN A 1 67 ? 2.843   11.795  -19.381 1.00 22.43 ? 59  ASN A CA  1 
ATOM   471  C C   . ASN A 1 67 ? 2.416   12.828  -18.351 1.00 23.32 ? 59  ASN A C   1 
ATOM   472  O O   . ASN A 1 67 ? 1.247   13.207  -18.273 1.00 24.60 ? 59  ASN A O   1 
ATOM   473  C CB  . ASN A 1 67 ? 2.183   12.045  -20.736 1.00 22.95 ? 59  ASN A CB  1 
ATOM   474  C CG  . ASN A 1 67 ? 2.706   11.110  -21.804 1.00 23.67 ? 59  ASN A CG  1 
ATOM   475  O OD1 . ASN A 1 67 ? 3.919   10.971  -21.974 1.00 26.26 ? 59  ASN A OD1 1 
ATOM   476  N ND2 . ASN A 1 67 ? 1.800   10.465  -22.534 1.00 25.99 ? 59  ASN A ND2 1 
ATOM   477  N N   . ILE A 1 68 ? 3.388   13.254  -17.550 1.00 21.77 ? 60  ILE A N   1 
ATOM   478  C CA  . ILE A 1 68 ? 3.173   14.197  -16.467 1.00 22.49 ? 60  ILE A CA  1 
ATOM   479  C C   . ILE A 1 68 ? 3.617   15.607  -16.837 1.00 24.56 ? 60  ILE A C   1 
ATOM   480  O O   . ILE A 1 68 ? 4.803   15.862  -17.055 1.00 23.00 ? 60  ILE A O   1 
ATOM   481  C CB  . ILE A 1 68 ? 3.928   13.703  -15.211 1.00 21.76 ? 60  ILE A CB  1 
ATOM   482  C CG1 . ILE A 1 68 ? 3.417   12.306  -14.840 1.00 22.90 ? 60  ILE A CG1 1 
ATOM   483  C CG2 . ILE A 1 68 ? 3.739   14.674  -14.057 1.00 20.81 ? 60  ILE A CG2 1 
ATOM   484  C CD1 . ILE A 1 68 ? 4.180   11.637  -13.716 1.00 21.06 ? 60  ILE A CD1 1 
ATOM   485  N N   . LYS A 1 69 ? 2.652   16.522  -16.900 1.00 25.55 ? 61  LYS A N   1 
ATOM   486  C CA  . LYS A 1 69 ? 2.921   17.910  -17.261 1.00 25.14 ? 61  LYS A CA  1 
ATOM   487  C C   . LYS A 1 69 ? 2.824   18.860  -16.072 1.00 25.09 ? 61  LYS A C   1 
ATOM   488  O O   . LYS A 1 69 ? 1.816   18.883  -15.365 1.00 25.37 ? 61  LYS A O   1 
ATOM   489  C CB  . LYS A 1 69 ? 1.942   18.357  -18.353 1.00 29.74 ? 61  LYS A CB  1 
ATOM   490  C CG  . LYS A 1 69 ? 1.981   19.849  -18.672 1.00 34.25 ? 61  LYS A CG  1 
ATOM   491  C CD  . LYS A 1 69 ? 3.318   20.289  -19.263 1.00 39.57 ? 61  LYS A CD  1 
ATOM   492  C CE  . LYS A 1 69 ? 3.310   21.785  -19.561 1.00 42.01 ? 61  LYS A CE  1 
ATOM   493  N NZ  . LYS A 1 69 ? 4.525   22.243  -20.294 1.00 45.22 ? 61  LYS A NZ  1 
ATOM   494  N N   . PHE A 1 70 ? 3.874   19.648  -15.861 1.00 23.73 ? 62  PHE A N   1 
ATOM   495  C CA  . PHE A 1 70 ? 3.891   20.605  -14.761 1.00 25.66 ? 62  PHE A CA  1 
ATOM   496  C C   . PHE A 1 70 ? 3.429   21.973  -15.253 1.00 27.99 ? 62  PHE A C   1 
ATOM   497  O O   . PHE A 1 70 ? 3.771   22.394  -16.358 1.00 26.47 ? 62  PHE A O   1 
ATOM   498  C CB  . PHE A 1 70 ? 5.292   20.705  -14.154 1.00 25.34 ? 62  PHE A CB  1 
ATOM   499  C CG  . PHE A 1 70 ? 5.757   19.434  -13.496 1.00 24.37 ? 62  PHE A CG  1 
ATOM   500  C CD1 . PHE A 1 70 ? 6.159   18.345  -14.262 1.00 24.81 ? 62  PHE A CD1 1 
ATOM   501  C CD2 . PHE A 1 70 ? 5.771   19.322  -12.108 1.00 24.95 ? 62  PHE A CD2 1 
ATOM   502  C CE1 . PHE A 1 70 ? 6.573   17.155  -13.650 1.00 23.74 ? 62  PHE A CE1 1 
ATOM   503  C CE2 . PHE A 1 70 ? 6.183   18.138  -11.489 1.00 22.73 ? 62  PHE A CE2 1 
ATOM   504  C CZ  . PHE A 1 70 ? 6.584   17.056  -12.263 1.00 23.89 ? 62  PHE A CZ  1 
ATOM   505  N N   . ALA A 1 71 ? 2.654   22.661  -14.423 1.00 30.43 ? 63  ALA A N   1 
ATOM   506  C CA  . ALA A 1 71 ? 2.119   23.968  -14.783 1.00 35.45 ? 63  ALA A CA  1 
ATOM   507  C C   . ALA A 1 71 ? 3.024   25.126  -14.389 1.00 38.41 ? 63  ALA A C   1 
ATOM   508  O O   . ALA A 1 71 ? 4.110   24.930  -13.837 1.00 36.72 ? 63  ALA A O   1 
ATOM   509  C CB  . ALA A 1 71 ? 0.747   24.146  -14.149 1.00 36.45 ? 63  ALA A CB  1 
ATOM   510  N N   . GLY A 1 72 ? 2.565   26.337  -14.687 1.00 41.22 ? 64  GLY A N   1 
ATOM   511  C CA  . GLY A 1 72 ? 3.323   27.528  -14.352 1.00 48.36 ? 64  GLY A CA  1 
ATOM   512  C C   . GLY A 1 72 ? 3.884   28.247  -15.562 1.00 50.10 ? 64  GLY A C   1 
ATOM   513  O O   . GLY A 1 72 ? 5.109   28.496  -15.584 1.00 53.63 ? 64  GLY A O   1 
ATOM   514  O OXT . GLY A 1 72 ? 3.103   28.566  -16.483 1.00 52.95 ? 64  GLY A OXT 1 
ATOM   515  N N   . GLU B 1 10 ? 9.190   -19.848 -1.236  1.00 46.68 ? 2   GLU B N   1 
ATOM   516  C CA  . GLU B 1 10 ? 9.410   -18.743 -2.211  1.00 43.55 ? 2   GLU B CA  1 
ATOM   517  C C   . GLU B 1 10 ? 8.121   -17.975 -2.498  1.00 40.78 ? 2   GLU B C   1 
ATOM   518  O O   . GLU B 1 10 ? 7.810   -16.999 -1.814  1.00 39.31 ? 2   GLU B O   1 
ATOM   519  C CB  . GLU B 1 10 ? 9.993   -19.292 -3.520  1.00 46.78 ? 2   GLU B CB  1 
ATOM   520  C CG  . GLU B 1 10 ? 9.264   -20.505 -4.088  1.00 51.89 ? 2   GLU B CG  1 
ATOM   521  C CD  . GLU B 1 10 ? 9.789   -21.818 -3.536  1.00 55.26 ? 2   GLU B CD  1 
ATOM   522  O OE1 . GLU B 1 10 ? 9.864   -21.965 -2.297  1.00 56.83 ? 2   GLU B OE1 1 
ATOM   523  O OE2 . GLU B 1 10 ? 10.127  -22.708 -4.346  1.00 58.82 ? 2   GLU B OE2 1 
ATOM   524  N N   . GLU B 1 11 ? 7.369   -18.416 -3.499  1.00 36.09 ? 3   GLU B N   1 
ATOM   525  C CA  . GLU B 1 11 ? 6.129   -17.734 -3.855  1.00 31.05 ? 3   GLU B CA  1 
ATOM   526  C C   . GLU B 1 11 ? 4.940   -18.179 -3.015  1.00 28.12 ? 3   GLU B C   1 
ATOM   527  O O   . GLU B 1 11 ? 4.846   -19.333 -2.587  1.00 27.00 ? 3   GLU B O   1 
ATOM   528  C CB  . GLU B 1 11 ? 5.804   -17.947 -5.336  1.00 35.86 ? 3   GLU B CB  1 
ATOM   529  C CG  . GLU B 1 11 ? 5.543   -19.391 -5.707  1.00 44.39 ? 3   GLU B CG  1 
ATOM   530  C CD  . GLU B 1 11 ? 5.108   -19.555 -7.152  1.00 49.00 ? 3   GLU B CD  1 
ATOM   531  O OE1 . GLU B 1 11 ? 5.006   -18.533 -7.866  1.00 49.77 ? 3   GLU B OE1 1 
ATOM   532  O OE2 . GLU B 1 11 ? 4.868   -20.709 -7.571  1.00 52.59 ? 3   GLU B OE2 1 
ATOM   533  N N   . VAL B 1 12 ? 4.030   -17.243 -2.787  1.00 19.73 ? 4   VAL B N   1 
ATOM   534  C CA  . VAL B 1 12 ? 2.823   -17.499 -2.018  1.00 17.85 ? 4   VAL B CA  1 
ATOM   535  C C   . VAL B 1 12 ? 1.687   -16.819 -2.768  1.00 17.63 ? 4   VAL B C   1 
ATOM   536  O O   . VAL B 1 12 ? 1.923   -16.084 -3.727  1.00 18.57 ? 4   VAL B O   1 
ATOM   537  C CB  . VAL B 1 12 ? 2.901   -16.872 -0.592  1.00 16.91 ? 4   VAL B CB  1 
ATOM   538  C CG1 . VAL B 1 12 ? 4.086   -17.431 0.166   1.00 18.26 ? 4   VAL B CG1 1 
ATOM   539  C CG2 . VAL B 1 12 ? 3.016   -15.351 -0.689  1.00 16.98 ? 4   VAL B CG2 1 
ATOM   540  N N   . THR B 1 13 ? 0.456   -17.085 -2.353  1.00 16.37 ? 5   THR B N   1 
ATOM   541  C CA  . THR B 1 13 ? -0.687  -16.424 -2.966  1.00 17.81 ? 5   THR B CA  1 
ATOM   542  C C   . THR B 1 13 ? -1.437  -15.741 -1.844  1.00 18.97 ? 5   THR B C   1 
ATOM   543  O O   . THR B 1 13 ? -1.893  -16.393 -0.900  1.00 19.17 ? 5   THR B O   1 
ATOM   544  C CB  . THR B 1 13 ? -1.644  -17.406 -3.680  1.00 21.18 ? 5   THR B CB  1 
ATOM   545  O OG1 . THR B 1 13 ? -0.979  -17.997 -4.802  1.00 23.39 ? 5   THR B OG1 1 
ATOM   546  C CG2 . THR B 1 13 ? -2.883  -16.664 -4.183  1.00 22.51 ? 5   THR B CG2 1 
ATOM   547  N N   . ILE B 1 14 ? -1.535  -14.418 -1.938  1.00 17.57 ? 6   ILE B N   1 
ATOM   548  C CA  . ILE B 1 14 ? -2.245  -13.630 -0.941  1.00 18.81 ? 6   ILE B CA  1 
ATOM   549  C C   . ILE B 1 14 ? -3.615  -13.266 -1.501  1.00 19.24 ? 6   ILE B C   1 
ATOM   550  O O   . ILE B 1 14 ? -3.717  -12.734 -2.601  1.00 18.58 ? 6   ILE B O   1 
ATOM   551  C CB  . ILE B 1 14 ? -1.489  -12.323 -0.628  1.00 17.42 ? 6   ILE B CB  1 
ATOM   552  C CG1 . ILE B 1 14 ? -0.087  -12.640 -0.104  1.00 19.44 ? 6   ILE B CG1 1 
ATOM   553  C CG2 . ILE B 1 14 ? -2.283  -11.485 0.393   1.00 17.70 ? 6   ILE B CG2 1 
ATOM   554  C CD1 . ILE B 1 14 ? -0.074  -13.506 1.139   1.00 22.75 ? 6   ILE B CD1 1 
ATOM   555  N N   . LYS B 1 15 ? -4.667  -13.561 -0.747  1.00 17.22 ? 7   LYS B N   1 
ATOM   556  C CA  . LYS B 1 15 ? -6.017  -13.249 -1.193  1.00 18.55 ? 7   LYS B CA  1 
ATOM   557  C C   . LYS B 1 15 ? -6.508  -11.983 -0.507  1.00 17.79 ? 7   LYS B C   1 
ATOM   558  O O   . LYS B 1 15 ? -6.439  -11.868 0.712   1.00 20.39 ? 7   LYS B O   1 
ATOM   559  C CB  . LYS B 1 15 ? -6.965  -14.404 -0.858  1.00 22.24 ? 7   LYS B CB  1 
ATOM   560  C CG  . LYS B 1 15 ? -8.412  -14.150 -1.239  1.00 28.26 ? 7   LYS B CG  1 
ATOM   561  C CD  . LYS B 1 15 ? -9.319  -15.294 -0.795  1.00 33.45 ? 7   LYS B CD  1 
ATOM   562  C CE  . LYS B 1 15 ? -10.769 -15.026 -1.180  1.00 39.37 ? 7   LYS B CE  1 
ATOM   563  N NZ  . LYS B 1 15 ? -11.689 -16.093 -0.681  1.00 42.99 ? 7   LYS B NZ  1 
ATOM   564  N N   . ALA B 1 16 ? -6.993  -11.030 -1.293  1.00 16.90 ? 8   ALA B N   1 
ATOM   565  C CA  . ALA B 1 16 ? -7.530  -9.805  -0.722  1.00 18.51 ? 8   ALA B CA  1 
ATOM   566  C C   . ALA B 1 16 ? -9.030  -9.794  -0.953  1.00 19.24 ? 8   ALA B C   1 
ATOM   567  O O   . ALA B 1 16 ? -9.491  -10.032 -2.068  1.00 19.76 ? 8   ALA B O   1 
ATOM   568  C CB  . ALA B 1 16 ? -6.905  -8.582  -1.381  1.00 19.15 ? 8   ALA B CB  1 
ATOM   569  N N   . ASN B 1 17 ? -9.785  -9.571  0.112   1.00 17.66 ? 9   ASN B N   1 
ATOM   570  C CA  . ASN B 1 17 ? -11.232 -9.458  0.005   1.00 19.27 ? 9   ASN B CA  1 
ATOM   571  C C   . ASN B 1 17 ? -11.490 -7.965  0.113   1.00 19.83 ? 9   ASN B C   1 
ATOM   572  O O   . ASN B 1 17 ? -11.234 -7.365  1.160   1.00 19.30 ? 9   ASN B O   1 
ATOM   573  C CB  . ASN B 1 17 ? -11.940 -10.182 1.151   1.00 21.93 ? 9   ASN B CB  1 
ATOM   574  C CG  . ASN B 1 17 ? -11.900 -11.685 1.001   1.00 23.69 ? 9   ASN B CG  1 
ATOM   575  O OD1 . ASN B 1 17 ? -12.203 -12.215 -0.069  1.00 28.66 ? 9   ASN B OD1 1 
ATOM   576  N ND2 . ASN B 1 17 ? -11.538 -12.384 2.071   1.00 24.08 ? 9   ASN B ND2 1 
ATOM   577  N N   . LEU B 1 18 ? -11.968 -7.362  -0.972  1.00 18.76 ? 10  LEU B N   1 
ATOM   578  C CA  . LEU B 1 18 ? -12.260 -5.933  -0.984  1.00 21.60 ? 10  LEU B CA  1 
ATOM   579  C C   . LEU B 1 18 ? -13.700 -5.794  -0.509  1.00 21.65 ? 10  LEU B C   1 
ATOM   580  O O   . LEU B 1 18 ? -14.637 -6.181  -1.205  1.00 25.01 ? 10  LEU B O   1 
ATOM   581  C CB  . LEU B 1 18 ? -12.096 -5.378  -2.397  1.00 21.10 ? 10  LEU B CB  1 
ATOM   582  C CG  . LEU B 1 18 ? -10.759 -5.742  -3.057  1.00 26.89 ? 10  LEU B CG  1 
ATOM   583  C CD1 . LEU B 1 18 ? -10.717 -5.198  -4.477  1.00 29.97 ? 10  LEU B CD1 1 
ATOM   584  C CD2 . LEU B 1 18 ? -9.607  -5.192  -2.227  1.00 22.42 ? 10  LEU B CD2 1 
ATOM   585  N N   . ILE B 1 19 ? -13.857 -5.245  0.688   1.00 18.24 ? 11  ILE B N   1 
ATOM   586  C CA  . ILE B 1 19 ? -15.164 -5.092  1.312   1.00 18.07 ? 11  ILE B CA  1 
ATOM   587  C C   . ILE B 1 19 ? -15.594 -3.633  1.282   1.00 17.77 ? 11  ILE B C   1 
ATOM   588  O O   . ILE B 1 19 ? -15.100 -2.813  2.056   1.00 17.93 ? 11  ILE B O   1 
ATOM   589  C CB  . ILE B 1 19 ? -15.077 -5.603  2.754   1.00 19.47 ? 11  ILE B CB  1 
ATOM   590  C CG1 . ILE B 1 19 ? -14.496 -7.020  2.734   1.00 21.17 ? 11  ILE B CG1 1 
ATOM   591  C CG2 . ILE B 1 19 ? -16.450 -5.574  3.419   1.00 19.29 ? 11  ILE B CG2 1 
ATOM   592  C CD1 . ILE B 1 19 ? -14.105 -7.548  4.093   1.00 21.62 ? 11  ILE B CD1 1 
ATOM   593  N N   . PHE B 1 20 ? -16.529 -3.313  0.393   1.00 15.74 ? 12  PHE B N   1 
ATOM   594  C CA  . PHE B 1 20 ? -16.972 -1.937  0.248   1.00 17.18 ? 12  PHE B CA  1 
ATOM   595  C C   . PHE B 1 20 ? -18.145 -1.546  1.133   1.00 16.69 ? 12  PHE B C   1 
ATOM   596  O O   . PHE B 1 20 ? -18.943 -2.389  1.542   1.00 18.62 ? 12  PHE B O   1 
ATOM   597  C CB  . PHE B 1 20 ? -17.274 -1.663  -1.225  1.00 18.45 ? 12  PHE B CB  1 
ATOM   598  C CG  . PHE B 1 20 ? -16.100 -1.930  -2.130  1.00 20.96 ? 12  PHE B CG  1 
ATOM   599  C CD1 . PHE B 1 20 ? -15.052 -1.017  -2.215  1.00 19.04 ? 12  PHE B CD1 1 
ATOM   600  C CD2 . PHE B 1 20 ? -16.017 -3.112  -2.858  1.00 21.30 ? 12  PHE B CD2 1 
ATOM   601  C CE1 . PHE B 1 20 ? -13.935 -1.280  -3.012  1.00 19.62 ? 12  PHE B CE1 1 
ATOM   602  C CE2 . PHE B 1 20 ? -14.901 -3.385  -3.660  1.00 23.09 ? 12  PHE B CE2 1 
ATOM   603  C CZ  . PHE B 1 20 ? -13.859 -2.463  -3.735  1.00 20.89 ? 12  PHE B CZ  1 
ATOM   604  N N   . ALA B 1 21 ? -18.225 -0.255  1.435   1.00 18.09 ? 13  ALA B N   1 
ATOM   605  C CA  . ALA B 1 21 ? -19.272 0.286   2.291   1.00 20.04 ? 13  ALA B CA  1 
ATOM   606  C C   . ALA B 1 21 ? -20.668 0.048   1.742   1.00 20.48 ? 13  ALA B C   1 
ATOM   607  O O   . ALA B 1 21 ? -21.642 0.024   2.503   1.00 22.13 ? 13  ALA B O   1 
ATOM   608  C CB  . ALA B 1 21 ? -19.043 1.778   2.500   1.00 22.52 ? 13  ALA B CB  1 
ATOM   609  N N   . ASN B 1 22 ? -20.770 -0.127  0.428   1.00 17.12 ? 14  ASN B N   1 
ATOM   610  C CA  . ASN B 1 22 ? -22.075 -0.355  -0.186  1.00 17.59 ? 14  ASN B CA  1 
ATOM   611  C C   . ASN B 1 22 ? -22.557 -1.802  -0.075  1.00 17.94 ? 14  ASN B C   1 
ATOM   612  O O   . ASN B 1 22 ? -23.642 -2.134  -0.552  1.00 16.29 ? 14  ASN B O   1 
ATOM   613  C CB  . ASN B 1 22 ? -22.062 0.088   -1.652  1.00 19.29 ? 14  ASN B CB  1 
ATOM   614  C CG  . ASN B 1 22 ? -21.085 -0.701  -2.497  1.00 17.98 ? 14  ASN B CG  1 
ATOM   615  O OD1 . ASN B 1 22 ? -20.459 -1.649  -2.026  1.00 17.43 ? 14  ASN B OD1 1 
ATOM   616  N ND2 . ASN B 1 22 ? -20.953 -0.311  -3.760  1.00 20.85 ? 14  ASN B ND2 1 
ATOM   617  N N   . GLY B 1 23 ? -21.756 -2.659  0.552   1.00 17.51 ? 15  GLY B N   1 
ATOM   618  C CA  . GLY B 1 23 ? -22.154 -4.052  0.720   1.00 17.85 ? 15  GLY B CA  1 
ATOM   619  C C   . GLY B 1 23 ? -21.561 -5.017  -0.284  1.00 18.45 ? 15  GLY B C   1 
ATOM   620  O O   . GLY B 1 23 ? -21.728 -6.237  -0.163  1.00 19.45 ? 15  GLY B O   1 
ATOM   621  N N   . SER B 1 24 ? -20.866 -4.471  -1.276  1.00 17.79 ? 16  SER B N   1 
ATOM   622  C CA  . SER B 1 24 ? -20.230 -5.267  -2.310  1.00 18.65 ? 16  SER B CA  1 
ATOM   623  C C   . SER B 1 24 ? -18.924 -5.843  -1.789  1.00 21.41 ? 16  SER B C   1 
ATOM   624  O O   . SER B 1 24 ? -18.182 -5.169  -1.078  1.00 20.03 ? 16  SER B O   1 
ATOM   625  C CB  . SER B 1 24 ? -19.938 -4.397  -3.536  1.00 21.39 ? 16  SER B CB  1 
ATOM   626  O OG  . SER B 1 24 ? -19.189 -5.112  -4.506  1.00 25.55 ? 16  SER B OG  1 
ATOM   627  N N   . THR B 1 25 ? -18.658 -7.094  -2.138  1.00 24.10 ? 17  THR B N   1 
ATOM   628  C CA  . THR B 1 25 ? -17.428 -7.752  -1.728  1.00 27.67 ? 17  THR B CA  1 
ATOM   629  C C   . THR B 1 25 ? -16.773 -8.352  -2.966  1.00 28.31 ? 17  THR B C   1 
ATOM   630  O O   . THR B 1 25 ? -17.330 -9.258  -3.589  1.00 31.06 ? 17  THR B O   1 
ATOM   631  C CB  . THR B 1 25 ? -17.701 -8.864  -0.691  1.00 29.04 ? 17  THR B CB  1 
ATOM   632  O OG1 . THR B 1 25 ? -18.710 -9.756  -1.191  1.00 36.80 ? 17  THR B OG1 1 
ATOM   633  C CG2 . THR B 1 25 ? -18.170 -8.258  0.628   1.00 28.45 ? 17  THR B CG2 1 
ATOM   634  N N   . GLN B 1 26 ? -15.607 -7.825  -3.329  1.00 27.50 ? 18  GLN B N   1 
ATOM   635  C CA  . GLN B 1 26 ? -14.864 -8.311  -4.489  1.00 28.11 ? 18  GLN B CA  1 
ATOM   636  C C   . GLN B 1 26 ? -13.608 -9.026  -4.004  1.00 28.25 ? 18  GLN B C   1 
ATOM   637  O O   . GLN B 1 26 ? -13.196 -8.857  -2.858  1.00 25.41 ? 18  GLN B O   1 
ATOM   638  C CB  . GLN B 1 26 ? -14.474 -7.145  -5.408  1.00 31.69 ? 18  GLN B CB  1 
ATOM   639  C CG  . GLN B 1 26 ? -15.658 -6.373  -5.992  1.00 38.75 ? 18  GLN B CG  1 
ATOM   640  C CD  . GLN B 1 26 ? -15.228 -5.204  -6.872  1.00 42.92 ? 18  GLN B CD  1 
ATOM   641  O OE1 . GLN B 1 26 ? -16.065 -4.455  -7.386  1.00 43.05 ? 18  GLN B OE1 1 
ATOM   642  N NE2 . GLN B 1 26 ? -13.918 -5.043  -7.047  1.00 42.63 ? 18  GLN B NE2 1 
ATOM   643  N N   . THR B 1 27 ? -13.006 -9.832  -4.871  1.00 24.18 ? 19  THR B N   1 
ATOM   644  C CA  . THR B 1 27 ? -11.807 -10.562 -4.496  1.00 22.36 ? 19  THR B CA  1 
ATOM   645  C C   . THR B 1 27 ? -10.679 -10.331 -5.486  1.00 24.60 ? 19  THR B C   1 
ATOM   646  O O   . THR B 1 27 ? -10.912 -10.097 -6.676  1.00 26.01 ? 19  THR B O   1 
ATOM   647  C CB  . THR B 1 27 ? -12.073 -12.074 -4.426  1.00 25.19 ? 19  THR B CB  1 
ATOM   648  O OG1 . THR B 1 27 ? -12.379 -12.565 -5.738  1.00 29.97 ? 19  THR B OG1 1 
ATOM   649  C CG2 . THR B 1 27 ? -13.242 -12.363 -3.502  1.00 24.82 ? 19  THR B CG2 1 
ATOM   650  N N   . ALA B 1 28 ? -9.452  -10.396 -4.983  1.00 20.07 ? 20  ALA B N   1 
ATOM   651  C CA  . ALA B 1 28 ? -8.267  -10.215 -5.809  1.00 20.68 ? 20  ALA B CA  1 
ATOM   652  C C   . ALA B 1 28 ? -7.164  -11.085 -5.231  1.00 23.48 ? 20  ALA B C   1 
ATOM   653  O O   . ALA B 1 28 ? -7.021  -11.179 -4.012  1.00 26.70 ? 20  ALA B O   1 
ATOM   654  C CB  . ALA B 1 28 ? -7.833  -8.756  -5.802  1.00 21.86 ? 20  ALA B CB  1 
ATOM   655  N N   . GLU B 1 29 ? -6.389  -11.724 -6.100  1.00 20.85 ? 21  GLU B N   1 
ATOM   656  C CA  . GLU B 1 29 ? -5.303  -12.571 -5.639  1.00 20.46 ? 21  GLU B CA  1 
ATOM   657  C C   . GLU B 1 29 ? -3.970  -12.066 -6.170  1.00 19.46 ? 21  GLU B C   1 
ATOM   658  O O   . GLU B 1 29 ? -3.877  -11.598 -7.306  1.00 20.55 ? 21  GLU B O   1 
ATOM   659  C CB  . GLU B 1 29 ? -5.529  -14.022 -6.078  1.00 26.59 ? 21  GLU B CB  1 
ATOM   660  C CG  . GLU B 1 29 ? -6.698  -14.692 -5.369  1.00 34.04 ? 21  GLU B CG  1 
ATOM   661  C CD  . GLU B 1 29 ? -6.797  -16.179 -5.658  1.00 38.76 ? 21  GLU B CD  1 
ATOM   662  O OE1 . GLU B 1 29 ? -5.982  -16.695 -6.453  1.00 37.66 ? 21  GLU B OE1 1 
ATOM   663  O OE2 . GLU B 1 29 ? -7.692  -16.833 -5.085  1.00 43.85 ? 21  GLU B OE2 1 
ATOM   664  N N   . PHE B 1 30 ? -2.941  -12.158 -5.333  1.00 17.34 ? 22  PHE B N   1 
ATOM   665  C CA  . PHE B 1 30 ? -1.606  -11.710 -5.694  1.00 15.78 ? 22  PHE B CA  1 
ATOM   666  C C   . PHE B 1 30 ? -0.605  -12.819 -5.405  1.00 17.71 ? 22  PHE B C   1 
ATOM   667  O O   . PHE B 1 30 ? -0.418  -13.207 -4.255  1.00 16.70 ? 22  PHE B O   1 
ATOM   668  C CB  . PHE B 1 30 ? -1.241  -10.449 -4.899  1.00 17.15 ? 22  PHE B CB  1 
ATOM   669  C CG  . PHE B 1 30 ? -2.219  -9.317  -5.080  1.00 17.01 ? 22  PHE B CG  1 
ATOM   670  C CD1 . PHE B 1 30 ? -3.437  -9.311  -4.402  1.00 16.54 ? 22  PHE B CD1 1 
ATOM   671  C CD2 . PHE B 1 30 ? -1.936  -8.276  -5.964  1.00 19.62 ? 22  PHE B CD2 1 
ATOM   672  C CE1 . PHE B 1 30 ? -4.367  -8.283  -4.603  1.00 19.89 ? 22  PHE B CE1 1 
ATOM   673  C CE2 . PHE B 1 30 ? -2.856  -7.243  -6.174  1.00 17.83 ? 22  PHE B CE2 1 
ATOM   674  C CZ  . PHE B 1 30 ? -4.075  -7.249  -5.493  1.00 16.81 ? 22  PHE B CZ  1 
ATOM   675  N N   . LYS B 1 31 ? 0.031   -13.329 -6.456  1.00 16.54 ? 23  LYS B N   1 
ATOM   676  C CA  . LYS B 1 31 ? 0.999   -14.404 -6.306  1.00 17.67 ? 23  LYS B CA  1 
ATOM   677  C C   . LYS B 1 31 ? 2.429   -13.919 -6.526  1.00 19.89 ? 23  LYS B C   1 
ATOM   678  O O   . LYS B 1 31 ? 2.759   -13.361 -7.576  1.00 19.86 ? 23  LYS B O   1 
ATOM   679  C CB  . LYS B 1 31 ? 0.688   -15.534 -7.290  1.00 20.35 ? 23  LYS B CB  1 
ATOM   680  C CG  . LYS B 1 31 ? 1.592   -16.747 -7.131  1.00 24.21 ? 23  LYS B CG  1 
ATOM   681  C CD  . LYS B 1 31 ? 1.207   -17.862 -8.097  1.00 30.05 ? 23  LYS B CD  1 
ATOM   682  C CE  . LYS B 1 31 ? 2.097   -19.082 -7.906  1.00 35.44 ? 23  LYS B CE  1 
ATOM   683  N NZ  . LYS B 1 31 ? 1.823   -20.150 -8.914  1.00 40.15 ? 23  LYS B NZ  1 
ATOM   684  N N   . GLY B 1 32 ? 3.274   -14.160 -5.533  1.00 17.73 ? 24  GLY B N   1 
ATOM   685  C CA  . GLY B 1 32 ? 4.665   -13.755 -5.608  1.00 18.87 ? 24  GLY B CA  1 
ATOM   686  C C   . GLY B 1 32 ? 5.278   -13.956 -4.239  1.00 17.25 ? 24  GLY B C   1 
ATOM   687  O O   . GLY B 1 32 ? 4.759   -14.743 -3.450  1.00 18.76 ? 24  GLY B O   1 
ATOM   688  N N   . THR B 1 33 ? 6.381   -13.278 -3.946  1.00 16.33 ? 25  THR B N   1 
ATOM   689  C CA  . THR B 1 33 ? 6.976   -13.431 -2.624  1.00 16.81 ? 25  THR B CA  1 
ATOM   690  C C   . THR B 1 33 ? 5.982   -12.798 -1.657  1.00 16.55 ? 25  THR B C   1 
ATOM   691  O O   . THR B 1 33 ? 5.163   -11.962 -2.060  1.00 17.18 ? 25  THR B O   1 
ATOM   692  C CB  . THR B 1 33 ? 8.344   -12.716 -2.497  1.00 18.92 ? 25  THR B CB  1 
ATOM   693  O OG1 . THR B 1 33 ? 8.170   -11.299 -2.610  1.00 16.81 ? 25  THR B OG1 1 
ATOM   694  C CG2 . THR B 1 33 ? 9.300   -13.194 -3.586  1.00 21.98 ? 25  THR B CG2 1 
ATOM   695  N N   . PHE B 1 34 ? 6.045   -13.189 -0.388  1.00 14.40 ? 26  PHE B N   1 
ATOM   696  C CA  . PHE B 1 34 ? 5.113   -12.646 0.598   1.00 14.97 ? 26  PHE B CA  1 
ATOM   697  C C   . PHE B 1 34 ? 5.170   -11.118 0.606   1.00 15.71 ? 26  PHE B C   1 
ATOM   698  O O   . PHE B 1 34 ? 4.126   -10.453 0.623   1.00 16.21 ? 26  PHE B O   1 
ATOM   699  C CB  . PHE B 1 34 ? 5.436   -13.190 1.996   1.00 17.68 ? 26  PHE B CB  1 
ATOM   700  C CG  . PHE B 1 34 ? 4.368   -12.906 3.016   1.00 18.23 ? 26  PHE B CG  1 
ATOM   701  C CD1 . PHE B 1 34 ? 4.349   -11.694 3.703   1.00 18.56 ? 26  PHE B CD1 1 
ATOM   702  C CD2 . PHE B 1 34 ? 3.371   -13.844 3.279   1.00 16.98 ? 26  PHE B CD2 1 
ATOM   703  C CE1 . PHE B 1 34 ? 3.348   -11.421 4.643   1.00 14.54 ? 26  PHE B CE1 1 
ATOM   704  C CE2 . PHE B 1 34 ? 2.367   -13.581 4.219   1.00 17.24 ? 26  PHE B CE2 1 
ATOM   705  C CZ  . PHE B 1 34 ? 2.362   -12.359 4.902   1.00 17.01 ? 26  PHE B CZ  1 
ATOM   706  N N   . GLU B 1 35 ? 6.376   -10.558 0.581   1.00 14.75 ? 27  GLU B N   1 
ATOM   707  C CA  . GLU B 1 35 ? 6.493   -9.105  0.581   1.00 15.11 ? 27  GLU B CA  1 
ATOM   708  C C   . GLU B 1 35 ? 5.926   -8.479  -0.683  1.00 16.48 ? 27  GLU B C   1 
ATOM   709  O O   . GLU B 1 35 ? 5.120   -7.546  -0.616  1.00 14.54 ? 27  GLU B O   1 
ATOM   710  C CB  . GLU B 1 35 ? 7.944   -8.642  0.732   1.00 14.63 ? 27  GLU B CB  1 
ATOM   711  C CG  . GLU B 1 35 ? 8.034   -7.119  0.611   1.00 14.31 ? 27  GLU B CG  1 
ATOM   712  C CD  . GLU B 1 35 ? 9.405   -6.546  0.894   1.00 15.56 ? 27  GLU B CD  1 
ATOM   713  O OE1 . GLU B 1 35 ? 10.306  -7.301  1.314   1.00 18.72 ? 27  GLU B OE1 1 
ATOM   714  O OE2 . GLU B 1 35 ? 9.567   -5.319  0.697   1.00 15.29 ? 27  GLU B OE2 1 
ATOM   715  N N   . LYS B 1 36 ? 6.352   -8.979  -1.839  1.00 15.58 ? 28  LYS B N   1 
ATOM   716  C CA  . LYS B 1 36 ? 5.867   -8.405  -3.086  1.00 15.83 ? 28  LYS B CA  1 
ATOM   717  C C   . LYS B 1 36 ? 4.349   -8.484  -3.223  1.00 15.49 ? 28  LYS B C   1 
ATOM   718  O O   . LYS B 1 36 ? 3.713   -7.503  -3.621  1.00 15.77 ? 28  LYS B O   1 
ATOM   719  C CB  . LYS B 1 36 ? 6.569   -9.070  -4.280  1.00 16.39 ? 28  LYS B CB  1 
ATOM   720  C CG  . LYS B 1 36 ? 8.002   -8.555  -4.443  1.00 21.73 ? 28  LYS B CG  1 
ATOM   721  C CD  . LYS B 1 36 ? 8.710   -9.132  -5.654  1.00 25.87 ? 28  LYS B CD  1 
ATOM   722  C CE  . LYS B 1 36 ? 10.029  -8.404  -5.895  1.00 31.49 ? 28  LYS B CE  1 
ATOM   723  N NZ  . LYS B 1 36 ? 10.919  -8.493  -4.710  1.00 37.55 ? 28  LYS B NZ  1 
ATOM   724  N N   . ALA B 1 37 ? 3.764   -9.628  -2.877  1.00 14.82 ? 29  ALA B N   1 
ATOM   725  C CA  . ALA B 1 37 ? 2.316   -9.794  -2.986  1.00 16.14 ? 29  ALA B CA  1 
ATOM   726  C C   . ALA B 1 37 ? 1.568   -8.883  -2.015  1.00 17.01 ? 29  ALA B C   1 
ATOM   727  O O   . ALA B 1 37 ? 0.571   -8.254  -2.375  1.00 15.95 ? 29  ALA B O   1 
ATOM   728  C CB  . ALA B 1 37 ? 1.932   -11.268 -2.745  1.00 14.58 ? 29  ALA B CB  1 
ATOM   729  N N   . THR B 1 38 ? 2.059   -8.806  -0.785  1.00 13.93 ? 30  THR B N   1 
ATOM   730  C CA  . THR B 1 38 ? 1.428   -7.972  0.232   1.00 14.43 ? 30  THR B CA  1 
ATOM   731  C C   . THR B 1 38 ? 1.492   -6.486  -0.127  1.00 14.52 ? 30  THR B C   1 
ATOM   732  O O   . THR B 1 38 ? 0.478   -5.788  -0.072  1.00 14.68 ? 30  THR B O   1 
ATOM   733  C CB  . THR B 1 38 ? 2.073   -8.234  1.608   1.00 15.37 ? 30  THR B CB  1 
ATOM   734  O OG1 . THR B 1 38 ? 1.831   -9.600  1.979   1.00 16.51 ? 30  THR B OG1 1 
ATOM   735  C CG2 . THR B 1 38 ? 1.477   -7.319  2.675   1.00 17.55 ? 30  THR B CG2 1 
ATOM   736  N N   . SER B 1 39 ? 2.669   -6.004  -0.512  1.00 14.67 ? 31  SER B N   1 
ATOM   737  C CA  . SER B 1 39 ? 2.815   -4.597  -0.875  1.00 15.30 ? 31  SER B CA  1 
ATOM   738  C C   . SER B 1 39 ? 1.992   -4.247  -2.107  1.00 15.52 ? 31  SER B C   1 
ATOM   739  O O   . SER B 1 39 ? 1.436   -3.151  -2.183  1.00 15.69 ? 31  SER B O   1 
ATOM   740  C CB  . SER B 1 39 ? 4.284   -4.245  -1.118  1.00 16.23 ? 31  SER B CB  1 
ATOM   741  O OG  . SER B 1 39 ? 5.015   -4.257  0.098   1.00 16.53 ? 31  SER B OG  1 
ATOM   742  N N   . GLU B 1 40 ? 1.900   -5.163  -3.072  1.00 13.60 ? 32  GLU B N   1 
ATOM   743  C CA  . GLU B 1 40 ? 1.113   -4.864  -4.268  1.00 14.68 ? 32  GLU B CA  1 
ATOM   744  C C   . GLU B 1 40 ? -0.377  -4.839  -3.931  1.00 15.11 ? 32  GLU B C   1 
ATOM   745  O O   . GLU B 1 40 ? -1.121  -4.014  -4.465  1.00 15.75 ? 32  GLU B O   1 
ATOM   746  C CB  . GLU B 1 40 ? 1.395   -5.876  -5.385  1.00 17.69 ? 32  GLU B CB  1 
ATOM   747  C CG  . GLU B 1 40 ? 0.620   -5.613  -6.681  1.00 18.50 ? 32  GLU B CG  1 
ATOM   748  C CD  . GLU B 1 40 ? 1.056   -4.359  -7.432  1.00 19.41 ? 32  GLU B CD  1 
ATOM   749  O OE1 . GLU B 1 40 ? 1.978   -3.648  -6.980  1.00 15.64 ? 32  GLU B OE1 1 
ATOM   750  O OE2 . GLU B 1 40 ? 0.465   -4.086  -8.499  1.00 17.06 ? 32  GLU B OE2 1 
ATOM   751  N N   . ALA B 1 41 ? -0.818  -5.721  -3.036  1.00 14.73 ? 33  ALA B N   1 
ATOM   752  C CA  . ALA B 1 41 ? -2.228  -5.737  -2.645  1.00 16.07 ? 33  ALA B CA  1 
ATOM   753  C C   . ALA B 1 41 ? -2.579  -4.397  -2.003  1.00 15.97 ? 33  ALA B C   1 
ATOM   754  O O   . ALA B 1 41 ? -3.614  -3.796  -2.297  1.00 14.50 ? 33  ALA B O   1 
ATOM   755  C CB  . ALA B 1 41 ? -2.494  -6.872  -1.659  1.00 17.26 ? 33  ALA B CB  1 
ATOM   756  N N   . TYR B 1 42 ? -1.710  -3.919  -1.118  1.00 14.92 ? 34  TYR B N   1 
ATOM   757  C CA  . TYR B 1 42 ? -1.973  -2.645  -0.466  1.00 15.73 ? 34  TYR B CA  1 
ATOM   758  C C   . TYR B 1 42 ? -1.924  -1.490  -1.466  1.00 14.65 ? 34  TYR B C   1 
ATOM   759  O O   . TYR B 1 42 ? -2.725  -0.559  -1.381  1.00 15.57 ? 34  TYR B O   1 
ATOM   760  C CB  . TYR B 1 42 ? -0.974  -2.401  0.676   1.00 14.17 ? 34  TYR B CB  1 
ATOM   761  C CG  . TYR B 1 42 ? -1.133  -3.353  1.848   1.00 13.96 ? 34  TYR B CG  1 
ATOM   762  C CD1 . TYR B 1 42 ? -2.381  -3.881  2.184   1.00 15.17 ? 34  TYR B CD1 1 
ATOM   763  C CD2 . TYR B 1 42 ? -0.037  -3.684  2.653   1.00 15.28 ? 34  TYR B CD2 1 
ATOM   764  C CE1 . TYR B 1 42 ? -2.539  -4.722  3.298   1.00 14.70 ? 34  TYR B CE1 1 
ATOM   765  C CE2 . TYR B 1 42 ? -0.182  -4.512  3.765   1.00 14.66 ? 34  TYR B CE2 1 
ATOM   766  C CZ  . TYR B 1 42 ? -1.433  -5.027  4.083   1.00 14.18 ? 34  TYR B CZ  1 
ATOM   767  O OH  . TYR B 1 42 ? -1.577  -5.846  5.183   1.00 16.87 ? 34  TYR B OH  1 
ATOM   768  N N   . ALA B 1 43 ? -0.993  -1.552  -2.417  1.00 14.86 ? 35  ALA B N   1 
ATOM   769  C CA  . ALA B 1 43 ? -0.894  -0.494  -3.421  1.00 16.50 ? 35  ALA B CA  1 
ATOM   770  C C   . ALA B 1 43 ? -2.177  -0.477  -4.249  1.00 16.82 ? 35  ALA B C   1 
ATOM   771  O O   . ALA B 1 43 ? -2.706  0.595   -4.576  1.00 17.21 ? 35  ALA B O   1 
ATOM   772  C CB  . ALA B 1 43 ? 0.321   -0.722  -4.319  1.00 17.56 ? 35  ALA B CB  1 
ATOM   773  N N   . TYR B 1 44 ? -2.681  -1.661  -4.591  1.00 14.17 ? 36  TYR B N   1 
ATOM   774  C CA  . TYR B 1 44 ? -3.920  -1.739  -5.360  1.00 14.78 ? 36  TYR B CA  1 
ATOM   775  C C   . TYR B 1 44 ? -5.073  -1.137  -4.547  1.00 15.87 ? 36  TYR B C   1 
ATOM   776  O O   . TYR B 1 44 ? -5.858  -0.344  -5.066  1.00 17.11 ? 36  TYR B O   1 
ATOM   777  C CB  . TYR B 1 44 ? -4.251  -3.194  -5.713  1.00 16.18 ? 36  TYR B CB  1 
ATOM   778  C CG  . TYR B 1 44 ? -5.611  -3.326  -6.367  1.00 16.63 ? 36  TYR B CG  1 
ATOM   779  C CD1 . TYR B 1 44 ? -5.868  -2.726  -7.600  1.00 20.94 ? 36  TYR B CD1 1 
ATOM   780  C CD2 . TYR B 1 44 ? -6.654  -3.988  -5.723  1.00 19.41 ? 36  TYR B CD2 1 
ATOM   781  C CE1 . TYR B 1 44 ? -7.139  -2.776  -8.175  1.00 22.40 ? 36  TYR B CE1 1 
ATOM   782  C CE2 . TYR B 1 44 ? -7.928  -4.047  -6.292  1.00 18.83 ? 36  TYR B CE2 1 
ATOM   783  C CZ  . TYR B 1 44 ? -8.160  -3.434  -7.514  1.00 22.30 ? 36  TYR B CZ  1 
ATOM   784  O OH  . TYR B 1 44 ? -9.425  -3.459  -8.062  1.00 26.36 ? 36  TYR B OH  1 
ATOM   785  N N   . ALA B 1 45 ? -5.175  -1.507  -3.274  1.00 16.53 ? 37  ALA B N   1 
ATOM   786  C CA  . ALA B 1 45 ? -6.244  -0.975  -2.431  1.00 15.34 ? 37  ALA B CA  1 
ATOM   787  C C   . ALA B 1 45 ? -6.177  0.555   -2.386  1.00 16.40 ? 37  ALA B C   1 
ATOM   788  O O   . ALA B 1 45 ? -7.208  1.232   -2.389  1.00 16.08 ? 37  ALA B O   1 
ATOM   789  C CB  . ALA B 1 45 ? -6.139  -1.550  -1.009  1.00 16.22 ? 37  ALA B CB  1 
ATOM   790  N N   . ASP B 1 46 ? -4.969  1.109   -2.352  1.00 15.45 ? 38  ASP B N   1 
ATOM   791  C CA  . ASP B 1 46 ? -4.830  2.557   -2.316  1.00 16.91 ? 38  ASP B CA  1 
ATOM   792  C C   . ASP B 1 46 ? -5.430  3.237   -3.557  1.00 17.76 ? 38  ASP B C   1 
ATOM   793  O O   . ASP B 1 46 ? -5.927  4.366   -3.464  1.00 19.33 ? 38  ASP B O   1 
ATOM   794  C CB  . ASP B 1 46 ? -3.352  2.944   -2.160  1.00 16.13 ? 38  ASP B CB  1 
ATOM   795  C CG  . ASP B 1 46 ? -2.872  2.874   -0.717  1.00 20.32 ? 38  ASP B CG  1 
ATOM   796  O OD1 . ASP B 1 46 ? -3.708  2.897   0.214   1.00 19.08 ? 38  ASP B OD1 1 
ATOM   797  O OD2 . ASP B 1 46 ? -1.640  2.811   -0.510  1.00 23.27 ? 38  ASP B OD2 1 
ATOM   798  N N   . THR B 1 47 ? -5.399  2.567   -4.708  1.00 16.55 ? 39  THR B N   1 
ATOM   799  C CA  . THR B 1 47 ? -5.959  3.169   -5.925  1.00 18.09 ? 39  THR B CA  1 
ATOM   800  C C   . THR B 1 47 ? -7.476  3.272   -5.856  1.00 18.29 ? 39  THR B C   1 
ATOM   801  O O   . THR B 1 47 ? -8.090  3.981   -6.657  1.00 20.81 ? 39  THR B O   1 
ATOM   802  C CB  . THR B 1 47 ? -5.618  2.365   -7.215  1.00 19.72 ? 39  THR B CB  1 
ATOM   803  O OG1 . THR B 1 47 ? -6.350  1.133   -7.237  1.00 18.29 ? 39  THR B OG1 1 
ATOM   804  C CG2 . THR B 1 47 ? -4.124  2.068   -7.289  1.00 21.89 ? 39  THR B CG2 1 
ATOM   805  N N   . LEU B 1 48 ? -8.081  2.574   -4.901  1.00 17.14 ? 40  LEU B N   1 
ATOM   806  C CA  . LEU B 1 48 ? -9.537  2.577   -4.765  1.00 18.31 ? 40  LEU B CA  1 
ATOM   807  C C   . LEU B 1 48 ? -10.072 3.603   -3.771  1.00 20.07 ? 40  LEU B C   1 
ATOM   808  O O   . LEU B 1 48 ? -11.282 3.793   -3.668  1.00 20.29 ? 40  LEU B O   1 
ATOM   809  C CB  . LEU B 1 48 ? -10.020 1.178   -4.361  1.00 17.01 ? 40  LEU B CB  1 
ATOM   810  C CG  . LEU B 1 48 ? -9.607  0.037   -5.298  1.00 20.27 ? 40  LEU B CG  1 
ATOM   811  C CD1 . LEU B 1 48 ? -10.152 -1.285  -4.784  1.00 21.67 ? 40  LEU B CD1 1 
ATOM   812  C CD2 . LEU B 1 48 ? -10.125 0.318   -6.704  1.00 24.00 ? 40  LEU B CD2 1 
ATOM   813  N N   . LYS B 1 49 ? -9.177  4.277   -3.055  1.00 17.66 ? 41  LYS B N   1 
ATOM   814  C CA  . LYS B 1 49 ? -9.584  5.254   -2.051  1.00 19.48 ? 41  LYS B CA  1 
ATOM   815  C C   . LYS B 1 49 ? -10.379 6.452   -2.563  1.00 21.26 ? 41  LYS B C   1 
ATOM   816  O O   . LYS B 1 49 ? -11.361 6.853   -1.946  1.00 21.75 ? 41  LYS B O   1 
ATOM   817  C CB  . LYS B 1 49 ? -8.364  5.767   -1.282  1.00 20.75 ? 41  LYS B CB  1 
ATOM   818  C CG  . LYS B 1 49 ? -7.645  4.693   -0.492  1.00 23.70 ? 41  LYS B CG  1 
ATOM   819  C CD  . LYS B 1 49 ? -6.566  5.285   0.411   1.00 28.24 ? 41  LYS B CD  1 
ATOM   820  C CE  . LYS B 1 49 ? -5.435  5.911   -0.387  1.00 28.52 ? 41  LYS B CE  1 
ATOM   821  N NZ  . LYS B 1 49 ? -4.334  6.378   0.509   1.00 28.21 ? 41  LYS B NZ  1 
ATOM   822  N N   . LYS B 1 50 ? -9.955  7.033   -3.676  1.00 23.86 ? 42  LYS B N   1 
ATOM   823  C CA  . LYS B 1 50 ? -10.654 8.203   -4.200  1.00 27.30 ? 42  LYS B CA  1 
ATOM   824  C C   . LYS B 1 50 ? -12.151 7.985   -4.369  1.00 27.05 ? 42  LYS B C   1 
ATOM   825  O O   . LYS B 1 50 ? -12.953 8.832   -3.973  1.00 29.26 ? 42  LYS B O   1 
ATOM   826  C CB  . LYS B 1 50 ? -10.056 8.639   -5.539  1.00 31.73 ? 42  LYS B CB  1 
ATOM   827  C CG  . LYS B 1 50 ? -8.698  9.303   -5.412  1.00 39.38 ? 42  LYS B CG  1 
ATOM   828  C CD  . LYS B 1 50 ? -8.378  10.133  -6.647  1.00 44.33 ? 42  LYS B CD  1 
ATOM   829  C CE  . LYS B 1 50 ? -9.425  11.219  -6.866  1.00 46.31 ? 42  LYS B CE  1 
ATOM   830  N NZ  . LYS B 1 50 ? -9.557  12.117  -5.678  1.00 49.44 ? 42  LYS B NZ  1 
ATOM   831  N N   . ASP B 1 51 ? -12.529 6.847   -4.940  1.00 24.60 ? 43  ASP B N   1 
ATOM   832  C CA  . ASP B 1 51 ? -13.942 6.561   -5.167  1.00 25.41 ? 43  ASP B CA  1 
ATOM   833  C C   . ASP B 1 51 ? -14.638 5.680   -4.135  1.00 23.69 ? 43  ASP B C   1 
ATOM   834  O O   . ASP B 1 51 ? -15.865 5.583   -4.140  1.00 25.34 ? 43  ASP B O   1 
ATOM   835  C CB  . ASP B 1 51 ? -14.130 5.927   -6.546  1.00 28.67 ? 43  ASP B CB  1 
ATOM   836  C CG  . ASP B 1 51 ? -13.648 6.823   -7.672  1.00 34.25 ? 43  ASP B CG  1 
ATOM   837  O OD1 . ASP B 1 51 ? -13.816 8.058   -7.568  1.00 36.26 ? 43  ASP B OD1 1 
ATOM   838  O OD2 . ASP B 1 51 ? -13.112 6.291   -8.666  1.00 38.84 ? 43  ASP B OD2 1 
ATOM   839  N N   . ASN B 1 52 ? -13.880 5.039   -3.251  1.00 19.71 ? 44  ASN B N   1 
ATOM   840  C CA  . ASN B 1 52 ? -14.498 4.155   -2.269  1.00 17.47 ? 44  ASN B CA  1 
ATOM   841  C C   . ASN B 1 52 ? -14.207 4.482   -0.816  1.00 17.57 ? 44  ASN B C   1 
ATOM   842  O O   . ASN B 1 52 ? -14.740 3.832   0.086   1.00 17.57 ? 44  ASN B O   1 
ATOM   843  C CB  . ASN B 1 52 ? -14.102 2.710   -2.574  1.00 17.22 ? 44  ASN B CB  1 
ATOM   844  C CG  . ASN B 1 52 ? -14.492 2.298   -3.976  1.00 19.66 ? 44  ASN B CG  1 
ATOM   845  O OD1 . ASN B 1 52 ? -15.663 2.028   -4.250  1.00 21.81 ? 44  ASN B OD1 1 
ATOM   846  N ND2 . ASN B 1 52 ? -13.520 2.273   -4.878  1.00 21.25 ? 44  ASN B ND2 1 
ATOM   847  N N   . GLY B 1 53 ? -13.369 5.489   -0.586  1.00 17.76 ? 45  GLY B N   1 
ATOM   848  C CA  . GLY B 1 53 ? -13.061 5.886   0.778   1.00 18.67 ? 45  GLY B CA  1 
ATOM   849  C C   . GLY B 1 53 ? -11.789 5.282   1.337   1.00 16.94 ? 45  GLY B C   1 
ATOM   850  O O   . GLY B 1 53 ? -11.150 4.457   0.688   1.00 18.29 ? 45  GLY B O   1 
ATOM   851  N N   . GLU B 1 54 ? -11.426 5.705   2.544   1.00 16.56 ? 46  GLU B N   1 
ATOM   852  C CA  . GLU B 1 54 ? -10.227 5.202   3.211   1.00 16.10 ? 46  GLU B CA  1 
ATOM   853  C C   . GLU B 1 54 ? -10.436 3.746   3.600   1.00 16.12 ? 46  GLU B C   1 
ATOM   854  O O   . GLU B 1 54 ? -11.569 3.309   3.805   1.00 15.91 ? 46  GLU B O   1 
ATOM   855  C CB  . GLU B 1 54 ? -9.935  6.021   4.464   1.00 18.82 ? 46  GLU B CB  1 
ATOM   856  C CG  . GLU B 1 54 ? -9.670  7.493   4.188   1.00 21.41 ? 46  GLU B CG  1 
ATOM   857  C CD  . GLU B 1 54 ? -8.490  7.695   3.268   1.00 25.03 ? 46  GLU B CD  1 
ATOM   858  O OE1 . GLU B 1 54 ? -7.380  7.256   3.630   1.00 25.23 ? 46  GLU B OE1 1 
ATOM   859  O OE2 . GLU B 1 54 ? -8.671  8.289   2.181   1.00 29.89 ? 46  GLU B OE2 1 
ATOM   860  N N   . TRP B 1 55 ? -9.345  2.995   3.708   1.00 15.90 ? 47  TRP B N   1 
ATOM   861  C CA  . TRP B 1 55 ? -9.453  1.589   4.075   1.00 15.40 ? 47  TRP B CA  1 
ATOM   862  C C   . TRP B 1 55 ? -8.525  1.186   5.209   1.00 14.67 ? 47  TRP B C   1 
ATOM   863  O O   . TRP B 1 55 ? -7.533  1.860   5.494   1.00 15.92 ? 47  TRP B O   1 
ATOM   864  C CB  . TRP B 1 55 ? -9.142  0.677   2.875   1.00 15.30 ? 47  TRP B CB  1 
ATOM   865  C CG  . TRP B 1 55 ? -7.739  0.822   2.299   1.00 13.99 ? 47  TRP B CG  1 
ATOM   866  C CD1 . TRP B 1 55 ? -7.345  1.683   1.309   1.00 17.06 ? 47  TRP B CD1 1 
ATOM   867  C CD2 . TRP B 1 55 ? -6.561  0.077   2.668   1.00 16.16 ? 47  TRP B CD2 1 
ATOM   868  N NE1 . TRP B 1 55 ? -6.008  1.520   1.037   1.00 15.96 ? 47  TRP B NE1 1 
ATOM   869  C CE2 . TRP B 1 55 ? -5.500  0.544   1.855   1.00 15.89 ? 47  TRP B CE2 1 
ATOM   870  C CE3 . TRP B 1 55 ? -6.302  -0.935  3.604   1.00 15.39 ? 47  TRP B CE3 1 
ATOM   871  C CZ2 . TRP B 1 55 ? -4.195  0.030   1.947   1.00 16.28 ? 47  TRP B CZ2 1 
ATOM   872  C CZ3 . TRP B 1 55 ? -4.999  -1.450  3.697   1.00 15.70 ? 47  TRP B CZ3 1 
ATOM   873  C CH2 . TRP B 1 55 ? -3.966  -0.962  2.869   1.00 13.75 ? 47  TRP B CH2 1 
ATOM   874  N N   . THR B 1 56 ? -8.892  0.095   5.871   1.00 14.94 ? 48  THR B N   1 
ATOM   875  C CA  . THR B 1 56 ? -8.074  -0.498  6.923   1.00 14.07 ? 48  THR B CA  1 
ATOM   876  C C   . THR B 1 56 ? -8.198  -1.982  6.639   1.00 15.05 ? 48  THR B C   1 
ATOM   877  O O   . THR B 1 56 ? -9.139  -2.416  5.973   1.00 15.90 ? 48  THR B O   1 
ATOM   878  C CB  . THR B 1 56 ? -8.580  -0.222  8.363   1.00 17.69 ? 48  THR B CB  1 
ATOM   879  O OG1 . THR B 1 56 ? -9.895  -0.753  8.535   1.00 20.20 ? 48  THR B OG1 1 
ATOM   880  C CG2 . THR B 1 56 ? -8.578  1.266   8.647   1.00 17.81 ? 48  THR B CG2 1 
ATOM   881  N N   . VAL B 1 57 ? -7.253  -2.765  7.134   1.00 14.10 ? 49  VAL B N   1 
ATOM   882  C CA  . VAL B 1 57 ? -7.304  -4.191  6.879   1.00 15.44 ? 49  VAL B CA  1 
ATOM   883  C C   . VAL B 1 57 ? -7.380  -5.043  8.136   1.00 16.75 ? 49  VAL B C   1 
ATOM   884  O O   . VAL B 1 57 ? -6.686  -4.783  9.125   1.00 17.74 ? 49  VAL B O   1 
ATOM   885  C CB  . VAL B 1 57 ? -6.078  -4.636  6.024   1.00 15.64 ? 49  VAL B CB  1 
ATOM   886  C CG1 . VAL B 1 57 ? -4.782  -4.238  6.709   1.00 18.18 ? 49  VAL B CG1 1 
ATOM   887  C CG2 . VAL B 1 57 ? -6.122  -6.160  5.780   1.00 15.70 ? 49  VAL B CG2 1 
ATOM   888  N N   . ASP B 1 58 ? -8.275  -6.028  8.096   1.00 16.49 ? 50  ASP B N   1 
ATOM   889  C CA  . ASP B 1 58 ? -8.428  -7.003  9.165   1.00 16.96 ? 50  ASP B CA  1 
ATOM   890  C C   . ASP B 1 58 ? -7.622  -8.166  8.588   1.00 16.77 ? 50  ASP B C   1 
ATOM   891  O O   . ASP B 1 58 ? -7.964  -8.709  7.536   1.00 16.90 ? 50  ASP B O   1 
ATOM   892  C CB  . ASP B 1 58 ? -9.895  -7.401  9.339   1.00 20.79 ? 50  ASP B CB  1 
ATOM   893  C CG  . ASP B 1 58 ? -10.696 -6.366  10.115  1.00 28.03 ? 50  ASP B CG  1 
ATOM   894  O OD1 . ASP B 1 58 ? -10.157 -5.274  10.394  1.00 28.82 ? 50  ASP B OD1 1 
ATOM   895  O OD2 . ASP B 1 58 ? -11.868 -6.642  10.450  1.00 32.24 ? 50  ASP B OD2 1 
ATOM   896  N N   . VAL B 1 59 ? -6.541  -8.526  9.268   1.00 17.95 ? 51  VAL B N   1 
ATOM   897  C CA  . VAL B 1 59 ? -5.659  -9.592  8.802   1.00 21.42 ? 51  VAL B CA  1 
ATOM   898  C C   . VAL B 1 59 ? -6.094  -10.956 9.311   1.00 25.22 ? 51  VAL B C   1 
ATOM   899  O O   . VAL B 1 59 ? -6.203  -11.174 10.516  1.00 28.95 ? 51  VAL B O   1 
ATOM   900  C CB  . VAL B 1 59 ? -4.203  -9.309  9.246   1.00 21.31 ? 51  VAL B CB  1 
ATOM   901  C CG1 . VAL B 1 59 ? -3.272  -10.412 8.753   1.00 21.60 ? 51  VAL B CG1 1 
ATOM   902  C CG2 . VAL B 1 59 ? -3.758  -7.954  8.706   1.00 23.31 ? 51  VAL B CG2 1 
ATOM   903  N N   . ALA B 1 60 ? -6.347  -11.872 8.384   1.00 21.32 ? 52  ALA B N   1 
ATOM   904  C CA  . ALA B 1 60 ? -6.777  -13.220 8.738   1.00 20.97 ? 52  ALA B CA  1 
ATOM   905  C C   . ALA B 1 60 ? -5.855  -14.246 8.101   1.00 23.44 ? 52  ALA B C   1 
ATOM   906  O O   . ALA B 1 60 ? -5.028  -13.909 7.246   1.00 22.04 ? 52  ALA B O   1 
ATOM   907  C CB  . ALA B 1 60 ? -8.210  -13.451 8.272   1.00 24.05 ? 52  ALA B CB  1 
ATOM   908  N N   . ASP B 1 61 ? -5.990  -15.496 8.533   1.00 23.76 ? 53  ASP B N   1 
ATOM   909  C CA  . ASP B 1 61 ? -5.196  -16.591 7.991   1.00 24.09 ? 53  ASP B CA  1 
ATOM   910  C C   . ASP B 1 61 ? -3.702  -16.296 7.918   1.00 23.13 ? 53  ASP B C   1 
ATOM   911  O O   . ASP B 1 61 ? -3.041  -16.625 6.932   1.00 23.57 ? 53  ASP B O   1 
ATOM   912  C CB  . ASP B 1 61 ? -5.727  -16.962 6.605   1.00 22.84 ? 53  ASP B CB  1 
ATOM   913  C CG  . ASP B 1 61 ? -7.165  -17.445 6.645   1.00 27.90 ? 53  ASP B CG  1 
ATOM   914  O OD1 . ASP B 1 61 ? -7.563  -18.046 7.670   1.00 30.38 ? 53  ASP B OD1 1 
ATOM   915  O OD2 . ASP B 1 61 ? -7.897  -17.238 5.655   1.00 28.97 ? 53  ASP B OD2 1 
ATOM   916  N N   . LYS B 1 62 ? -3.178  -15.679 8.973   1.00 23.96 ? 54  LYS B N   1 
ATOM   917  C CA  . LYS B 1 62 ? -1.763  -15.353 9.065   1.00 23.70 ? 54  LYS B CA  1 
ATOM   918  C C   . LYS B 1 62 ? -1.253  -14.469 7.930   1.00 23.61 ? 54  LYS B C   1 
ATOM   919  O O   . LYS B 1 62 ? -0.096  -14.576 7.516   1.00 22.72 ? 54  LYS B O   1 
ATOM   920  C CB  . LYS B 1 62 ? -0.939  -16.642 9.125   1.00 28.08 ? 54  LYS B CB  1 
ATOM   921  C CG  . LYS B 1 62 ? -1.391  -17.620 10.202  1.00 32.60 ? 54  LYS B CG  1 
ATOM   922  C CD  . LYS B 1 62 ? -1.219  -17.043 11.599  1.00 35.96 ? 54  LYS B CD  1 
ATOM   923  C CE  . LYS B 1 62 ? -1.604  -18.066 12.660  1.00 38.94 ? 54  LYS B CE  1 
ATOM   924  N NZ  . LYS B 1 62 ? -1.379  -17.565 14.047  1.00 40.19 ? 54  LYS B NZ  1 
ATOM   925  N N   . GLY B 1 63 ? -2.119  -13.595 7.430   1.00 21.13 ? 55  GLY B N   1 
ATOM   926  C CA  . GLY B 1 63 ? -1.714  -12.695 6.367   1.00 22.60 ? 55  GLY B CA  1 
ATOM   927  C C   . GLY B 1 63 ? -2.048  -13.175 4.971   1.00 19.10 ? 55  GLY B C   1 
ATOM   928  O O   . GLY B 1 63 ? -1.838  -12.448 3.999   1.00 19.55 ? 55  GLY B O   1 
ATOM   929  N N   . TYR B 1 64 ? -2.574  -14.387 4.847   1.00 19.08 ? 56  TYR B N   1 
ATOM   930  C CA  . TYR B 1 64 ? -2.901  -14.888 3.525   1.00 18.83 ? 56  TYR B CA  1 
ATOM   931  C C   . TYR B 1 64 ? -4.282  -14.461 3.072   1.00 19.15 ? 56  TYR B C   1 
ATOM   932  O O   . TYR B 1 64 ? -4.645  -14.654 1.915   1.00 18.85 ? 56  TYR B O   1 
ATOM   933  C CB  . TYR B 1 64 ? -2.741  -16.407 3.471   1.00 21.23 ? 56  TYR B CB  1 
ATOM   934  C CG  . TYR B 1 64 ? -1.287  -16.801 3.544   1.00 19.89 ? 56  TYR B CG  1 
ATOM   935  C CD1 . TYR B 1 64 ? -0.589  -16.732 4.749   1.00 18.07 ? 56  TYR B CD1 1 
ATOM   936  C CD2 . TYR B 1 64 ? -0.578  -17.161 2.391   1.00 16.94 ? 56  TYR B CD2 1 
ATOM   937  C CE1 . TYR B 1 64 ? 0.781   -17.006 4.807   1.00 16.91 ? 56  TYR B CE1 1 
ATOM   938  C CE2 . TYR B 1 64 ? 0.786   -17.432 2.438   1.00 16.87 ? 56  TYR B CE2 1 
ATOM   939  C CZ  . TYR B 1 64 ? 1.463   -17.352 3.652   1.00 17.29 ? 56  TYR B CZ  1 
ATOM   940  O OH  . TYR B 1 64 ? 2.822   -17.605 3.709   1.00 19.22 ? 56  TYR B OH  1 
ATOM   941  N N   . THR B 1 65 ? -5.050  -13.888 3.995   1.00 18.62 ? 57  THR B N   1 
ATOM   942  C CA  . THR B 1 65 ? -6.377  -13.378 3.677   1.00 18.21 ? 57  THR B CA  1 
ATOM   943  C C   . THR B 1 65 ? -6.431  -11.959 4.231   1.00 18.13 ? 57  THR B C   1 
ATOM   944  O O   . THR B 1 65 ? -6.433  -11.760 5.444   1.00 19.82 ? 57  THR B O   1 
ATOM   945  C CB  . THR B 1 65 ? -7.495  -14.209 4.330   1.00 21.00 ? 57  THR B CB  1 
ATOM   946  O OG1 . THR B 1 65 ? -7.441  -15.555 3.835   1.00 22.52 ? 57  THR B OG1 1 
ATOM   947  C CG2 . THR B 1 65 ? -8.856  -13.605 4.002   1.00 22.73 ? 57  THR B CG2 1 
ATOM   948  N N   . LEU B 1 66 ? -6.452  -10.977 3.338   1.00 16.41 ? 58  LEU B N   1 
ATOM   949  C CA  . LEU B 1 66 ? -6.493  -9.583  3.752   1.00 15.02 ? 58  LEU B CA  1 
ATOM   950  C C   . LEU B 1 66 ? -7.901  -9.054  3.555   1.00 15.06 ? 58  LEU B C   1 
ATOM   951  O O   . LEU B 1 66 ? -8.341  -8.885  2.423   1.00 16.25 ? 58  LEU B O   1 
ATOM   952  C CB  . LEU B 1 66 ? -5.499  -8.759  2.921   1.00 15.65 ? 58  LEU B CB  1 
ATOM   953  C CG  . LEU B 1 66 ? -4.037  -9.215  3.049   1.00 15.93 ? 58  LEU B CG  1 
ATOM   954  C CD1 . LEU B 1 66 ? -3.162  -8.388  2.130   1.00 15.99 ? 58  LEU B CD1 1 
ATOM   955  C CD2 . LEU B 1 66 ? -3.566  -9.084  4.491   1.00 18.91 ? 58  LEU B CD2 1 
ATOM   956  N N   . ASN B 1 67 ? -8.607  -8.813  4.659   1.00 15.86 ? 59  ASN B N   1 
ATOM   957  C CA  . ASN B 1 67 ? -9.970  -8.301  4.576   1.00 15.46 ? 59  ASN B CA  1 
ATOM   958  C C   . ASN B 1 67 ? -9.878  -6.788  4.633   1.00 15.00 ? 59  ASN B C   1 
ATOM   959  O O   . ASN B 1 67 ? -9.826  -6.180  5.707   1.00 15.28 ? 59  ASN B O   1 
ATOM   960  C CB  . ASN B 1 67 ? -10.812 -8.869  5.717   1.00 15.56 ? 59  ASN B CB  1 
ATOM   961  C CG  . ASN B 1 67 ? -11.027 -10.365 5.572   1.00 16.57 ? 59  ASN B CG  1 
ATOM   962  O OD1 . ASN B 1 67 ? -11.408 -10.843 4.500   1.00 19.69 ? 59  ASN B OD1 1 
ATOM   963  N ND2 . ASN B 1 67 ? -10.778 -11.110 6.641   1.00 20.26 ? 59  ASN B ND2 1 
ATOM   964  N N   . ILE B 1 68 ? -9.846  -6.199  3.441   1.00 15.20 ? 60  ILE B N   1 
ATOM   965  C CA  . ILE B 1 68 ? -9.690  -4.764  3.273   1.00 14.72 ? 60  ILE B CA  1 
ATOM   966  C C   . ILE B 1 68 ? -11.042 -4.073  3.225   1.00 16.13 ? 60  ILE B C   1 
ATOM   967  O O   . ILE B 1 68 ? -11.789 -4.206  2.257   1.00 15.42 ? 60  ILE B O   1 
ATOM   968  C CB  . ILE B 1 68 ? -8.871  -4.486  1.994   1.00 16.33 ? 60  ILE B CB  1 
ATOM   969  C CG1 . ILE B 1 68 ? -7.519  -5.200  2.109   1.00 16.69 ? 60  ILE B CG1 1 
ATOM   970  C CG2 . ILE B 1 68 ? -8.669  -2.989  1.805   1.00 15.57 ? 60  ILE B CG2 1 
ATOM   971  C CD1 . ILE B 1 68 ? -6.603  -5.031  0.907   1.00 17.46 ? 60  ILE B CD1 1 
ATOM   972  N N   . LYS B 1 69 ? -11.333 -3.327  4.283   1.00 14.44 ? 61  LYS B N   1 
ATOM   973  C CA  . LYS B 1 69 ? -12.613 -2.642  4.419   1.00 15.93 ? 61  LYS B CA  1 
ATOM   974  C C   . LYS B 1 69 ? -12.559 -1.157  4.097   1.00 15.47 ? 61  LYS B C   1 
ATOM   975  O O   . LYS B 1 69 ? -11.801 -0.401  4.712   1.00 17.45 ? 61  LYS B O   1 
ATOM   976  C CB  . LYS B 1 69 ? -13.134 -2.838  5.845   1.00 20.52 ? 61  LYS B CB  1 
ATOM   977  C CG  . LYS B 1 69 ? -13.276 -4.300  6.249   1.00 29.15 ? 61  LYS B CG  1 
ATOM   978  C CD  . LYS B 1 69 ? -13.749 -4.449  7.692   1.00 33.81 ? 61  LYS B CD  1 
ATOM   979  C CE  . LYS B 1 69 ? -12.766 -3.821  8.667   1.00 36.87 ? 61  LYS B CE  1 
ATOM   980  N NZ  . LYS B 1 69 ? -13.226 -3.918  10.083  1.00 39.24 ? 61  LYS B NZ  1 
ATOM   981  N N   . PHE B 1 70 ? -13.376 -0.740  3.133   1.00 14.78 ? 62  PHE B N   1 
ATOM   982  C CA  . PHE B 1 70 ? -13.444 0.664   2.741   1.00 16.46 ? 62  PHE B CA  1 
ATOM   983  C C   . PHE B 1 70 ? -14.574 1.353   3.494   1.00 17.60 ? 62  PHE B C   1 
ATOM   984  O O   . PHE B 1 70 ? -15.645 0.775   3.687   1.00 19.26 ? 62  PHE B O   1 
ATOM   985  C CB  . PHE B 1 70 ? -13.641 0.770   1.231   1.00 16.86 ? 62  PHE B CB  1 
ATOM   986  C CG  . PHE B 1 70 ? -12.470 0.262   0.444   1.00 16.46 ? 62  PHE B CG  1 
ATOM   987  C CD1 . PHE B 1 70 ? -12.297 -1.103  0.226   1.00 17.68 ? 62  PHE B CD1 1 
ATOM   988  C CD2 . PHE B 1 70 ? -11.502 1.146   -0.025  1.00 17.19 ? 62  PHE B CD2 1 
ATOM   989  C CE1 . PHE B 1 70 ? -11.170 -1.584  -0.447  1.00 18.11 ? 62  PHE B CE1 1 
ATOM   990  C CE2 . PHE B 1 70 ? -10.372 0.676   -0.698  1.00 18.66 ? 62  PHE B CE2 1 
ATOM   991  C CZ  . PHE B 1 70 ? -10.206 -0.689  -0.909  1.00 18.55 ? 62  PHE B CZ  1 
ATOM   992  N N   . ALA B 1 71 ? -14.325 2.591   3.915   1.00 16.04 ? 63  ALA B N   1 
ATOM   993  C CA  . ALA B 1 71 ? -15.293 3.355   4.699   1.00 18.72 ? 63  ALA B CA  1 
ATOM   994  C C   . ALA B 1 71 ? -16.367 4.071   3.897   1.00 21.26 ? 63  ALA B C   1 
ATOM   995  O O   . ALA B 1 71 ? -17.395 4.462   4.455   1.00 21.51 ? 63  ALA B O   1 
ATOM   996  C CB  . ALA B 1 71 ? -14.555 4.363   5.569   1.00 21.42 ? 63  ALA B CB  1 
ATOM   997  N N   . GLY B 1 72 ? -16.123 4.255   2.605   1.00 20.16 ? 64  GLY B N   1 
ATOM   998  C CA  . GLY B 1 72 ? -17.083 4.953   1.763   1.00 22.91 ? 64  GLY B CA  1 
ATOM   999  C C   . GLY B 1 72 ? -16.965 6.464   1.884   1.00 27.89 ? 64  GLY B C   1 
ATOM   1000 O O   . GLY B 1 72 ? -17.802 7.177   1.286   1.00 28.52 ? 64  GLY B O   1 
ATOM   1001 O OXT . GLY B 1 72 ? -16.040 6.949   2.576   1.00 27.01 ? 64  GLY B OXT 1 
ATOM   1002 N N   . GLU C 1 10 ? 16.451  -12.463 3.277   1.00 43.57 ? 2   GLU C N   1 
ATOM   1003 C CA  . GLU C 1 10 ? 16.466  -10.975 3.359   1.00 41.70 ? 2   GLU C CA  1 
ATOM   1004 C C   . GLU C 1 10 ? 15.715  -10.475 4.590   1.00 38.87 ? 2   GLU C C   1 
ATOM   1005 O O   . GLU C 1 10 ? 14.496  -10.630 4.694   1.00 35.36 ? 2   GLU C O   1 
ATOM   1006 C CB  . GLU C 1 10 ? 15.854  -10.374 2.089   1.00 45.13 ? 2   GLU C CB  1 
ATOM   1007 C CG  . GLU C 1 10 ? 14.509  -10.971 1.698   1.00 50.16 ? 2   GLU C CG  1 
ATOM   1008 C CD  . GLU C 1 10 ? 13.997  -10.442 0.371   1.00 53.37 ? 2   GLU C CD  1 
ATOM   1009 O OE1 . GLU C 1 10 ? 14.675  -9.581  -0.230  1.00 55.61 ? 2   GLU C OE1 1 
ATOM   1010 O OE2 . GLU C 1 10 ? 12.916  -10.889 -0.072  1.00 54.50 ? 2   GLU C OE2 1 
ATOM   1011 N N   . GLU C 1 11 ? 16.454  -9.879  5.523   1.00 34.88 ? 3   GLU C N   1 
ATOM   1012 C CA  . GLU C 1 11 ? 15.865  -9.358  6.753   1.00 31.17 ? 3   GLU C CA  1 
ATOM   1013 C C   . GLU C 1 11 ? 15.324  -7.945  6.568   1.00 27.27 ? 3   GLU C C   1 
ATOM   1014 O O   . GLU C 1 11 ? 15.890  -7.137  5.829   1.00 26.57 ? 3   GLU C O   1 
ATOM   1015 C CB  . GLU C 1 11 ? 16.901  -9.344  7.884   1.00 33.55 ? 3   GLU C CB  1 
ATOM   1016 C CG  . GLU C 1 11 ? 16.327  -8.933  9.235   1.00 37.82 ? 3   GLU C CG  1 
ATOM   1017 C CD  . GLU C 1 11 ? 17.382  -8.821  10.326  1.00 42.27 ? 3   GLU C CD  1 
ATOM   1018 O OE1 . GLU C 1 11 ? 18.191  -7.872  10.280  1.00 45.95 ? 3   GLU C OE1 1 
ATOM   1019 O OE2 . GLU C 1 11 ? 17.403  -9.684  11.229  1.00 43.42 ? 3   GLU C OE2 1 
ATOM   1020 N N   . VAL C 1 12 ? 14.219  -7.659  7.244   1.00 18.26 ? 4   VAL C N   1 
ATOM   1021 C CA  . VAL C 1 12 ? 13.608  -6.338  7.190   1.00 16.72 ? 4   VAL C CA  1 
ATOM   1022 C C   . VAL C 1 12 ? 13.185  -5.958  8.602   1.00 17.21 ? 4   VAL C C   1 
ATOM   1023 O O   . VAL C 1 12 ? 13.267  -6.770  9.528   1.00 16.64 ? 4   VAL C O   1 
ATOM   1024 C CB  . VAL C 1 12 ? 12.344  -6.313  6.290   1.00 19.52 ? 4   VAL C CB  1 
ATOM   1025 C CG1 . VAL C 1 12 ? 12.692  -6.781  4.882   1.00 19.87 ? 4   VAL C CG1 1 
ATOM   1026 C CG2 . VAL C 1 12 ? 11.246  -7.184  6.894   1.00 19.50 ? 4   VAL C CG2 1 
ATOM   1027 N N   . THR C 1 13 ? 12.749  -4.714  8.760   1.00 13.09 ? 5   THR C N   1 
ATOM   1028 C CA  . THR C 1 13 ? 12.262  -4.231  10.046  1.00 14.92 ? 5   THR C CA  1 
ATOM   1029 C C   . THR C 1 13 ? 10.860  -3.679  9.818   1.00 15.67 ? 5   THR C C   1 
ATOM   1030 O O   . THR C 1 13 ? 10.680  -2.762  9.018   1.00 14.67 ? 5   THR C O   1 
ATOM   1031 C CB  . THR C 1 13 ? 13.135  -3.104  10.613  1.00 17.52 ? 5   THR C CB  1 
ATOM   1032 O OG1 . THR C 1 13 ? 14.488  -3.564  10.756  1.00 16.47 ? 5   THR C OG1 1 
ATOM   1033 C CG2 . THR C 1 13 ? 12.602  -2.670  11.979  1.00 14.95 ? 5   THR C CG2 1 
ATOM   1034 N N   . ILE C 1 14 ? 9.875   -4.256  10.505  1.00 14.31 ? 6   ILE C N   1 
ATOM   1035 C CA  . ILE C 1 14 ? 8.484   -3.820  10.386  1.00 14.36 ? 6   ILE C CA  1 
ATOM   1036 C C   . ILE C 1 14 ? 8.146   -2.973  11.608  1.00 16.03 ? 6   ILE C C   1 
ATOM   1037 O O   . ILE C 1 14 ? 8.356   -3.408  12.742  1.00 15.65 ? 6   ILE C O   1 
ATOM   1038 C CB  . ILE C 1 14 ? 7.523   -5.036  10.339  1.00 14.81 ? 6   ILE C CB  1 
ATOM   1039 C CG1 . ILE C 1 14 ? 7.797   -5.877  9.086   1.00 14.35 ? 6   ILE C CG1 1 
ATOM   1040 C CG2 . ILE C 1 14 ? 6.058   -4.565  10.359  1.00 15.63 ? 6   ILE C CG2 1 
ATOM   1041 C CD1 . ILE C 1 14 ? 7.596   -5.136  7.769   1.00 18.15 ? 6   ILE C CD1 1 
ATOM   1042 N N   . LYS C 1 15 ? 7.639   -1.765  11.375  1.00 15.42 ? 7   LYS C N   1 
ATOM   1043 C CA  . LYS C 1 15 ? 7.279   -0.869  12.465  1.00 15.63 ? 7   LYS C CA  1 
ATOM   1044 C C   . LYS C 1 15 ? 5.793   -0.951  12.750  1.00 15.23 ? 7   LYS C C   1 
ATOM   1045 O O   . LYS C 1 15 ? 4.970   -0.820  11.845  1.00 17.76 ? 7   LYS C O   1 
ATOM   1046 C CB  . LYS C 1 15 ? 7.634   0.583   12.132  1.00 16.14 ? 7   LYS C CB  1 
ATOM   1047 C CG  . LYS C 1 15 ? 7.245   1.564   13.251  1.00 17.39 ? 7   LYS C CG  1 
ATOM   1048 C CD  . LYS C 1 15 ? 7.533   3.013   12.876  1.00 25.24 ? 7   LYS C CD  1 
ATOM   1049 C CE  . LYS C 1 15 ? 9.013   3.264   12.660  1.00 29.91 ? 7   LYS C CE  1 
ATOM   1050 N NZ  . LYS C 1 15 ? 9.255   4.662   12.201  1.00 32.97 ? 7   LYS C NZ  1 
ATOM   1051 N N   . ALA C 1 16 ? 5.461   -1.175  14.014  1.00 13.31 ? 8   ALA C N   1 
ATOM   1052 C CA  . ALA C 1 16 ? 4.074   -1.256  14.432  1.00 13.73 ? 8   ALA C CA  1 
ATOM   1053 C C   . ALA C 1 16 ? 3.766   -0.166  15.443  1.00 14.48 ? 8   ALA C C   1 
ATOM   1054 O O   . ALA C 1 16 ? 4.411   -0.075  16.486  1.00 14.66 ? 8   ALA C O   1 
ATOM   1055 C CB  . ALA C 1 16 ? 3.786   -2.627  15.048  1.00 17.61 ? 8   ALA C CB  1 
ATOM   1056 N N   . ASN C 1 17 ? 2.805   0.685   15.109  1.00 13.93 ? 9   ASN C N   1 
ATOM   1057 C CA  . ASN C 1 17 ? 2.365   1.721   16.026  1.00 14.29 ? 9   ASN C CA  1 
ATOM   1058 C C   . ASN C 1 17 ? 1.039   1.167   16.540  1.00 15.15 ? 9   ASN C C   1 
ATOM   1059 O O   . ASN C 1 17 ? 0.061   1.117   15.797  1.00 16.29 ? 9   ASN C O   1 
ATOM   1060 C CB  . ASN C 1 17 ? 2.149   3.046   15.296  1.00 17.42 ? 9   ASN C CB  1 
ATOM   1061 C CG  . ASN C 1 17 ? 3.441   3.624   14.744  1.00 18.50 ? 9   ASN C CG  1 
ATOM   1062 O OD1 . ASN C 1 17 ? 4.434   3.729   15.459  1.00 20.21 ? 9   ASN C OD1 1 
ATOM   1063 N ND2 . ASN C 1 17 ? 3.428   4.011   13.476  1.00 17.92 ? 9   ASN C ND2 1 
ATOM   1064 N N   . LEU C 1 18 ? 1.026   0.702   17.790  1.00 15.55 ? 10  LEU C N   1 
ATOM   1065 C CA  . LEU C 1 18 ? -0.182  0.130   18.381  1.00 15.63 ? 10  LEU C CA  1 
ATOM   1066 C C   . LEU C 1 18 ? -0.931  1.222   19.119  1.00 18.37 ? 10  LEU C C   1 
ATOM   1067 O O   . LEU C 1 18 ? -0.476  1.738   20.145  1.00 18.27 ? 10  LEU C O   1 
ATOM   1068 C CB  . LEU C 1 18 ? 0.184   -1.037  19.304  1.00 16.43 ? 10  LEU C CB  1 
ATOM   1069 C CG  . LEU C 1 18 ? 0.879   -2.164  18.530  1.00 19.44 ? 10  LEU C CG  1 
ATOM   1070 C CD1 . LEU C 1 18 ? 2.387   -2.003  18.666  1.00 21.74 ? 10  LEU C CD1 1 
ATOM   1071 C CD2 . LEU C 1 18 ? 0.443   -3.521  19.056  1.00 25.93 ? 10  LEU C CD2 1 
ATOM   1072 N N   . ILE C 1 19 ? -2.092  1.565   18.565  1.00 16.86 ? 11  ILE C N   1 
ATOM   1073 C CA  . ILE C 1 19 ? -2.932  2.645   19.063  1.00 15.13 ? 11  ILE C CA  1 
ATOM   1074 C C   . ILE C 1 19 ? -4.245  2.156   19.656  1.00 16.49 ? 11  ILE C C   1 
ATOM   1075 O O   . ILE C 1 19 ? -5.079  1.587   18.951  1.00 17.94 ? 11  ILE C O   1 
ATOM   1076 C CB  . ILE C 1 19 ? -3.258  3.601   17.911  1.00 17.79 ? 11  ILE C CB  1 
ATOM   1077 C CG1 . ILE C 1 19 ? -1.967  3.964   17.167  1.00 18.09 ? 11  ILE C CG1 1 
ATOM   1078 C CG2 . ILE C 1 19 ? -3.977  4.838   18.432  1.00 20.19 ? 11  ILE C CG2 1 
ATOM   1079 C CD1 . ILE C 1 19 ? -2.202  4.534   15.784  1.00 20.95 ? 11  ILE C CD1 1 
ATOM   1080 N N   . PHE C 1 20 ? -4.428  2.389   20.951  1.00 15.05 ? 12  PHE C N   1 
ATOM   1081 C CA  . PHE C 1 20 ? -5.655  1.985   21.625  1.00 15.77 ? 12  PHE C CA  1 
ATOM   1082 C C   . PHE C 1 20 ? -6.743  3.018   21.345  1.00 13.91 ? 12  PHE C C   1 
ATOM   1083 O O   . PHE C 1 20 ? -6.457  4.151   20.953  1.00 17.48 ? 12  PHE C O   1 
ATOM   1084 C CB  . PHE C 1 20 ? -5.412  1.880   23.134  1.00 17.77 ? 12  PHE C CB  1 
ATOM   1085 C CG  . PHE C 1 20 ? -4.486  0.761   23.528  1.00 18.17 ? 12  PHE C CG  1 
ATOM   1086 C CD1 . PHE C 1 20 ? -4.249  -0.311  22.666  1.00 19.88 ? 12  PHE C CD1 1 
ATOM   1087 C CD2 . PHE C 1 20 ? -3.868  0.768   24.773  1.00 18.83 ? 12  PHE C CD2 1 
ATOM   1088 C CE1 . PHE C 1 20 ? -3.412  -1.363  23.040  1.00 20.51 ? 12  PHE C CE1 1 
ATOM   1089 C CE2 . PHE C 1 20 ? -3.024  -0.283  25.159  1.00 17.85 ? 12  PHE C CE2 1 
ATOM   1090 C CZ  . PHE C 1 20 ? -2.798  -1.348  24.292  1.00 19.61 ? 12  PHE C CZ  1 
ATOM   1091 N N   . ALA C 1 21 ? -7.995  2.619   21.539  1.00 16.20 ? 13  ALA C N   1 
ATOM   1092 C CA  . ALA C 1 21 ? -9.111  3.519   21.300  1.00 18.88 ? 13  ALA C CA  1 
ATOM   1093 C C   . ALA C 1 21 ? -9.011  4.754   22.189  1.00 16.91 ? 13  ALA C C   1 
ATOM   1094 O O   . ALA C 1 21 ? -9.526  5.824   21.838  1.00 20.13 ? 13  ALA C O   1 
ATOM   1095 C CB  . ALA C 1 21 ? -10.431 2.791   21.554  1.00 17.98 ? 13  ALA C CB  1 
ATOM   1096 N N   . ASN C 1 22 ? -8.345  4.614   23.331  1.00 16.79 ? 14  ASN C N   1 
ATOM   1097 C CA  . ASN C 1 22 ? -8.206  5.739   24.251  1.00 15.73 ? 14  ASN C CA  1 
ATOM   1098 C C   . ASN C 1 22 ? -7.068  6.681   23.870  1.00 16.57 ? 14  ASN C C   1 
ATOM   1099 O O   . ASN C 1 22 ? -6.838  7.691   24.539  1.00 16.30 ? 14  ASN C O   1 
ATOM   1100 C CB  . ASN C 1 22 ? -8.027  5.246   25.699  1.00 15.22 ? 14  ASN C CB  1 
ATOM   1101 C CG  . ASN C 1 22 ? -6.752  4.437   25.911  1.00 15.64 ? 14  ASN C CG  1 
ATOM   1102 O OD1 . ASN C 1 22 ? -5.876  4.355   25.035  1.00 14.87 ? 14  ASN C OD1 1 
ATOM   1103 N ND2 . ASN C 1 22 ? -6.638  3.844   27.091  1.00 15.27 ? 14  ASN C ND2 1 
ATOM   1104 N N   . GLY C 1 23 ? -6.369  6.366   22.782  1.00 15.70 ? 15  GLY C N   1 
ATOM   1105 C CA  . GLY C 1 23 ? -5.277  7.223   22.347  1.00 16.90 ? 15  GLY C CA  1 
ATOM   1106 C C   . GLY C 1 23 ? -3.890  6.804   22.799  1.00 16.90 ? 15  GLY C C   1 
ATOM   1107 O O   . GLY C 1 23 ? -2.895  7.336   22.299  1.00 18.04 ? 15  GLY C O   1 
ATOM   1108 N N   . SER C 1 24 ? -3.808  5.862   23.736  1.00 15.42 ? 16  SER C N   1 
ATOM   1109 C CA  . SER C 1 24 ? -2.506  5.399   24.217  1.00 16.52 ? 16  SER C CA  1 
ATOM   1110 C C   . SER C 1 24 ? -1.800  4.695   23.070  1.00 17.86 ? 16  SER C C   1 
ATOM   1111 O O   . SER C 1 24 ? -2.353  3.776   22.461  1.00 17.67 ? 16  SER C O   1 
ATOM   1112 C CB  . SER C 1 24 ? -2.670  4.435   25.392  1.00 15.66 ? 16  SER C CB  1 
ATOM   1113 O OG  . SER C 1 24 ? -1.397  4.030   25.880  1.00 16.92 ? 16  SER C OG  1 
ATOM   1114 N N   . THR C 1 25 ? -0.570  5.120   22.794  1.00 15.07 ? 17  THR C N   1 
ATOM   1115 C CA  . THR C 1 25 ? 0.189   4.565   21.687  1.00 16.02 ? 17  THR C CA  1 
ATOM   1116 C C   . THR C 1 25 ? 1.570   4.075   22.090  1.00 16.22 ? 17  THR C C   1 
ATOM   1117 O O   . THR C 1 25 ? 2.190   4.620   23.003  1.00 17.91 ? 17  THR C O   1 
ATOM   1118 C CB  . THR C 1 25 ? 0.353   5.633   20.591  1.00 19.06 ? 17  THR C CB  1 
ATOM   1119 O OG1 . THR C 1 25 ? -0.943  6.115   20.204  1.00 21.34 ? 17  THR C OG1 1 
ATOM   1120 C CG2 . THR C 1 25 ? 1.076   5.059   19.372  1.00 18.39 ? 17  THR C CG2 1 
ATOM   1121 N N   . GLN C 1 26 ? 2.037   3.034   21.409  1.00 15.79 ? 18  GLN C N   1 
ATOM   1122 C CA  . GLN C 1 26 ? 3.370   2.493   21.636  1.00 16.05 ? 18  GLN C CA  1 
ATOM   1123 C C   . GLN C 1 26 ? 3.914   2.109   20.265  1.00 16.17 ? 18  GLN C C   1 
ATOM   1124 O O   . GLN C 1 26 ? 3.154   1.737   19.371  1.00 17.97 ? 18  GLN C O   1 
ATOM   1125 C CB  . GLN C 1 26 ? 3.328   1.273   22.563  1.00 20.17 ? 18  GLN C CB  1 
ATOM   1126 C CG  . GLN C 1 26 ? 2.365   0.180   22.128  1.00 24.26 ? 18  GLN C CG  1 
ATOM   1127 C CD  . GLN C 1 26 ? 2.232   -0.926  23.160  1.00 31.23 ? 18  GLN C CD  1 
ATOM   1128 O OE1 . GLN C 1 26 ? 3.188   -1.645  23.432  1.00 32.60 ? 18  GLN C OE1 1 
ATOM   1129 N NE2 . GLN C 1 26 ? 1.040   -1.062  23.743  1.00 33.55 ? 18  GLN C NE2 1 
ATOM   1130 N N   . THR C 1 27 ? 5.224   2.224   20.094  1.00 15.64 ? 19  THR C N   1 
ATOM   1131 C CA  . THR C 1 27 ? 5.853   1.888   18.829  1.00 15.39 ? 19  THR C CA  1 
ATOM   1132 C C   . THR C 1 27 ? 6.881   0.787   19.047  1.00 16.14 ? 19  THR C C   1 
ATOM   1133 O O   . THR C 1 27 ? 7.806   0.923   19.859  1.00 16.77 ? 19  THR C O   1 
ATOM   1134 C CB  . THR C 1 27 ? 6.553   3.113   18.206  1.00 18.39 ? 19  THR C CB  1 
ATOM   1135 O OG1 . THR C 1 27 ? 5.584   4.137   17.935  1.00 19.91 ? 19  THR C OG1 1 
ATOM   1136 C CG2 . THR C 1 27 ? 7.243   2.721   16.908  1.00 17.76 ? 19  THR C CG2 1 
ATOM   1137 N N   . ALA C 1 28 ? 6.697   -0.310  18.328  1.00 15.38 ? 20  ALA C N   1 
ATOM   1138 C CA  . ALA C 1 28 ? 7.596   -1.446  18.423  1.00 16.14 ? 20  ALA C CA  1 
ATOM   1139 C C   . ALA C 1 28 ? 8.028   -1.813  17.014  1.00 17.35 ? 20  ALA C C   1 
ATOM   1140 O O   . ALA C 1 28 ? 7.255   -1.672  16.067  1.00 18.14 ? 20  ALA C O   1 
ATOM   1141 C CB  . ALA C 1 28 ? 6.888   -2.623  19.077  1.00 17.45 ? 20  ALA C CB  1 
ATOM   1142 N N   . GLU C 1 29 ? 9.263   -2.280  16.872  1.00 14.08 ? 21  GLU C N   1 
ATOM   1143 C CA  . GLU C 1 29 ? 9.769   -2.666  15.563  1.00 15.20 ? 21  GLU C CA  1 
ATOM   1144 C C   . GLU C 1 29 ? 10.230  -4.109  15.654  1.00 16.63 ? 21  GLU C C   1 
ATOM   1145 O O   . GLU C 1 29 ? 10.851  -4.505  16.644  1.00 18.99 ? 21  GLU C O   1 
ATOM   1146 C CB  . GLU C 1 29 ? 10.936  -1.763  15.147  1.00 17.82 ? 21  GLU C CB  1 
ATOM   1147 C CG  . GLU C 1 29 ? 10.514  -0.323  14.852  1.00 24.52 ? 21  GLU C CG  1 
ATOM   1148 C CD  . GLU C 1 29 ? 11.680  0.561   14.429  1.00 29.48 ? 21  GLU C CD  1 
ATOM   1149 O OE1 . GLU C 1 29 ? 12.844  0.181   14.671  1.00 37.22 ? 21  GLU C OE1 1 
ATOM   1150 O OE2 . GLU C 1 29 ? 11.428  1.644   13.864  1.00 34.88 ? 21  GLU C OE2 1 
ATOM   1151 N N   . PHE C 1 30 ? 9.916   -4.892  14.630  1.00 14.96 ? 22  PHE C N   1 
ATOM   1152 C CA  . PHE C 1 30 ? 10.291  -6.297  14.621  1.00 14.57 ? 22  PHE C CA  1 
ATOM   1153 C C   . PHE C 1 30 ? 11.173  -6.616  13.433  1.00 17.57 ? 22  PHE C C   1 
ATOM   1154 O O   . PHE C 1 30 ? 10.858  -6.253  12.298  1.00 16.12 ? 22  PHE C O   1 
ATOM   1155 C CB  . PHE C 1 30 ? 9.038   -7.174  14.588  1.00 18.11 ? 22  PHE C CB  1 
ATOM   1156 C CG  . PHE C 1 30 ? 8.076   -6.877  15.700  1.00 18.10 ? 22  PHE C CG  1 
ATOM   1157 C CD1 . PHE C 1 30 ? 8.205   -7.510  16.930  1.00 18.92 ? 22  PHE C CD1 1 
ATOM   1158 C CD2 . PHE C 1 30 ? 7.080   -5.918  15.537  1.00 17.46 ? 22  PHE C CD2 1 
ATOM   1159 C CE1 . PHE C 1 30 ? 7.352   -7.190  17.993  1.00 18.92 ? 22  PHE C CE1 1 
ATOM   1160 C CE2 . PHE C 1 30 ? 6.224   -5.591  16.588  1.00 18.22 ? 22  PHE C CE2 1 
ATOM   1161 C CZ  . PHE C 1 30 ? 6.362   -6.227  17.818  1.00 18.28 ? 22  PHE C CZ  1 
ATOM   1162 N N   . LYS C 1 31 ? 12.284  -7.296  13.706  1.00 17.12 ? 23  LYS C N   1 
ATOM   1163 C CA  . LYS C 1 31 ? 13.223  -7.673  12.660  1.00 18.08 ? 23  LYS C CA  1 
ATOM   1164 C C   . LYS C 1 31 ? 13.103  -9.150  12.311  1.00 18.37 ? 23  LYS C C   1 
ATOM   1165 O O   . LYS C 1 31 ? 12.937  -9.994  13.192  1.00 18.23 ? 23  LYS C O   1 
ATOM   1166 C CB  . LYS C 1 31 ? 14.659  -7.363  13.101  1.00 18.43 ? 23  LYS C CB  1 
ATOM   1167 C CG  . LYS C 1 31 ? 14.911  -5.884  13.341  1.00 21.17 ? 23  LYS C CG  1 
ATOM   1168 C CD  . LYS C 1 31 ? 16.393  -5.596  13.513  1.00 26.28 ? 23  LYS C CD  1 
ATOM   1169 C CE  . LYS C 1 31 ? 16.651  -4.105  13.639  1.00 32.00 ? 23  LYS C CE  1 
ATOM   1170 N NZ  . LYS C 1 31 ? 18.110  -3.806  13.696  1.00 38.54 ? 23  LYS C NZ  1 
ATOM   1171 N N   . GLY C 1 32 ? 13.183  -9.444  11.015  1.00 17.04 ? 24  GLY C N   1 
ATOM   1172 C CA  . GLY C 1 32 ? 13.094  -10.814 10.529  1.00 18.31 ? 24  GLY C CA  1 
ATOM   1173 C C   . GLY C 1 32 ? 12.720  -10.772 9.059   1.00 16.69 ? 24  GLY C C   1 
ATOM   1174 O O   . GLY C 1 32 ? 12.840  -9.718  8.430   1.00 17.61 ? 24  GLY C O   1 
ATOM   1175 N N   . THR C 1 33 ? 12.294  -11.894 8.490   1.00 18.00 ? 25  THR C N   1 
ATOM   1176 C CA  . THR C 1 33 ? 11.872  -11.863 7.092   1.00 17.19 ? 25  THR C CA  1 
ATOM   1177 C C   . THR C 1 33 ? 10.628  -10.977 7.093   1.00 15.75 ? 25  THR C C   1 
ATOM   1178 O O   . THR C 1 33 ? 10.050  -10.716 8.153   1.00 16.02 ? 25  THR C O   1 
ATOM   1179 C CB  . THR C 1 33 ? 11.475  -13.262 6.556   1.00 18.03 ? 25  THR C CB  1 
ATOM   1180 O OG1 . THR C 1 33 ? 10.438  -13.830 7.369   1.00 18.77 ? 25  THR C OG1 1 
ATOM   1181 C CG2 . THR C 1 33 ? 12.679  -14.186 6.549   1.00 20.55 ? 25  THR C CG2 1 
ATOM   1182 N N   . PHE C 1 34 ? 10.207  -10.508 5.928   1.00 15.95 ? 26  PHE C N   1 
ATOM   1183 C CA  . PHE C 1 34 ? 9.012   -9.666  5.889   1.00 16.10 ? 26  PHE C CA  1 
ATOM   1184 C C   . PHE C 1 34 ? 7.820   -10.411 6.506   1.00 15.82 ? 26  PHE C C   1 
ATOM   1185 O O   . PHE C 1 34 ? 7.070   -9.852  7.316   1.00 16.13 ? 26  PHE C O   1 
ATOM   1186 C CB  . PHE C 1 34 ? 8.693   -9.272  4.446   1.00 15.87 ? 26  PHE C CB  1 
ATOM   1187 C CG  . PHE C 1 34 ? 7.630   -8.215  4.325   1.00 14.97 ? 26  PHE C CG  1 
ATOM   1188 C CD1 . PHE C 1 34 ? 6.282   -8.565  4.330   1.00 17.19 ? 26  PHE C CD1 1 
ATOM   1189 C CD2 . PHE C 1 34 ? 7.975   -6.874  4.189   1.00 16.22 ? 26  PHE C CD2 1 
ATOM   1190 C CE1 . PHE C 1 34 ? 5.290   -7.596  4.198   1.00 17.38 ? 26  PHE C CE1 1 
ATOM   1191 C CE2 . PHE C 1 34 ? 6.983   -5.887  4.053   1.00 16.36 ? 26  PHE C CE2 1 
ATOM   1192 C CZ  . PHE C 1 34 ? 5.640   -6.255  4.057   1.00 15.77 ? 26  PHE C CZ  1 
ATOM   1193 N N   . GLU C 1 35 ? 7.649   -11.678 6.141   1.00 15.75 ? 27  GLU C N   1 
ATOM   1194 C CA  . GLU C 1 35 ? 6.533   -12.457 6.667   1.00 15.22 ? 27  GLU C CA  1 
ATOM   1195 C C   . GLU C 1 35 ? 6.622   -12.686 8.173   1.00 17.41 ? 27  GLU C C   1 
ATOM   1196 O O   . GLU C 1 35 ? 5.640   -12.492 8.884   1.00 16.94 ? 27  GLU C O   1 
ATOM   1197 C CB  . GLU C 1 35 ? 6.424   -13.813 5.952   1.00 16.92 ? 27  GLU C CB  1 
ATOM   1198 C CG  . GLU C 1 35 ? 5.198   -14.614 6.369   1.00 17.13 ? 27  GLU C CG  1 
ATOM   1199 C CD  . GLU C 1 35 ? 4.983   -15.878 5.552   1.00 21.19 ? 27  GLU C CD  1 
ATOM   1200 O OE1 . GLU C 1 35 ? 5.804   -16.177 4.655   1.00 21.88 ? 27  GLU C OE1 1 
ATOM   1201 O OE2 . GLU C 1 35 ? 3.978   -16.574 5.814   1.00 20.71 ? 27  GLU C OE2 1 
ATOM   1202 N N   . LYS C 1 36 ? 7.795   -13.089 8.657   1.00 15.75 ? 28  LYS C N   1 
ATOM   1203 C CA  . LYS C 1 36 ? 7.966   -13.364 10.079  1.00 17.65 ? 28  LYS C CA  1 
ATOM   1204 C C   . LYS C 1 36 ? 7.837   -12.125 10.953  1.00 17.19 ? 28  LYS C C   1 
ATOM   1205 O O   . LYS C 1 36 ? 7.180   -12.165 11.999  1.00 16.59 ? 28  LYS C O   1 
ATOM   1206 C CB  . LYS C 1 36 ? 9.321   -14.034 10.339  1.00 20.31 ? 28  LYS C CB  1 
ATOM   1207 C CG  . LYS C 1 36 ? 9.514   -14.503 11.776  1.00 27.84 ? 28  LYS C CG  1 
ATOM   1208 C CD  . LYS C 1 36 ? 8.493   -15.568 12.151  1.00 32.78 ? 28  LYS C CD  1 
ATOM   1209 C CE  . LYS C 1 36 ? 8.795   -16.207 13.506  1.00 37.11 ? 28  LYS C CE  1 
ATOM   1210 N NZ  . LYS C 1 36 ? 8.695   -15.253 14.643  1.00 39.67 ? 28  LYS C NZ  1 
ATOM   1211 N N   . ALA C 1 37 ? 8.454   -11.027 10.529  1.00 16.10 ? 29  ALA C N   1 
ATOM   1212 C CA  . ALA C 1 37 ? 8.390   -9.787  11.296  1.00 15.49 ? 29  ALA C CA  1 
ATOM   1213 C C   . ALA C 1 37 ? 6.946   -9.283  11.340  1.00 15.80 ? 29  ALA C C   1 
ATOM   1214 O O   . ALA C 1 37 ? 6.468   -8.814  12.377  1.00 15.82 ? 29  ALA C O   1 
ATOM   1215 C CB  . ALA C 1 37 ? 9.307   -8.734  10.674  1.00 15.63 ? 29  ALA C CB  1 
ATOM   1216 N N   . THR C 1 38 ? 6.249   -9.381  10.214  1.00 14.64 ? 30  THR C N   1 
ATOM   1217 C CA  . THR C 1 38 ? 4.859   -8.950  10.172  1.00 14.66 ? 30  THR C CA  1 
ATOM   1218 C C   . THR C 1 38 ? 4.021   -9.811  11.118  1.00 16.32 ? 30  THR C C   1 
ATOM   1219 O O   . THR C 1 38 ? 3.212   -9.292  11.884  1.00 16.68 ? 30  THR C O   1 
ATOM   1220 C CB  . THR C 1 38 ? 4.281   -9.045  8.740   1.00 14.98 ? 30  THR C CB  1 
ATOM   1221 O OG1 . THR C 1 38 ? 4.967   -8.108  7.894   1.00 16.75 ? 30  THR C OG1 1 
ATOM   1222 C CG2 . THR C 1 38 ? 2.774   -8.728  8.740   1.00 15.77 ? 30  THR C CG2 1 
ATOM   1223 N N   . SER C 1 39 ? 4.226   -11.125 11.080  1.00 17.18 ? 31  SER C N   1 
ATOM   1224 C CA  . SER C 1 39 ? 3.467   -12.020 11.950  1.00 17.10 ? 31  SER C CA  1 
ATOM   1225 C C   . SER C 1 39 ? 3.749   -11.746 13.431  1.00 16.83 ? 31  SER C C   1 
ATOM   1226 O O   . SER C 1 39 ? 2.861   -11.906 14.268  1.00 16.95 ? 31  SER C O   1 
ATOM   1227 C CB  . SER C 1 39 ? 3.771   -13.487 11.618  1.00 21.29 ? 31  SER C CB  1 
ATOM   1228 O OG  . SER C 1 39 ? 5.126   -13.804 11.859  1.00 29.98 ? 31  SER C OG  1 
ATOM   1229 N N   . GLU C 1 40 ? 4.974   -11.330 13.752  1.00 15.83 ? 32  GLU C N   1 
ATOM   1230 C CA  . GLU C 1 40 ? 5.329   -11.021 15.137  1.00 14.61 ? 32  GLU C CA  1 
ATOM   1231 C C   . GLU C 1 40 ? 4.560   -9.794  15.600  1.00 15.29 ? 32  GLU C C   1 
ATOM   1232 O O   . GLU C 1 40 ? 4.090   -9.736  16.735  1.00 15.98 ? 32  GLU C O   1 
ATOM   1233 C CB  . GLU C 1 40 ? 6.840   -10.790 15.264  1.00 15.24 ? 32  GLU C CB  1 
ATOM   1234 C CG  . GLU C 1 40 ? 7.607   -12.081 15.012  1.00 19.44 ? 32  GLU C CG  1 
ATOM   1235 C CD  . GLU C 1 40 ? 9.098   -11.891 14.818  1.00 20.15 ? 32  GLU C CD  1 
ATOM   1236 O OE1 . GLU C 1 40 ? 9.546   -10.752 14.584  1.00 17.47 ? 32  GLU C OE1 1 
ATOM   1237 O OE2 . GLU C 1 40 ? 9.822   -12.910 14.878  1.00 19.96 ? 32  GLU C OE2 1 
ATOM   1238 N N   . ALA C 1 41 ? 4.415   -8.816  14.714  1.00 15.20 ? 33  ALA C N   1 
ATOM   1239 C CA  . ALA C 1 41 ? 3.680   -7.614  15.072  1.00 16.05 ? 33  ALA C CA  1 
ATOM   1240 C C   . ALA C 1 41 ? 2.220   -7.973  15.342  1.00 16.33 ? 33  ALA C C   1 
ATOM   1241 O O   . ALA C 1 41 ? 1.646   -7.543  16.340  1.00 14.80 ? 33  ALA C O   1 
ATOM   1242 C CB  . ALA C 1 41 ? 3.768   -6.585  13.946  1.00 16.04 ? 33  ALA C CB  1 
ATOM   1243 N N   . TYR C 1 42 ? 1.627   -8.777  14.465  1.00 15.16 ? 34  TYR C N   1 
ATOM   1244 C CA  . TYR C 1 42 ? 0.232   -9.137  14.644  1.00 14.61 ? 34  TYR C CA  1 
ATOM   1245 C C   . TYR C 1 42 ? 0.006   -10.090 15.808  1.00 15.86 ? 34  TYR C C   1 
ATOM   1246 O O   . TYR C 1 42 ? -1.034  -10.035 16.456  1.00 17.31 ? 34  TYR C O   1 
ATOM   1247 C CB  . TYR C 1 42 ? -0.358  -9.700  13.345  1.00 15.40 ? 34  TYR C CB  1 
ATOM   1248 C CG  . TYR C 1 42 ? -0.400  -8.673  12.225  1.00 15.19 ? 34  TYR C CG  1 
ATOM   1249 C CD1 . TYR C 1 42 ? -0.632  -7.320  12.497  1.00 17.22 ? 34  TYR C CD1 1 
ATOM   1250 C CD2 . TYR C 1 42 ? -0.231  -9.055  10.895  1.00 16.47 ? 34  TYR C CD2 1 
ATOM   1251 C CE1 . TYR C 1 42 ? -0.692  -6.375  11.471  1.00 16.41 ? 34  TYR C CE1 1 
ATOM   1252 C CE2 . TYR C 1 42 ? -0.292  -8.113  9.858   1.00 15.61 ? 34  TYR C CE2 1 
ATOM   1253 C CZ  . TYR C 1 42 ? -0.521  -6.782  10.155  1.00 16.63 ? 34  TYR C CZ  1 
ATOM   1254 O OH  . TYR C 1 42 ? -0.578  -5.851  9.142   1.00 17.13 ? 34  TYR C OH  1 
ATOM   1255 N N   . ALA C 1 43 ? 0.979   -10.950 16.089  1.00 16.67 ? 35  ALA C N   1 
ATOM   1256 C CA  . ALA C 1 43 ? 0.844   -11.862 17.222  1.00 19.20 ? 35  ALA C CA  1 
ATOM   1257 C C   . ALA C 1 43 ? 0.829   -11.023 18.497  1.00 17.44 ? 35  ALA C C   1 
ATOM   1258 O O   . ALA C 1 43 ? 0.076   -11.303 19.435  1.00 16.84 ? 35  ALA C O   1 
ATOM   1259 C CB  . ALA C 1 43 ? 2.007   -12.849 17.252  1.00 19.83 ? 35  ALA C CB  1 
ATOM   1260 N N   . TYR C 1 44 ? 1.658   -9.981  18.528  1.00 16.94 ? 36  TYR C N   1 
ATOM   1261 C CA  . TYR C 1 44 ? 1.707   -9.112  19.694  1.00 16.97 ? 36  TYR C CA  1 
ATOM   1262 C C   . TYR C 1 44 ? 0.375   -8.371  19.833  1.00 17.43 ? 36  TYR C C   1 
ATOM   1263 O O   . TYR C 1 44 ? -0.171  -8.258  20.932  1.00 18.70 ? 36  TYR C O   1 
ATOM   1264 C CB  . TYR C 1 44 ? 2.873   -8.120  19.587  1.00 16.82 ? 36  TYR C CB  1 
ATOM   1265 C CG  . TYR C 1 44 ? 2.981   -7.204  20.789  1.00 19.38 ? 36  TYR C CG  1 
ATOM   1266 C CD1 . TYR C 1 44 ? 3.037   -7.730  22.080  1.00 20.19 ? 36  TYR C CD1 1 
ATOM   1267 C CD2 . TYR C 1 44 ? 2.979   -5.817  20.640  1.00 21.53 ? 36  TYR C CD2 1 
ATOM   1268 C CE1 . TYR C 1 44 ? 3.079   -6.899  23.194  1.00 23.58 ? 36  TYR C CE1 1 
ATOM   1269 C CE2 . TYR C 1 44 ? 3.021   -4.977  21.747  1.00 25.08 ? 36  TYR C CE2 1 
ATOM   1270 C CZ  . TYR C 1 44 ? 3.067   -5.526  23.020  1.00 26.29 ? 36  TYR C CZ  1 
ATOM   1271 O OH  . TYR C 1 44 ? 3.070   -4.704  24.125  1.00 29.52 ? 36  TYR C OH  1 
ATOM   1272 N N   . ALA C 1 45 ? -0.161  -7.882  18.717  1.00 17.03 ? 37  ALA C N   1 
ATOM   1273 C CA  . ALA C 1 45 ? -1.438  -7.184  18.760  1.00 16.66 ? 37  ALA C CA  1 
ATOM   1274 C C   . ALA C 1 45 ? -2.523  -8.113  19.311  1.00 19.27 ? 37  ALA C C   1 
ATOM   1275 O O   . ALA C 1 45 ? -3.407  -7.685  20.058  1.00 17.94 ? 37  ALA C O   1 
ATOM   1276 C CB  . ALA C 1 45 ? -1.818  -6.697  17.366  1.00 16.37 ? 37  ALA C CB  1 
ATOM   1277 N N   . ASP C 1 46 ? -2.455  -9.388  18.950  1.00 17.21 ? 38  ASP C N   1 
ATOM   1278 C CA  . ASP C 1 46 ? -3.451  -10.339 19.428  1.00 18.51 ? 38  ASP C CA  1 
ATOM   1279 C C   . ASP C 1 46 ? -3.414  -10.500 20.951  1.00 19.44 ? 38  ASP C C   1 
ATOM   1280 O O   . ASP C 1 46 ? -4.452  -10.725 21.568  1.00 23.16 ? 38  ASP C O   1 
ATOM   1281 C CB  . ASP C 1 46 ? -3.266  -11.698 18.750  1.00 18.71 ? 38  ASP C CB  1 
ATOM   1282 C CG  . ASP C 1 46 ? -3.884  -11.747 17.364  1.00 21.30 ? 38  ASP C CG  1 
ATOM   1283 O OD1 . ASP C 1 46 ? -4.679  -10.842 17.028  1.00 20.75 ? 38  ASP C OD1 1 
ATOM   1284 O OD2 . ASP C 1 46 ? -3.578  -12.693 16.610  1.00 21.86 ? 38  ASP C OD2 1 
ATOM   1285 N N   . THR C 1 47 ? -2.237  -10.378 21.561  1.00 20.17 ? 39  THR C N   1 
ATOM   1286 C CA  . THR C 1 47 ? -2.149  -10.515 23.020  1.00 20.52 ? 39  THR C CA  1 
ATOM   1287 C C   . THR C 1 47 ? -2.812  -9.332  23.725  1.00 21.74 ? 39  THR C C   1 
ATOM   1288 O O   . THR C 1 47 ? -3.111  -9.401  24.917  1.00 20.90 ? 39  THR C O   1 
ATOM   1289 C CB  . THR C 1 47 ? -0.680  -10.600 23.532  1.00 20.05 ? 39  THR C CB  1 
ATOM   1290 O OG1 . THR C 1 47 ? -0.047  -9.314  23.422  1.00 19.76 ? 39  THR C OG1 1 
ATOM   1291 C CG2 . THR C 1 47 ? 0.107   -11.632 22.746  1.00 20.58 ? 39  THR C CG2 1 
ATOM   1292 N N   . LEU C 1 48 ? -3.047  -8.253  22.982  1.00 19.10 ? 40  LEU C N   1 
ATOM   1293 C CA  . LEU C 1 48 ? -3.654  -7.049  23.539  1.00 19.38 ? 40  LEU C CA  1 
ATOM   1294 C C   . LEU C 1 48 ? -5.164  -6.935  23.320  1.00 20.02 ? 40  LEU C C   1 
ATOM   1295 O O   . LEU C 1 48 ? -5.791  -6.001  23.817  1.00 20.11 ? 40  LEU C O   1 
ATOM   1296 C CB  . LEU C 1 48 ? -2.976  -5.807  22.945  1.00 19.77 ? 40  LEU C CB  1 
ATOM   1297 C CG  . LEU C 1 48 ? -1.490  -5.604  23.265  1.00 22.13 ? 40  LEU C CG  1 
ATOM   1298 C CD1 . LEU C 1 48 ? -0.895  -4.547  22.345  1.00 21.98 ? 40  LEU C CD1 1 
ATOM   1299 C CD2 . LEU C 1 48 ? -1.341  -5.206  24.725  1.00 23.53 ? 40  LEU C CD2 1 
ATOM   1300 N N   . LYS C 1 49 ? -5.744  -7.871  22.576  1.00 20.53 ? 41  LYS C N   1 
ATOM   1301 C CA  . LYS C 1 49 ? -7.180  -7.820  22.297  1.00 23.01 ? 41  LYS C CA  1 
ATOM   1302 C C   . LYS C 1 49 ? -8.054  -8.029  23.527  1.00 25.34 ? 41  LYS C C   1 
ATOM   1303 O O   . LYS C 1 49 ? -9.121  -7.423  23.656  1.00 25.09 ? 41  LYS C O   1 
ATOM   1304 C CB  . LYS C 1 49 ? -7.552  -8.861  21.242  1.00 24.46 ? 41  LYS C CB  1 
ATOM   1305 C CG  . LYS C 1 49 ? -6.963  -8.597  19.876  1.00 27.83 ? 41  LYS C CG  1 
ATOM   1306 C CD  . LYS C 1 49 ? -7.629  -9.468  18.811  1.00 30.19 ? 41  LYS C CD  1 
ATOM   1307 C CE  . LYS C 1 49 ? -7.417  -10.950 19.070  1.00 32.54 ? 41  LYS C CE  1 
ATOM   1308 N NZ  . LYS C 1 49 ? -8.063  -11.775 18.006  1.00 34.37 ? 41  LYS C NZ  1 
ATOM   1309 N N   . LYS C 1 50 ? -7.598  -8.891  24.428  1.00 27.25 ? 42  LYS C N   1 
ATOM   1310 C CA  . LYS C 1 50 ? -8.350  -9.189  25.641  1.00 31.04 ? 42  LYS C CA  1 
ATOM   1311 C C   . LYS C 1 50 ? -8.759  -7.920  26.383  1.00 30.54 ? 42  LYS C C   1 
ATOM   1312 O O   . LYS C 1 50 ? -9.931  -7.741  26.727  1.00 30.97 ? 42  LYS C O   1 
ATOM   1313 C CB  . LYS C 1 50 ? -7.512  -10.075 26.566  1.00 35.10 ? 42  LYS C CB  1 
ATOM   1314 C CG  . LYS C 1 50 ? -8.259  -10.607 27.779  1.00 40.81 ? 42  LYS C CG  1 
ATOM   1315 C CD  . LYS C 1 50 ? -9.250  -11.688 27.381  1.00 44.44 ? 42  LYS C CD  1 
ATOM   1316 C CE  . LYS C 1 50 ? -9.877  -12.336 28.607  1.00 46.05 ? 42  LYS C CE  1 
ATOM   1317 N NZ  . LYS C 1 50 ? -10.792 -13.455 28.240  1.00 48.27 ? 42  LYS C NZ  1 
ATOM   1318 N N   . ASP C 1 51 ? -7.799  -7.032  26.616  1.00 28.02 ? 43  ASP C N   1 
ATOM   1319 C CA  . ASP C 1 51 ? -8.082  -5.803  27.342  1.00 28.94 ? 43  ASP C CA  1 
ATOM   1320 C C   . ASP C 1 51 ? -8.340  -4.569  26.492  1.00 26.40 ? 43  ASP C C   1 
ATOM   1321 O O   . ASP C 1 51 ? -8.799  -3.553  27.018  1.00 25.61 ? 43  ASP C O   1 
ATOM   1322 C CB  . ASP C 1 51 ? -6.937  -5.487  28.308  1.00 32.61 ? 43  ASP C CB  1 
ATOM   1323 C CG  . ASP C 1 51 ? -6.659  -6.618  29.270  1.00 35.82 ? 43  ASP C CG  1 
ATOM   1324 O OD1 . ASP C 1 51 ? -7.625  -7.154  29.849  1.00 37.98 ? 43  ASP C OD1 1 
ATOM   1325 O OD2 . ASP C 1 51 ? -5.473  -6.966  29.451  1.00 38.44 ? 43  ASP C OD2 1 
ATOM   1326 N N   . ASN C 1 52 ? -8.075  -4.644  25.190  1.00 22.21 ? 44  ASN C N   1 
ATOM   1327 C CA  . ASN C 1 52 ? -8.253  -3.468  24.347  1.00 21.60 ? 44  ASN C CA  1 
ATOM   1328 C C   . ASN C 1 52 ? -9.158  -3.605  23.126  1.00 19.78 ? 44  ASN C C   1 
ATOM   1329 O O   . ASN C 1 52 ? -9.347  -2.635  22.391  1.00 20.75 ? 44  ASN C O   1 
ATOM   1330 C CB  . ASN C 1 52 ? -6.876  -2.962  23.913  1.00 19.73 ? 44  ASN C CB  1 
ATOM   1331 C CG  . ASN C 1 52 ? -5.962  -2.707  25.095  1.00 21.51 ? 44  ASN C CG  1 
ATOM   1332 O OD1 . ASN C 1 52 ? -6.088  -1.694  25.782  1.00 21.31 ? 44  ASN C OD1 1 
ATOM   1333 N ND2 . ASN C 1 52 ? -5.052  -3.641  25.354  1.00 21.12 ? 44  ASN C ND2 1 
ATOM   1334 N N   . GLY C 1 53 ? -9.706  -4.797  22.910  1.00 20.75 ? 45  GLY C N   1 
ATOM   1335 C CA  . GLY C 1 53 ? -10.601 -5.008  21.783  1.00 20.62 ? 45  GLY C CA  1 
ATOM   1336 C C   . GLY C 1 53 ? -9.962  -5.503  20.499  1.00 21.28 ? 45  GLY C C   1 
ATOM   1337 O O   . GLY C 1 53 ? -8.744  -5.701  20.425  1.00 19.89 ? 45  GLY C O   1 
ATOM   1338 N N   . GLU C 1 54 ? -10.798 -5.703  19.481  1.00 19.68 ? 46  GLU C N   1 
ATOM   1339 C CA  . GLU C 1 54 ? -10.335 -6.176  18.180  1.00 21.44 ? 46  GLU C CA  1 
ATOM   1340 C C   . GLU C 1 54 ? -9.527  -5.083  17.500  1.00 18.53 ? 46  GLU C C   1 
ATOM   1341 O O   . GLU C 1 54 ? -9.740  -3.903  17.755  1.00 18.44 ? 46  GLU C O   1 
ATOM   1342 C CB  . GLU C 1 54 ? -11.528 -6.545  17.294  1.00 21.75 ? 46  GLU C CB  1 
ATOM   1343 C CG  . GLU C 1 54 ? -12.326 -7.742  17.787  1.00 26.07 ? 46  GLU C CG  1 
ATOM   1344 C CD  . GLU C 1 54 ? -11.508 -9.019  17.800  1.00 33.81 ? 46  GLU C CD  1 
ATOM   1345 O OE1 . GLU C 1 54 ? -10.932 -9.368  16.750  1.00 34.45 ? 46  GLU C OE1 1 
ATOM   1346 O OE2 . GLU C 1 54 ? -11.442 -9.682  18.859  1.00 39.55 ? 46  GLU C OE2 1 
ATOM   1347 N N   . TRP C 1 55 ? -8.601  -5.475  16.634  1.00 18.67 ? 47  TRP C N   1 
ATOM   1348 C CA  . TRP C 1 55 ? -7.790  -4.491  15.929  1.00 16.09 ? 47  TRP C CA  1 
ATOM   1349 C C   . TRP C 1 55 ? -7.889  -4.591  14.415  1.00 19.19 ? 47  TRP C C   1 
ATOM   1350 O O   . TRP C 1 55 ? -8.270  -5.630  13.863  1.00 18.09 ? 47  TRP C O   1 
ATOM   1351 C CB  . TRP C 1 55 ? -6.313  -4.601  16.336  1.00 18.18 ? 47  TRP C CB  1 
ATOM   1352 C CG  . TRP C 1 55 ? -5.708  -5.973  16.199  1.00 17.16 ? 47  TRP C CG  1 
ATOM   1353 C CD1 . TRP C 1 55 ? -5.639  -6.937  17.164  1.00 15.96 ? 47  TRP C CD1 1 
ATOM   1354 C CD2 . TRP C 1 55 ? -5.082  -6.532  15.033  1.00 15.23 ? 47  TRP C CD2 1 
ATOM   1355 N NE1 . TRP C 1 55 ? -5.008  -8.056  16.678  1.00 17.99 ? 47  TRP C NE1 1 
ATOM   1356 C CE2 . TRP C 1 55 ? -4.657  -7.839  15.373  1.00 17.13 ? 47  TRP C CE2 1 
ATOM   1357 C CE3 . TRP C 1 55 ? -4.836  -6.056  13.735  1.00 17.77 ? 47  TRP C CE3 1 
ATOM   1358 C CZ2 . TRP C 1 55 ? -4.002  -8.679  14.462  1.00 16.62 ? 47  TRP C CZ2 1 
ATOM   1359 C CZ3 . TRP C 1 55 ? -4.181  -6.891  12.829  1.00 16.31 ? 47  TRP C CZ3 1 
ATOM   1360 C CH2 . TRP C 1 55 ? -3.772  -8.191  13.200  1.00 19.14 ? 47  TRP C CH2 1 
ATOM   1361 N N   . THR C 1 56 ? -7.561  -3.482  13.759  1.00 16.38 ? 48  THR C N   1 
ATOM   1362 C CA  . THR C 1 56 ? -7.548  -3.392  12.309  1.00 16.44 ? 48  THR C CA  1 
ATOM   1363 C C   . THR C 1 56 ? -6.303  -2.559  11.986  1.00 17.16 ? 48  THR C C   1 
ATOM   1364 O O   . THR C 1 56 ? -5.765  -1.890  12.868  1.00 18.61 ? 48  THR C O   1 
ATOM   1365 C CB  . THR C 1 56 ? -8.831  -2.724  11.774  1.00 17.58 ? 48  THR C CB  1 
ATOM   1366 O OG1 . THR C 1 56 ? -8.884  -2.874  10.352  1.00 22.82 ? 48  THR C OG1 1 
ATOM   1367 C CG2 . THR C 1 56 ? -8.873  -1.260  12.128  1.00 17.11 ? 48  THR C CG2 1 
ATOM   1368 N N   . VAL C 1 57 ? -5.844  -2.585  10.737  1.00 14.34 ? 49  VAL C N   1 
ATOM   1369 C CA  . VAL C 1 57 ? -4.618  -1.866  10.398  1.00 14.54 ? 49  VAL C CA  1 
ATOM   1370 C C   . VAL C 1 57 ? -4.737  -0.791  9.335   1.00 14.85 ? 49  VAL C C   1 
ATOM   1371 O O   . VAL C 1 57 ? -5.302  -1.032  8.268   1.00 16.39 ? 49  VAL C O   1 
ATOM   1372 C CB  . VAL C 1 57 ? -3.516  -2.841  9.889   1.00 13.66 ? 49  VAL C CB  1 
ATOM   1373 C CG1 . VAL C 1 57 ? -2.167  -2.128  9.849   1.00 16.77 ? 49  VAL C CG1 1 
ATOM   1374 C CG2 . VAL C 1 57 ? -3.465  -4.088  10.760  1.00 16.36 ? 49  VAL C CG2 1 
ATOM   1375 N N   . ASP C 1 58 ? -4.194  0.387   9.638   1.00 14.54 ? 50  ASP C N   1 
ATOM   1376 C CA  . ASP C 1 58 ? -4.120  1.498   8.691   1.00 14.32 ? 50  ASP C CA  1 
ATOM   1377 C C   . ASP C 1 58 ? -2.672  1.330   8.216   1.00 16.36 ? 50  ASP C C   1 
ATOM   1378 O O   . ASP C 1 58 ? -1.729  1.523   8.985   1.00 17.17 ? 50  ASP C O   1 
ATOM   1379 C CB  . ASP C 1 58 ? -4.287  2.839   9.407   1.00 17.00 ? 50  ASP C CB  1 
ATOM   1380 C CG  . ASP C 1 58 ? -4.187  4.034   8.467   1.00 25.65 ? 50  ASP C CG  1 
ATOM   1381 O OD1 . ASP C 1 58 ? -4.169  3.851   7.233   1.00 26.18 ? 50  ASP C OD1 1 
ATOM   1382 O OD2 . ASP C 1 58 ? -4.136  5.174   8.973   1.00 36.44 ? 50  ASP C OD2 1 
ATOM   1383 N N   . VAL C 1 59 ? -2.502  0.940   6.961   1.00 14.73 ? 51  VAL C N   1 
ATOM   1384 C CA  . VAL C 1 59 ? -1.180  0.689   6.409   1.00 15.32 ? 51  VAL C CA  1 
ATOM   1385 C C   . VAL C 1 59 ? -0.485  1.902   5.809   1.00 16.69 ? 51  VAL C C   1 
ATOM   1386 O O   . VAL C 1 59 ? -1.098  2.710   5.118   1.00 15.72 ? 51  VAL C O   1 
ATOM   1387 C CB  . VAL C 1 59 ? -1.268  -0.406  5.318   1.00 15.30 ? 51  VAL C CB  1 
ATOM   1388 C CG1 . VAL C 1 59 ? 0.094   -0.641  4.685   1.00 17.98 ? 51  VAL C CG1 1 
ATOM   1389 C CG2 . VAL C 1 59 ? -1.804  -1.697  5.920   1.00 17.07 ? 51  VAL C CG2 1 
ATOM   1390 N N   . ALA C 1 60 ? 0.806   2.026   6.091   1.00 14.21 ? 52  ALA C N   1 
ATOM   1391 C CA  . ALA C 1 60 ? 1.596   3.099   5.531   1.00 13.28 ? 52  ALA C CA  1 
ATOM   1392 C C   . ALA C 1 60 ? 2.921   2.515   5.072   1.00 15.95 ? 52  ALA C C   1 
ATOM   1393 O O   . ALA C 1 60 ? 3.272   1.371   5.401   1.00 15.16 ? 52  ALA C O   1 
ATOM   1394 C CB  . ALA C 1 60 ? 1.841   4.202   6.568   1.00 16.34 ? 52  ALA C CB  1 
ATOM   1395 N N   . ASP C 1 61 ? 3.645   3.305   4.293   1.00 16.70 ? 53  ASP C N   1 
ATOM   1396 C CA  . ASP C 1 61 ? 4.950   2.901   3.806   1.00 16.76 ? 53  ASP C CA  1 
ATOM   1397 C C   . ASP C 1 61 ? 5.025   1.517   3.167   1.00 19.28 ? 53  ASP C C   1 
ATOM   1398 O O   . ASP C 1 61 ? 5.936   0.731   3.451   1.00 16.68 ? 53  ASP C O   1 
ATOM   1399 C CB  . ASP C 1 61 ? 5.966   3.024   4.944   1.00 16.33 ? 53  ASP C CB  1 
ATOM   1400 C CG  . ASP C 1 61 ? 6.074   4.444   5.463   1.00 22.99 ? 53  ASP C CG  1 
ATOM   1401 O OD1 . ASP C 1 61 ? 6.213   5.366   4.626   1.00 23.38 ? 53  ASP C OD1 1 
ATOM   1402 O OD2 . ASP C 1 61 ? 6.024   4.646   6.697   1.00 20.62 ? 53  ASP C OD2 1 
ATOM   1403 N N   . LYS C 1 62 ? 4.058   1.224   2.304   1.00 17.05 ? 54  LYS C N   1 
ATOM   1404 C CA  . LYS C 1 62 ? 4.022   -0.028  1.554   1.00 18.18 ? 54  LYS C CA  1 
ATOM   1405 C C   . LYS C 1 62 ? 3.970   -1.308  2.397   1.00 19.07 ? 54  LYS C C   1 
ATOM   1406 O O   . LYS C 1 62 ? 4.315   -2.382  1.919   1.00 20.52 ? 54  LYS C O   1 
ATOM   1407 C CB  . LYS C 1 62 ? 5.237   -0.060  0.609   1.00 18.09 ? 54  LYS C CB  1 
ATOM   1408 C CG  . LYS C 1 62 ? 5.461   1.280   -0.121  1.00 21.76 ? 54  LYS C CG  1 
ATOM   1409 C CD  . LYS C 1 62 ? 6.789   1.343   -0.871  1.00 23.63 ? 54  LYS C CD  1 
ATOM   1410 C CE  . LYS C 1 62 ? 7.067   2.763   -1.378  1.00 26.45 ? 54  LYS C CE  1 
ATOM   1411 N NZ  . LYS C 1 62 ? 8.331   2.877   -2.174  1.00 25.44 ? 54  LYS C NZ  1 
ATOM   1412 N N   . GLY C 1 63 ? 3.521   -1.195  3.641   1.00 14.97 ? 55  GLY C N   1 
ATOM   1413 C CA  . GLY C 1 63 ? 3.443   -2.368  4.494   1.00 17.43 ? 55  GLY C CA  1 
ATOM   1414 C C   . GLY C 1 63 ? 4.513   -2.388  5.568   1.00 16.37 ? 55  GLY C C   1 
ATOM   1415 O O   . GLY C 1 63 ? 4.517   -3.270  6.432   1.00 15.32 ? 55  GLY C O   1 
ATOM   1416 N N   . TYR C 1 64 ? 5.415   -1.410  5.530   1.00 15.07 ? 56  TYR C N   1 
ATOM   1417 C CA  . TYR C 1 64 ? 6.486   -1.341  6.520   1.00 14.11 ? 56  TYR C CA  1 
ATOM   1418 C C   . TYR C 1 64 ? 6.098   -0.596  7.792   1.00 15.08 ? 56  TYR C C   1 
ATOM   1419 O O   . TYR C 1 64 ? 6.794   -0.688  8.797   1.00 16.22 ? 56  TYR C O   1 
ATOM   1420 C CB  . TYR C 1 64 ? 7.742   -0.708  5.918   1.00 14.25 ? 56  TYR C CB  1 
ATOM   1421 C CG  . TYR C 1 64 ? 8.546   -1.668  5.070   1.00 14.89 ? 56  TYR C CG  1 
ATOM   1422 C CD1 . TYR C 1 64 ? 8.149   -1.995  3.772   1.00 15.06 ? 56  TYR C CD1 1 
ATOM   1423 C CD2 . TYR C 1 64 ? 9.698   -2.263  5.577   1.00 16.14 ? 56  TYR C CD2 1 
ATOM   1424 C CE1 . TYR C 1 64 ? 8.890   -2.892  2.998   1.00 15.86 ? 56  TYR C CE1 1 
ATOM   1425 C CE2 . TYR C 1 64 ? 10.439  -3.160  4.823   1.00 14.33 ? 56  TYR C CE2 1 
ATOM   1426 C CZ  . TYR C 1 64 ? 10.034  -3.470  3.536   1.00 16.68 ? 56  TYR C CZ  1 
ATOM   1427 O OH  . TYR C 1 64 ? 10.778  -4.357  2.790   1.00 16.23 ? 56  TYR C OH  1 
ATOM   1428 N N   . THR C 1 65 ? 5.006   0.167   7.734   1.00 13.64 ? 57  THR C N   1 
ATOM   1429 C CA  . THR C 1 65 ? 4.514   0.879   8.905   1.00 15.03 ? 57  THR C CA  1 
ATOM   1430 C C   . THR C 1 65 ? 3.073   0.430   9.103   1.00 15.23 ? 57  THR C C   1 
ATOM   1431 O O   . THR C 1 65 ? 2.211   0.658   8.251   1.00 17.24 ? 57  THR C O   1 
ATOM   1432 C CB  . THR C 1 65 ? 4.563   2.407   8.722   1.00 14.29 ? 57  THR C CB  1 
ATOM   1433 O OG1 . THR C 1 65 ? 5.931   2.828   8.595   1.00 17.49 ? 57  THR C OG1 1 
ATOM   1434 C CG2 . THR C 1 65 ? 3.948   3.110   9.938   1.00 17.66 ? 57  THR C CG2 1 
ATOM   1435 N N   . LEU C 1 66 ? 2.821   -0.225  10.226  1.00 13.60 ? 58  LEU C N   1 
ATOM   1436 C CA  . LEU C 1 66 ? 1.491   -0.737  10.522  1.00 13.82 ? 58  LEU C CA  1 
ATOM   1437 C C   . LEU C 1 66 ? 0.856   0.006   11.687  1.00 13.96 ? 58  LEU C C   1 
ATOM   1438 O O   . LEU C 1 66 ? 1.294   -0.136  12.828  1.00 14.72 ? 58  LEU C O   1 
ATOM   1439 C CB  . LEU C 1 66 ? 1.584   -2.225  10.850  1.00 14.24 ? 58  LEU C CB  1 
ATOM   1440 C CG  . LEU C 1 66 ? 2.306   -3.068  9.795   1.00 14.84 ? 58  LEU C CG  1 
ATOM   1441 C CD1 . LEU C 1 66 ? 2.464   -4.497  10.294  1.00 15.70 ? 58  LEU C CD1 1 
ATOM   1442 C CD2 . LEU C 1 66 ? 1.521   -3.029  8.491   1.00 16.16 ? 58  LEU C CD2 1 
ATOM   1443 N N   . ASN C 1 67 ? -0.162  0.814   11.394  1.00 13.93 ? 59  ASN C N   1 
ATOM   1444 C CA  . ASN C 1 67 ? -0.852  1.549   12.447  1.00 14.62 ? 59  ASN C CA  1 
ATOM   1445 C C   . ASN C 1 67 ? -2.022  0.673   12.868  1.00 14.42 ? 59  ASN C C   1 
ATOM   1446 O O   . ASN C 1 67 ? -3.107  0.701   12.277  1.00 14.50 ? 59  ASN C O   1 
ATOM   1447 C CB  . ASN C 1 67 ? -1.303  2.909   11.923  1.00 15.76 ? 59  ASN C CB  1 
ATOM   1448 C CG  . ASN C 1 67 ? -0.130  3.775   11.517  1.00 17.79 ? 59  ASN C CG  1 
ATOM   1449 O OD1 . ASN C 1 67 ? 0.747   4.054   12.329  1.00 17.49 ? 59  ASN C OD1 1 
ATOM   1450 N ND2 . ASN C 1 67 ? -0.101  4.196   10.257  1.00 18.50 ? 59  ASN C ND2 1 
ATOM   1451 N N   . ILE C 1 68 ? -1.752  -0.138  13.882  1.00 14.09 ? 60  ILE C N   1 
ATOM   1452 C CA  . ILE C 1 68 ? -2.696  -1.105  14.423  1.00 15.60 ? 60  ILE C CA  1 
ATOM   1453 C C   . ILE C 1 68 ? -3.606  -0.423  15.430  1.00 16.25 ? 60  ILE C C   1 
ATOM   1454 O O   . ILE C 1 68 ? -3.182  -0.086  16.533  1.00 16.19 ? 60  ILE C O   1 
ATOM   1455 C CB  . ILE C 1 68 ? -1.922  -2.260  15.076  1.00 14.18 ? 60  ILE C CB  1 
ATOM   1456 C CG1 . ILE C 1 68 ? -0.972  -2.872  14.035  1.00 16.63 ? 60  ILE C CG1 1 
ATOM   1457 C CG2 . ILE C 1 68 ? -2.884  -3.307  15.620  1.00 15.74 ? 60  ILE C CG2 1 
ATOM   1458 C CD1 . ILE C 1 68 ? -0.064  -3.972  14.559  1.00 16.26 ? 60  ILE C CD1 1 
ATOM   1459 N N   . LYS C 1 69 ? -4.861  -0.228  15.032  1.00 16.62 ? 61  LYS C N   1 
ATOM   1460 C CA  . LYS C 1 69 ? -5.845  0.453   15.865  1.00 16.84 ? 61  LYS C CA  1 
ATOM   1461 C C   . LYS C 1 69 ? -6.827  -0.505  16.524  1.00 16.86 ? 61  LYS C C   1 
ATOM   1462 O O   . LYS C 1 69 ? -7.442  -1.340  15.856  1.00 17.28 ? 61  LYS C O   1 
ATOM   1463 C CB  . LYS C 1 69 ? -6.601  1.479   15.014  1.00 20.55 ? 61  LYS C CB  1 
ATOM   1464 C CG  . LYS C 1 69 ? -5.689  2.508   14.352  1.00 23.76 ? 61  LYS C CG  1 
ATOM   1465 C CD  . LYS C 1 69 ? -6.468  3.509   13.509  1.00 31.34 ? 61  LYS C CD  1 
ATOM   1466 C CE  . LYS C 1 69 ? -5.528  4.527   12.875  1.00 34.54 ? 61  LYS C CE  1 
ATOM   1467 N NZ  . LYS C 1 69 ? -6.246  5.553   12.056  1.00 36.72 ? 61  LYS C NZ  1 
ATOM   1468 N N   . PHE C 1 70 ? -6.972  -0.373  17.842  1.00 15.45 ? 62  PHE C N   1 
ATOM   1469 C CA  . PHE C 1 70 ? -7.878  -1.223  18.607  1.00 13.99 ? 62  PHE C CA  1 
ATOM   1470 C C   . PHE C 1 70 ? -9.239  -0.552  18.802  1.00 17.37 ? 62  PHE C C   1 
ATOM   1471 O O   . PHE C 1 70 ? -9.336  0.674   18.925  1.00 16.92 ? 62  PHE C O   1 
ATOM   1472 C CB  . PHE C 1 70 ? -7.246  -1.584  19.959  1.00 15.98 ? 62  PHE C CB  1 
ATOM   1473 C CG  . PHE C 1 70 ? -5.998  -2.425  19.837  1.00 15.33 ? 62  PHE C CG  1 
ATOM   1474 C CD1 . PHE C 1 70 ? -4.803  -1.871  19.369  1.00 17.22 ? 62  PHE C CD1 1 
ATOM   1475 C CD2 . PHE C 1 70 ? -6.023  -3.778  20.169  1.00 16.32 ? 62  PHE C CD2 1 
ATOM   1476 C CE1 . PHE C 1 70 ? -3.653  -2.664  19.234  1.00 15.48 ? 62  PHE C CE1 1 
ATOM   1477 C CE2 . PHE C 1 70 ? -4.885  -4.573  20.037  1.00 15.54 ? 62  PHE C CE2 1 
ATOM   1478 C CZ  . PHE C 1 70 ? -3.696  -4.012  19.568  1.00 17.18 ? 62  PHE C CZ  1 
ATOM   1479 N N   . ALA C 1 71 ? -10.286 -1.373  18.822  1.00 17.21 ? 63  ALA C N   1 
ATOM   1480 C CA  . ALA C 1 71 ? -11.660 -0.888  18.947  1.00 21.11 ? 63  ALA C CA  1 
ATOM   1481 C C   . ALA C 1 71 ? -12.079 -0.432  20.339  1.00 22.40 ? 63  ALA C C   1 
ATOM   1482 O O   . ALA C 1 71 ? -13.015 0.366   20.481  1.00 21.19 ? 63  ALA C O   1 
ATOM   1483 C CB  . ALA C 1 71 ? -12.619 -1.957  18.450  1.00 19.78 ? 63  ALA C CB  1 
ATOM   1484 N N   . GLY C 1 72 ? -11.402 -0.952  21.356  1.00 24.87 ? 64  GLY C N   1 
ATOM   1485 C CA  . GLY C 1 72 ? -11.713 -0.595  22.728  1.00 28.11 ? 64  GLY C CA  1 
ATOM   1486 C C   . GLY C 1 72 ? -12.812 -1.443  23.336  1.00 33.95 ? 64  GLY C C   1 
ATOM   1487 O O   . GLY C 1 72 ? -13.617 -0.897  24.119  1.00 39.73 ? 64  GLY C O   1 
ATOM   1488 O OXT . GLY C 1 72 ? -12.863 -2.657  23.051  1.00 36.33 ? 64  GLY C OXT 1 
HETATM 1489 O O   . HOH D 2 .  ? 10.535  -0.237  -7.028  1.00 17.42 ? 65  HOH A O   1 
HETATM 1490 O O   . HOH D 2 .  ? 5.385   -5.429  -4.766  1.00 19.53 ? 66  HOH A O   1 
HETATM 1491 O O   . HOH D 2 .  ? 0.412   3.416   -14.264 1.00 22.69 ? 67  HOH A O   1 
HETATM 1492 O O   . HOH D 2 .  ? 13.910  14.602  -6.596  1.00 19.50 ? 68  HOH A O   1 
HETATM 1493 O O   . HOH D 2 .  ? -0.594  2.632   -7.844  1.00 17.67 ? 69  HOH A O   1 
HETATM 1494 O O   . HOH D 2 .  ? 10.566  3.098   -8.151  1.00 19.31 ? 70  HOH A O   1 
HETATM 1495 O O   . HOH D 2 .  ? -2.096  3.799   -13.716 1.00 24.87 ? 71  HOH A O   1 
HETATM 1496 O O   . HOH D 2 .  ? -0.718  5.416   -8.143  1.00 22.29 ? 72  HOH A O   1 
HETATM 1497 O O   . HOH D 2 .  ? -1.032  -12.886 -9.129  1.00 23.43 ? 73  HOH A O   1 
HETATM 1498 O O   . HOH D 2 .  ? 2.752   -6.241  -11.873 1.00 23.15 ? 74  HOH A O   1 
HETATM 1499 O O   . HOH D 2 .  ? -2.836  5.393   -9.960  1.00 27.73 ? 75  HOH A O   1 
HETATM 1500 O O   . HOH D 2 .  ? -3.014  2.777   -11.122 1.00 21.38 ? 76  HOH A O   1 
HETATM 1501 O O   . HOH D 2 .  ? -9.496  -13.316 -9.701  1.00 46.05 ? 77  HOH A O   1 
HETATM 1502 O O   . HOH D 2 .  ? 7.353   1.204   -19.774 1.00 26.60 ? 78  HOH A O   1 
HETATM 1503 O O   . HOH D 2 .  ? -2.594  6.312   -12.681 1.00 24.69 ? 79  HOH A O   1 
HETATM 1504 O O   . HOH D 2 .  ? 7.274   12.399  -2.917  1.00 26.28 ? 80  HOH A O   1 
HETATM 1505 O O   . HOH D 2 .  ? 15.198  11.475  -15.070 1.00 20.60 ? 81  HOH A O   1 
HETATM 1506 O O   . HOH D 2 .  ? 4.736   2.347   -3.856  1.00 22.77 ? 82  HOH A O   1 
HETATM 1507 O O   . HOH D 2 .  ? -3.250  -4.885  -8.851  1.00 27.04 ? 83  HOH A O   1 
HETATM 1508 O O   . HOH D 2 .  ? 7.972   19.145  -4.247  1.00 26.24 ? 84  HOH A O   1 
HETATM 1509 O O   . HOH D 2 .  ? 0.175   17.954  -8.688  1.00 32.84 ? 85  HOH A O   1 
HETATM 1510 O O   . HOH D 2 .  ? 6.898   -1.576  -20.605 1.00 39.96 ? 86  HOH A O   1 
HETATM 1511 O O   . HOH D 2 .  ? 14.717  17.444  -12.279 1.00 31.29 ? 87  HOH A O   1 
HETATM 1512 O O   . HOH D 2 .  ? -4.277  5.844   -7.603  1.00 34.16 ? 88  HOH A O   1 
HETATM 1513 O O   . HOH D 2 .  ? 4.377   11.722  -2.520  1.00 38.51 ? 89  HOH A O   1 
HETATM 1514 O O   . HOH D 2 .  ? 9.633   25.364  -17.200 1.00 30.86 ? 90  HOH A O   1 
HETATM 1515 O O   . HOH D 2 .  ? 7.195   -3.177  -18.428 1.00 29.33 ? 91  HOH A O   1 
HETATM 1516 O O   . HOH D 2 .  ? 4.932   5.054   -3.474  1.00 28.06 ? 92  HOH A O   1 
HETATM 1517 O O   . HOH D 2 .  ? 11.231  20.575  -6.867  1.00 31.37 ? 93  HOH A O   1 
HETATM 1518 O O   . HOH D 2 .  ? -0.140  6.684   -5.693  1.00 25.97 ? 94  HOH A O   1 
HETATM 1519 O O   . HOH D 2 .  ? 8.904   13.947  -21.338 1.00 30.12 ? 95  HOH A O   1 
HETATM 1520 O O   . HOH D 2 .  ? 9.757   -3.155  -5.741  1.00 29.84 ? 96  HOH A O   1 
HETATM 1521 O O   . HOH D 2 .  ? -3.907  -3.124  -10.829 1.00 24.68 ? 97  HOH A O   1 
HETATM 1522 O O   . HOH D 2 .  ? 0.660   -14.402 -10.862 1.00 36.58 ? 98  HOH A O   1 
HETATM 1523 O O   . HOH D 2 .  ? 2.523   8.325   -4.899  1.00 25.94 ? 99  HOH A O   1 
HETATM 1524 O O   . HOH D 2 .  ? 15.331  17.787  -15.868 1.00 34.83 ? 100 HOH A O   1 
HETATM 1525 O O   . HOH D 2 .  ? -5.203  9.614   -18.314 1.00 36.10 ? 101 HOH A O   1 
HETATM 1526 O O   . HOH D 2 .  ? 8.889   -10.657 -13.298 1.00 37.50 ? 102 HOH A O   1 
HETATM 1527 O O   . HOH D 2 .  ? 13.044  9.289   -23.234 1.00 38.45 ? 103 HOH A O   1 
HETATM 1528 O O   . HOH D 2 .  ? 2.671   8.820   -24.849 1.00 34.56 ? 104 HOH A O   1 
HETATM 1529 O O   . HOH D 2 .  ? 12.703  18.330  -4.138  1.00 35.24 ? 105 HOH A O   1 
HETATM 1530 O O   . HOH D 2 .  ? 2.330   -7.823  -16.234 1.00 30.28 ? 106 HOH A O   1 
HETATM 1531 O O   . HOH D 2 .  ? 6.078   2.639   -21.698 1.00 24.66 ? 107 HOH A O   1 
HETATM 1532 O O   . HOH D 2 .  ? 7.395   15.179  -2.475  1.00 33.02 ? 108 HOH A O   1 
HETATM 1533 O O   . HOH D 2 .  ? -3.627  -7.011  -12.929 1.00 28.08 ? 109 HOH A O   1 
HETATM 1534 O O   . HOH D 2 .  ? 7.417   14.280  -23.546 1.00 35.75 ? 110 HOH A O   1 
HETATM 1535 O O   . HOH D 2 .  ? -2.784  19.558  -10.878 1.00 36.19 ? 111 HOH A O   1 
HETATM 1536 O O   . HOH D 2 .  ? 8.860   26.594  -13.103 1.00 47.54 ? 112 HOH A O   1 
HETATM 1537 O O   . HOH D 2 .  ? 13.511  20.035  -11.439 1.00 33.70 ? 113 HOH A O   1 
HETATM 1538 O O   . HOH D 2 .  ? 7.169   7.661   -24.459 1.00 36.55 ? 114 HOH A O   1 
HETATM 1539 O O   . HOH D 2 .  ? 7.832   -5.045  -6.641  1.00 26.93 ? 115 HOH A O   1 
HETATM 1540 O O   . HOH D 2 .  ? 13.624  20.192  -8.673  1.00 35.27 ? 116 HOH A O   1 
HETATM 1541 O O   . HOH D 2 .  ? 11.614  -3.461  -7.901  1.00 29.37 ? 117 HOH A O   1 
HETATM 1542 O O   . HOH D 2 .  ? -4.216  14.569  -13.906 1.00 29.35 ? 118 HOH A O   1 
HETATM 1543 O O   . HOH D 2 .  ? -4.911  7.365   -13.674 1.00 44.30 ? 119 HOH A O   1 
HETATM 1544 O O   . HOH D 2 .  ? -1.930  16.647  -18.572 1.00 45.34 ? 120 HOH A O   1 
HETATM 1545 O O   . HOH D 2 .  ? 1.732   -5.615  -14.753 1.00 30.83 ? 121 HOH A O   1 
HETATM 1546 O O   . HOH D 2 .  ? 7.971   2.926   -23.577 1.00 39.26 ? 122 HOH A O   1 
HETATM 1547 O O   . HOH D 2 .  ? 10.309  -4.039  -17.492 1.00 42.52 ? 123 HOH A O   1 
HETATM 1548 O O   . HOH D 2 .  ? -1.936  -12.385 -13.656 1.00 48.82 ? 124 HOH A O   1 
HETATM 1549 O O   . HOH D 2 .  ? 10.249  9.242   -23.911 1.00 48.78 ? 125 HOH A O   1 
HETATM 1550 O O   . HOH D 2 .  ? -1.802  15.798  -9.529  1.00 45.57 ? 126 HOH A O   1 
HETATM 1551 O O   . HOH D 2 .  ? 8.922   27.763  -23.840 1.00 35.46 ? 127 HOH A O   1 
HETATM 1552 O O   . HOH D 2 .  ? -0.340  20.641  -15.476 1.00 35.61 ? 128 HOH A O   1 
HETATM 1553 O O   . HOH D 2 .  ? -5.426  -15.976 -10.064 1.00 55.43 ? 129 HOH A O   1 
HETATM 1554 O O   . HOH D 2 .  ? 10.186  1.470   -20.505 1.00 32.11 ? 130 HOH A O   1 
HETATM 1555 O O   . HOH D 2 .  ? -0.688  10.785  -23.348 1.00 36.00 ? 131 HOH A O   1 
HETATM 1556 O O   . HOH D 2 .  ? 7.551   -9.047  -9.339  1.00 45.22 ? 132 HOH A O   1 
HETATM 1557 O O   . HOH D 2 .  ? -5.650  12.071  -15.132 1.00 49.19 ? 133 HOH A O   1 
HETATM 1558 O O   . HOH D 2 .  ? 1.342   25.206  -10.482 1.00 36.17 ? 134 HOH A O   1 
HETATM 1559 O O   . HOH D 2 .  ? 9.490   24.472  -14.673 1.00 38.27 ? 135 HOH A O   1 
HETATM 1560 O O   . HOH D 2 .  ? 0.648   14.038  -3.659  1.00 55.02 ? 136 HOH A O   1 
HETATM 1561 O O   . HOH D 2 .  ? 4.948   12.623  -23.791 1.00 44.56 ? 137 HOH A O   1 
HETATM 1562 O O   . HOH D 2 .  ? -6.447  15.945  -14.415 1.00 50.51 ? 138 HOH A O   1 
HETATM 1563 O O   . HOH D 2 .  ? 4.056   26.570  -11.611 1.00 41.98 ? 139 HOH A O   1 
HETATM 1564 O O   . HOH D 2 .  ? 0.523   15.968  -6.576  1.00 30.33 ? 140 HOH A O   1 
HETATM 1565 O O   . HOH D 2 .  ? 11.659  -3.885  -4.090  1.00 37.23 ? 141 HOH A O   1 
HETATM 1566 O O   . HOH D 2 .  ? 1.000   5.523   -1.910  1.00 40.96 ? 142 HOH A O   1 
HETATM 1567 O O   . HOH D 2 .  ? 5.801   25.761  -23.243 1.00 45.17 ? 143 HOH A O   1 
HETATM 1568 O O   . HOH D 2 .  ? -1.350  -16.221 -12.039 1.00 46.19 ? 144 HOH A O   1 
HETATM 1569 O O   . HOH D 2 .  ? -0.518  22.123  -17.680 1.00 63.19 ? 145 HOH A O   1 
HETATM 1570 O O   . HOH D 2 .  ? 15.584  1.959   -18.945 1.00 45.42 ? 146 HOH A O   1 
HETATM 1571 O O   . HOH D 2 .  ? -6.483  -3.529  -11.714 1.00 43.81 ? 147 HOH A O   1 
HETATM 1572 O O   . HOH D 2 .  ? 14.378  19.294  -22.957 1.00 41.88 ? 148 HOH A O   1 
HETATM 1573 O O   . HOH D 2 .  ? -4.676  2.621   -18.395 1.00 48.44 ? 149 HOH A O   1 
HETATM 1574 O O   . HOH D 2 .  ? 12.924  6.766   -23.109 1.00 41.57 ? 150 HOH A O   1 
HETATM 1575 O O   . HOH D 2 .  ? 1.671   10.883  -5.518  1.00 39.48 ? 151 HOH A O   1 
HETATM 1576 O O   . HOH D 2 .  ? 14.330  -0.339  -18.950 1.00 51.76 ? 152 HOH A O   1 
HETATM 1577 O O   . HOH D 2 .  ? -3.749  2.437   -15.514 1.00 38.39 ? 153 HOH A O   1 
HETATM 1578 O O   . HOH D 2 .  ? 4.865   0.722   -23.227 1.00 44.03 ? 154 HOH A O   1 
HETATM 1579 O O   . HOH D 2 .  ? 2.776   31.880  -17.178 1.00 42.50 ? 155 HOH A O   1 
HETATM 1580 O O   . HOH D 2 .  ? -5.289  -9.800  -14.465 1.00 55.53 ? 156 HOH A O   1 
HETATM 1581 O O   . HOH D 2 .  ? -0.154  -11.260 -15.412 1.00 46.23 ? 157 HOH A O   1 
HETATM 1582 O O   . HOH D 2 .  ? 1.079   -12.373 -12.613 1.00 33.77 ? 158 HOH A O   1 
HETATM 1583 O O   . HOH D 2 .  ? 0.336   -14.324 -15.776 1.00 58.88 ? 159 HOH A O   1 
HETATM 1584 O O   . HOH D 2 .  ? -10.155 -8.004  -8.537  1.00 41.65 ? 160 HOH A O   1 
HETATM 1585 O O   . HOH D 2 .  ? 9.678   15.037  -0.794  1.00 43.62 ? 161 HOH A O   1 
HETATM 1586 O O   . HOH D 2 .  ? 6.236   20.337  -2.771  1.00 44.95 ? 162 HOH A O   1 
HETATM 1587 O O   . HOH D 2 .  ? 9.107   27.974  -17.313 1.00 44.97 ? 163 HOH A O   1 
HETATM 1588 O O   . HOH D 2 .  ? 13.722  21.051  -15.235 1.00 55.76 ? 164 HOH A O   1 
HETATM 1589 O O   . HOH D 2 .  ? 14.690  21.111  -18.200 1.00 56.49 ? 165 HOH A O   1 
HETATM 1590 O O   . HOH D 2 .  ? 4.267   6.518   -25.481 1.00 53.25 ? 166 HOH A O   1 
HETATM 1591 O O   . HOH D 2 .  ? 3.781   11.111  -26.713 1.00 64.38 ? 167 HOH A O   1 
HETATM 1592 O O   . HOH D 2 .  ? 7.137   16.574  -24.808 1.00 48.43 ? 168 HOH A O   1 
HETATM 1593 O O   . HOH D 2 .  ? 7.503   19.472  -24.744 1.00 45.46 ? 169 HOH A O   1 
HETATM 1594 O O   . HOH D 2 .  ? 13.526  14.215  -22.270 1.00 44.14 ? 170 HOH A O   1 
HETATM 1595 O O   . HOH D 2 .  ? 8.033   26.478  -4.287  1.00 56.86 ? 171 HOH A O   1 
HETATM 1596 O O   . HOH E 2 .  ? 0.540   -6.626  6.726   1.00 16.83 ? 65  HOH B O   1 
HETATM 1597 O O   . HOH E 2 .  ? 2.049   -0.605  -0.960  1.00 16.12 ? 66  HOH B O   1 
HETATM 1598 O O   . HOH E 2 .  ? -16.617 1.648   -0.106  1.00 17.65 ? 67  HOH B O   1 
HETATM 1599 O O   . HOH E 2 .  ? 8.894   -11.870 1.173   1.00 18.91 ? 68  HOH B O   1 
HETATM 1600 O O   . HOH E 2 .  ? 7.642   -3.850  -0.546  1.00 17.10 ? 69  HOH B O   1 
HETATM 1601 O O   . HOH E 2 .  ? 0.244   -9.266  6.424   1.00 20.03 ? 70  HOH B O   1 
HETATM 1602 O O   . HOH E 2 .  ? -1.408  2.930   -5.128  1.00 18.67 ? 71  HOH B O   1 
HETATM 1603 O O   . HOH E 2 .  ? -6.829  4.454   3.616   1.00 20.77 ? 72  HOH B O   1 
HETATM 1604 O O   . HOH E 2 .  ? -2.110  -4.726  -12.280 1.00 27.20 ? 73  HOH B O   1 
HETATM 1605 O O   . HOH E 2 .  ? -0.151  -10.110 3.882   1.00 19.19 ? 74  HOH B O   1 
HETATM 1606 O O   . HOH E 2 .  ? 7.913   -15.300 0.418   1.00 23.60 ? 75  HOH B O   1 
HETATM 1607 O O   . HOH E 2 .  ? 11.146  -3.713  -0.869  1.00 19.44 ? 76  HOH B O   1 
HETATM 1608 O O   . HOH E 2 .  ? -0.687  -12.536 10.799  1.00 24.57 ? 77  HOH B O   1 
HETATM 1609 O O   . HOH E 2 .  ? -7.192  6.442   -4.740  1.00 24.53 ? 78  HOH B O   1 
HETATM 1610 O O   . HOH E 2 .  ? 0.543   -11.392 8.364   1.00 22.64 ? 79  HOH B O   1 
HETATM 1611 O O   . HOH E 2 .  ? -11.500 -13.965 6.719   1.00 27.87 ? 80  HOH B O   1 
HETATM 1612 O O   . HOH E 2 .  ? -7.053  -7.961  12.192  1.00 21.56 ? 81  HOH B O   1 
HETATM 1613 O O   . HOH E 2 .  ? 0.287   3.008   -2.933  1.00 24.02 ? 82  HOH B O   1 
HETATM 1614 O O   . HOH E 2 .  ? -18.973 1.648   -1.373  1.00 20.28 ? 83  HOH B O   1 
HETATM 1615 O O   . HOH E 2 .  ? -10.607 5.313   -6.616  1.00 25.60 ? 84  HOH B O   1 
HETATM 1616 O O   . HOH E 2 .  ? 7.624   -5.065  -3.003  1.00 22.38 ? 85  HOH B O   1 
HETATM 1617 O O   . HOH E 2 .  ? 2.509   1.588   -2.583  1.00 23.84 ? 86  HOH B O   1 
HETATM 1618 O O   . HOH E 2 .  ? -19.210 -5.161  1.649   1.00 24.88 ? 87  HOH B O   1 
HETATM 1619 O O   . HOH E 2 .  ? 0.694   -20.098 -4.200  1.00 39.31 ? 88  HOH B O   1 
HETATM 1620 O O   . HOH E 2 .  ? -4.382  -17.209 -0.010  1.00 23.58 ? 89  HOH B O   1 
HETATM 1621 O O   . HOH E 2 .  ? 10.399  -14.030 0.341   1.00 26.32 ? 90  HOH B O   1 
HETATM 1622 O O   . HOH E 2 .  ? -18.989 -1.044  -5.820  1.00 29.87 ? 91  HOH B O   1 
HETATM 1623 O O   . HOH E 2 .  ? -14.814 -10.388 -7.308  1.00 38.89 ? 92  HOH B O   1 
HETATM 1624 O O   . HOH E 2 .  ? -13.397 7.338   3.769   1.00 25.28 ? 93  HOH B O   1 
HETATM 1625 O O   . HOH E 2 .  ? -10.766 -10.639 9.445   1.00 34.68 ? 94  HOH B O   1 
HETATM 1626 O O   . HOH E 2 .  ? -14.169 -11.332 4.481   1.00 39.29 ? 95  HOH B O   1 
HETATM 1627 O O   . HOH E 2 .  ? -9.904  -16.891 2.577   1.00 33.72 ? 96  HOH B O   1 
HETATM 1628 O O   . HOH E 2 .  ? -10.502 -16.464 6.226   1.00 36.03 ? 97  HOH B O   1 
HETATM 1629 O O   . HOH E 2 .  ? 0.038   0.836   0.373   1.00 24.22 ? 98  HOH B O   1 
HETATM 1630 O O   . HOH E 2 .  ? -12.358 1.475   6.912   1.00 36.38 ? 99  HOH B O   1 
HETATM 1631 O O   . HOH E 2 .  ? -10.682 8.903   0.372   1.00 32.88 ? 100 HOH B O   1 
HETATM 1632 O O   . HOH E 2 .  ? 7.224   -12.008 -6.566  1.00 29.13 ? 101 HOH B O   1 
HETATM 1633 O O   . HOH E 2 .  ? -2.747  6.797   -2.202  1.00 41.15 ? 102 HOH B O   1 
HETATM 1634 O O   . HOH E 2 .  ? 10.655  -10.085 -2.236  1.00 27.38 ? 103 HOH B O   1 
HETATM 1635 O O   . HOH E 2 .  ? -6.786  7.082   -7.380  1.00 35.13 ? 104 HOH B O   1 
HETATM 1636 O O   . HOH E 2 .  ? -16.520 -1.724  4.385   1.00 27.71 ? 105 HOH B O   1 
HETATM 1637 O O   . HOH E 2 .  ? -7.191  -15.612 11.878  1.00 46.03 ? 106 HOH B O   1 
HETATM 1638 O O   . HOH E 2 .  ? 13.132  -7.124  -6.777  1.00 43.24 ? 107 HOH B O   1 
HETATM 1639 O O   . HOH E 2 .  ? 10.992  -7.467  -2.129  1.00 32.54 ? 108 HOH B O   1 
HETATM 1640 O O   . HOH E 2 .  ? -18.736 -3.696  -6.667  1.00 26.19 ? 109 HOH B O   1 
HETATM 1641 O O   . HOH E 2 .  ? -2.942  5.138   -5.226  1.00 32.55 ? 110 HOH B O   1 
HETATM 1642 O O   . HOH E 2 .  ? -11.066 3.716   7.297   1.00 34.44 ? 111 HOH B O   1 
HETATM 1643 O O   . HOH E 2 .  ? -6.510  -17.224 1.723   1.00 29.96 ? 112 HOH B O   1 
HETATM 1644 O O   . HOH E 2 .  ? -0.986  -5.626  -10.096 1.00 25.81 ? 113 HOH B O   1 
HETATM 1645 O O   . HOH E 2 .  ? -11.916 -15.169 2.057   1.00 36.79 ? 114 HOH B O   1 
HETATM 1646 O O   . HOH E 2 .  ? -13.624 -1.470  -8.011  1.00 37.06 ? 115 HOH B O   1 
HETATM 1647 O O   . HOH E 2 .  ? -4.225  -14.571 11.422  1.00 38.06 ? 116 HOH B O   1 
HETATM 1648 O O   . HOH E 2 .  ? -13.868 1.716   -7.739  1.00 35.08 ? 117 HOH B O   1 
HETATM 1649 O O   . HOH E 2 .  ? -6.318  9.431   -8.736  1.00 49.73 ? 118 HOH B O   1 
HETATM 1650 O O   . HOH E 2 .  ? 10.271  -12.195 -6.792  1.00 38.21 ? 119 HOH B O   1 
HETATM 1651 O O   . HOH E 2 .  ? -5.168  8.169   2.596   1.00 37.97 ? 120 HOH B O   1 
HETATM 1652 O O   . HOH E 2 .  ? -5.344  -18.917 -2.478  1.00 42.79 ? 121 HOH B O   1 
HETATM 1653 O O   . HOH E 2 .  ? -8.884  8.115   7.918   1.00 46.93 ? 122 HOH B O   1 
HETATM 1654 O O   . HOH E 2 .  ? -22.375 -7.253  2.295   1.00 41.89 ? 123 HOH B O   1 
HETATM 1655 O O   . HOH E 2 .  ? -4.728  1.644   5.097   1.00 19.31 ? 124 HOH B O   1 
HETATM 1656 O O   . HOH E 2 .  ? 2.310   -15.625 7.867   1.00 26.00 ? 125 HOH B O   1 
HETATM 1657 O O   . HOH E 2 .  ? -20.935 -8.832  -3.239  1.00 31.74 ? 126 HOH B O   1 
HETATM 1658 O O   . HOH E 2 .  ? -7.484  0.834   -9.736  1.00 36.04 ? 127 HOH B O   1 
HETATM 1659 O O   . HOH E 2 .  ? -3.251  -11.931 11.925  1.00 31.48 ? 128 HOH B O   1 
HETATM 1660 O O   . HOH E 2 .  ? -19.918 -6.877  3.636   1.00 34.61 ? 129 HOH B O   1 
HETATM 1661 O O   . HOH E 2 .  ? -20.693 3.637   -0.509  1.00 32.73 ? 130 HOH B O   1 
HETATM 1662 O O   . HOH E 2 .  ? -12.881 -8.942  8.961   1.00 46.66 ? 131 HOH B O   1 
HETATM 1663 O O   . HOH E 2 .  ? -0.917  -4.757  -14.718 1.00 30.31 ? 132 HOH B O   1 
HETATM 1664 O O   . HOH E 2 .  ? -18.176 -8.832  4.472   1.00 41.37 ? 133 HOH B O   1 
HETATM 1665 O O   . HOH E 2 .  ? -4.145  3.653   3.118   1.00 34.87 ? 134 HOH B O   1 
HETATM 1666 O O   . HOH E 2 .  ? -14.911 8.877   -1.927  1.00 40.45 ? 135 HOH B O   1 
HETATM 1667 O O   . HOH E 2 .  ? -7.272  4.180   7.028   1.00 28.57 ? 136 HOH B O   1 
HETATM 1668 O O   . HOH E 2 .  ? 12.267  -10.924 -4.635  1.00 33.99 ? 137 HOH B O   1 
HETATM 1669 O O   . HOH E 2 .  ? -19.752 -7.911  -5.495  1.00 41.69 ? 138 HOH B O   1 
HETATM 1670 O O   . HOH E 2 .  ? -12.482 9.732   2.317   1.00 43.80 ? 139 HOH B O   1 
HETATM 1671 O O   . HOH E 2 .  ? -9.153  -9.602  11.992  1.00 54.77 ? 140 HOH B O   1 
HETATM 1672 O O   . HOH E 2 .  ? -7.349  5.129   -9.667  1.00 43.15 ? 141 HOH B O   1 
HETATM 1673 O O   . HOH E 2 .  ? -9.618  -13.930 -6.542  1.00 54.44 ? 142 HOH B O   1 
HETATM 1674 O O   . HOH E 2 .  ? -18.687 5.480   -2.796  1.00 40.31 ? 143 HOH B O   1 
HETATM 1675 O O   . HOH E 2 .  ? -16.722 6.628   -1.202  1.00 34.51 ? 144 HOH B O   1 
HETATM 1676 O O   . HOH E 2 .  ? -6.502  8.844   -3.233  1.00 43.03 ? 145 HOH B O   1 
HETATM 1677 O O   . HOH E 2 .  ? -12.041 -13.701 9.308   1.00 45.28 ? 146 HOH B O   1 
HETATM 1678 O O   . HOH E 2 .  ? -13.989 -14.019 5.132   1.00 44.34 ? 147 HOH B O   1 
HETATM 1679 O O   . HOH E 2 .  ? -7.394  9.661   0.395   1.00 41.17 ? 148 HOH B O   1 
HETATM 1680 O O   . HOH E 2 .  ? -3.069  -15.591 13.998  1.00 41.75 ? 149 HOH B O   1 
HETATM 1681 O O   . HOH E 2 .  ? -7.107  6.785   6.326   1.00 33.56 ? 150 HOH B O   1 
HETATM 1682 O O   . HOH E 2 .  ? -19.872 6.178   -0.297  1.00 48.92 ? 151 HOH B O   1 
HETATM 1683 O O   . HOH E 2 .  ? -9.650  2.546   -9.863  1.00 49.58 ? 152 HOH B O   1 
HETATM 1684 O O   . HOH E 2 .  ? -18.148 6.630   -5.425  1.00 51.67 ? 153 HOH B O   1 
HETATM 1685 O O   . HOH E 2 .  ? -12.205 0.026   -10.155 1.00 50.61 ? 154 HOH B O   1 
HETATM 1686 O O   . HOH E 2 .  ? -19.147 1.563   -6.291  1.00 41.02 ? 155 HOH B O   1 
HETATM 1687 O O   . HOH E 2 .  ? -18.372 2.483   -3.810  1.00 36.43 ? 156 HOH B O   1 
HETATM 1688 O O   . HOH F 2 .  ? 9.986   -0.115  9.354   1.00 17.87 ? 65  HOH C O   1 
HETATM 1689 O O   . HOH F 2 .  ? 3.348   -5.931  6.603   1.00 16.40 ? 66  HOH C O   1 
HETATM 1690 O O   . HOH F 2 .  ? 5.658   -14.079 17.937  1.00 24.13 ? 67  HOH C O   1 
HETATM 1691 O O   . HOH F 2 .  ? -4.641  1.978   28.257  1.00 19.88 ? 68  HOH C O   1 
HETATM 1692 O O   . HOH F 2 .  ? 11.105  -9.798  1.378   1.00 22.77 ? 69  HOH C O   1 
HETATM 1693 O O   . HOH F 2 .  ? 5.133   -11.413 18.722  1.00 18.45 ? 70  HOH C O   1 
HETATM 1694 O O   . HOH F 2 .  ? 8.483   1.729   2.694   1.00 18.76 ? 71  HOH C O   1 
HETATM 1695 O O   . HOH F 2 .  ? 1.785   2.581   1.561   1.00 20.21 ? 72  HOH C O   1 
HETATM 1696 O O   . HOH F 2 .  ? -1.637  9.963   22.753  1.00 20.99 ? 73  HOH C O   1 
HETATM 1697 O O   . HOH F 2 .  ? 9.000   -12.876 3.790   1.00 19.13 ? 74  HOH C O   1 
HETATM 1698 O O   . HOH F 2 .  ? -8.714  2.053   24.780  1.00 19.58 ? 75  HOH C O   1 
HETATM 1699 O O   . HOH F 2 .  ? -8.338  0.056   22.740  1.00 18.78 ? 76  HOH C O   1 
HETATM 1700 O O   . HOH F 2 .  ? 2.383   5.871   3.091   1.00 26.83 ? 77  HOH C O   1 
HETATM 1701 O O   . HOH F 2 .  ? 2.959   -12.773 8.380   1.00 22.78 ? 78  HOH C O   1 
HETATM 1702 O O   . HOH F 2 .  ? 12.212  -12.529 13.909  1.00 22.98 ? 79  HOH C O   1 
HETATM 1703 O O   . HOH F 2 .  ? -11.078 3.229   25.497  1.00 24.90 ? 80  HOH C O   1 
HETATM 1704 O O   . HOH F 2 .  ? 15.227  -10.823 14.490  1.00 23.19 ? 81  HOH C O   1 
HETATM 1705 O O   . HOH F 2 .  ? 4.899   -14.772 15.244  1.00 29.21 ? 82  HOH C O   1 
HETATM 1706 O O   . HOH F 2 .  ? 16.113  -4.115  8.677   1.00 22.12 ? 83  HOH C O   1 
HETATM 1707 O O   . HOH F 2 .  ? -8.547  -8.365  15.746  1.00 24.02 ? 84  HOH C O   1 
HETATM 1708 O O   . HOH F 2 .  ? -6.987  -10.610 15.445  1.00 27.44 ? 85  HOH C O   1 
HETATM 1709 O O   . HOH F 2 .  ? 11.905  -11.079 3.694   1.00 20.99 ? 86  HOH C O   1 
HETATM 1710 O O   . HOH F 2 .  ? 2.002   6.294   9.382   1.00 22.10 ? 87  HOH C O   1 
HETATM 1711 O O   . HOH F 2 .  ? 2.275   -13.927 21.165  1.00 28.39 ? 88  HOH C O   1 
HETATM 1712 O O   . HOH F 2 .  ? -8.087  0.133   26.514  1.00 29.80 ? 89  HOH C O   1 
HETATM 1713 O O   . HOH F 2 .  ? 5.288   6.014   12.250  1.00 27.97 ? 90  HOH C O   1 
HETATM 1714 O O   . HOH F 2 .  ? -0.967  0.943   22.786  1.00 22.25 ? 91  HOH C O   1 
HETATM 1715 O O   . HOH F 2 .  ? 11.894  -13.776 2.778   1.00 30.54 ? 92  HOH C O   1 
HETATM 1716 O O   . HOH F 2 .  ? -0.084  -8.221  26.116  1.00 27.38 ? 93  HOH C O   1 
HETATM 1717 O O   . HOH F 2 .  ? 0.996   5.436   26.031  1.00 21.15 ? 94  HOH C O   1 
HETATM 1718 O O   . HOH F 2 .  ? -0.495  -13.938 20.105  1.00 22.66 ? 95  HOH C O   1 
HETATM 1719 O O   . HOH F 2 .  ? 4.316   6.624   7.789   1.00 29.00 ? 96  HOH C O   1 
HETATM 1720 O O   . HOH F 2 .  ? 9.998   -16.392 6.615   1.00 27.20 ? 97  HOH C O   1 
HETATM 1721 O O   . HOH F 2 .  ? -5.033  -0.824  28.133  1.00 24.41 ? 98  HOH C O   1 
HETATM 1722 O O   . HOH F 2 .  ? 8.016   -15.567 3.246   1.00 25.89 ? 99  HOH C O   1 
HETATM 1723 O O   . HOH F 2 .  ? 5.462   -18.852 3.566   1.00 23.68 ? 100 HOH C O   1 
HETATM 1724 O O   . HOH F 2 .  ? 8.121   5.901   -3.058  1.00 28.37 ? 101 HOH C O   1 
HETATM 1725 O O   . HOH F 2 .  ? -4.978  -8.079  26.604  1.00 26.94 ? 102 HOH C O   1 
HETATM 1726 O O   . HOH F 2 .  ? 16.452  -11.979 10.497  1.00 38.82 ? 103 HOH C O   1 
HETATM 1727 O O   . HOH F 2 .  ? 0.639   -13.473 13.632  1.00 24.77 ? 104 HOH C O   1 
HETATM 1728 O O   . HOH F 2 .  ? 0.620   6.521   13.550  1.00 30.17 ? 105 HOH C O   1 
HETATM 1729 O O   . HOH F 2 .  ? 3.916   -15.483 19.562  1.00 27.09 ? 106 HOH C O   1 
HETATM 1730 O O   . HOH F 2 .  ? -7.309  6.674   19.344  1.00 36.02 ? 107 HOH C O   1 
HETATM 1731 O O   . HOH F 2 .  ? -0.491  -2.130  26.995  1.00 31.19 ? 108 HOH C O   1 
HETATM 1732 O O   . HOH F 2 .  ? -10.657 -0.877  26.643  1.00 36.52 ? 109 HOH C O   1 
HETATM 1733 O O   . HOH F 2 .  ? 5.526   -15.948 9.947   1.00 44.50 ? 110 HOH C O   1 
HETATM 1734 O O   . HOH F 2 .  ? -3.166  -3.668  27.669  1.00 32.59 ? 111 HOH C O   1 
HETATM 1735 O O   . HOH F 2 .  ? 7.683   4.353   1.990   1.00 29.86 ? 112 HOH C O   1 
HETATM 1736 O O   . HOH F 2 .  ? 0.475   2.196   24.871  1.00 30.00 ? 113 HOH C O   1 
HETATM 1737 O O   . HOH F 2 .  ? -1.307  7.797   18.004  1.00 36.72 ? 114 HOH C O   1 
HETATM 1738 O O   . HOH F 2 .  ? 12.886  -14.174 10.415  1.00 27.60 ? 115 HOH C O   1 
HETATM 1739 O O   . HOH F 2 .  ? 8.484   2.066   7.984   1.00 23.91 ? 116 HOH C O   1 
HETATM 1740 O O   . HOH F 2 .  ? -13.580 -5.073  19.900  1.00 28.68 ? 117 HOH C O   1 
HETATM 1741 O O   . HOH F 2 .  ? -8.205  0.779   29.124  1.00 33.73 ? 118 HOH C O   1 
HETATM 1742 O O   . HOH F 2 .  ? 3.033   4.029   -0.372  1.00 32.21 ? 119 HOH C O   1 
HETATM 1743 O O   . HOH F 2 .  ? 17.756  -9.822  13.811  1.00 38.62 ? 120 HOH C O   1 
HETATM 1744 O O   . HOH F 2 .  ? -7.668  4.515   9.992   1.00 36.04 ? 121 HOH C O   1 
HETATM 1745 O O   . HOH F 2 .  ? -1.941  -12.930 14.472  1.00 33.87 ? 122 HOH C O   1 
HETATM 1746 O O   . HOH F 2 .  ? 5.209   -3.498  24.759  1.00 32.96 ? 123 HOH C O   1 
HETATM 1747 O O   . HOH F 2 .  ? -13.315 1.470   25.352  1.00 36.47 ? 124 HOH C O   1 
HETATM 1748 O O   . HOH F 2 .  ? -11.218 -5.782  13.390  1.00 34.11 ? 125 HOH C O   1 
HETATM 1749 O O   . HOH F 2 .  ? 13.513  -14.488 12.852  1.00 34.12 ? 126 HOH C O   1 
HETATM 1750 O O   . HOH F 2 .  ? -4.471  -12.066 26.087  1.00 37.58 ? 127 HOH C O   1 
HETATM 1751 O O   . HOH F 2 .  ? -10.448 6.424   19.148  1.00 44.85 ? 128 HOH C O   1 
HETATM 1752 O O   . HOH F 2 .  ? -11.814 -3.338  14.750  1.00 43.50 ? 129 HOH C O   1 
HETATM 1753 O O   . HOH F 2 .  ? 15.860  -1.113  11.043  1.00 29.66 ? 130 HOH C O   1 
HETATM 1754 O O   . HOH F 2 .  ? 7.420   6.426   17.135  1.00 45.17 ? 131 HOH C O   1 
HETATM 1755 O O   . HOH F 2 .  ? 19.031  -8.816  4.571   1.00 49.24 ? 132 HOH C O   1 
HETATM 1756 O O   . HOH F 2 .  ? -0.856  3.539   2.339   1.00 32.29 ? 133 HOH C O   1 
HETATM 1757 O O   . HOH F 2 .  ? -5.777  -11.082 23.945  1.00 25.59 ? 134 HOH C O   1 
HETATM 1758 O O   . HOH F 2 .  ? 11.842  1.206   11.110  1.00 24.10 ? 135 HOH C O   1 
HETATM 1759 O O   . HOH F 2 .  ? -2.633  -13.949 21.772  1.00 31.68 ? 136 HOH C O   1 
HETATM 1760 O O   . HOH F 2 .  ? 15.968  -13.248 13.484  1.00 34.19 ? 137 HOH C O   1 
HETATM 1761 O O   . HOH F 2 .  ? 0.504   9.983   21.245  1.00 41.65 ? 138 HOH C O   1 
HETATM 1762 O O   . HOH F 2 .  ? -1.625  -14.907 17.624  1.00 40.02 ? 139 HOH C O   1 
HETATM 1763 O O   . HOH F 2 .  ? 18.283  -1.120  14.152  1.00 43.12 ? 140 HOH C O   1 
HETATM 1764 O O   . HOH F 2 .  ? -10.315 -1.350  15.455  1.00 32.01 ? 141 HOH C O   1 
HETATM 1765 O O   . HOH F 2 .  ? 1.796   -6.318  26.974  1.00 38.52 ? 142 HOH C O   1 
HETATM 1766 O O   . HOH F 2 .  ? -1.888  7.222   12.823  1.00 38.69 ? 143 HOH C O   1 
HETATM 1767 O O   . HOH F 2 .  ? -11.720 3.545   17.820  1.00 54.51 ? 144 HOH C O   1 
HETATM 1768 O O   . HOH F 2 .  ? 0.975   6.589   16.214  1.00 33.53 ? 145 HOH C O   1 
HETATM 1769 O O   . HOH F 2 .  ? -3.211  5.156   5.174   1.00 43.43 ? 146 HOH C O   1 
HETATM 1770 O O   . HOH F 2 .  ? 8.016   7.677   -1.231  1.00 39.61 ? 147 HOH C O   1 
HETATM 1771 O O   . HOH F 2 .  ? -14.100 2.346   22.162  1.00 40.43 ? 148 HOH C O   1 
HETATM 1772 O O   . HOH F 2 .  ? -3.374  5.735   11.368  1.00 41.29 ? 149 HOH C O   1 
HETATM 1773 O O   . HOH F 2 .  ? 5.078   5.462   0.930   1.00 52.70 ? 150 HOH C O   1 
HETATM 1774 O O   . HOH F 2 .  ? -2.608  -13.826 24.627  1.00 35.57 ? 151 HOH C O   1 
HETATM 1775 O O   . HOH F 2 .  ? -7.533  3.242   17.890  1.00 43.34 ? 152 HOH C O   1 
HETATM 1776 O O   . HOH F 2 .  ? -11.128 1.378   15.352  1.00 49.38 ? 153 HOH C O   1 
HETATM 1777 O O   . HOH F 2 .  ? -14.746 -4.780  17.455  1.00 42.29 ? 154 HOH C O   1 
HETATM 1778 O O   . HOH F 2 .  ? -3.565  11.102  21.166  1.00 52.78 ? 155 HOH C O   1 
HETATM 1779 O O   . HOH F 2 .  ? 10.591  -16.071 3.741   1.00 47.05 ? 156 HOH C O   1 
HETATM 1780 O O   . HOH F 2 .  ? -0.016  7.481   8.190   1.00 48.14 ? 157 HOH C O   1 
HETATM 1781 O O   . HOH F 2 .  ? 8.401   8.553   12.379  1.00 55.38 ? 158 HOH C O   1 
HETATM 1782 O O   . HOH F 2 .  ? 8.946   6.265   14.650  1.00 39.73 ? 159 HOH C O   1 
HETATM 1783 O O   . HOH F 2 .  ? 6.978   5.091   10.023  1.00 37.86 ? 160 HOH C O   1 
HETATM 1784 O O   . HOH F 2 .  ? 7.640   -17.276 7.746   1.00 51.89 ? 161 HOH C O   1 
HETATM 1785 O O   . HOH F 2 .  ? 12.444  -16.773 14.067  1.00 46.82 ? 162 HOH C O   1 
HETATM 1786 O O   . HOH F 2 .  ? 18.535  -0.660  11.133  1.00 42.19 ? 163 HOH C O   1 
HETATM 1787 O O   . HOH F 2 .  ? -4.934  7.409   7.993   1.00 41.45 ? 164 HOH C O   1 
# 
